data_8C45
#
_entry.id   8C45
#
_cell.length_a   138.539
_cell.length_b   138.539
_cell.length_c   407.956
_cell.angle_alpha   90.000
_cell.angle_beta   90.000
_cell.angle_gamma   90.000
#
_symmetry.space_group_name_H-M   'P 41 21 2'
#
loop_
_entity.id
_entity.type
_entity.pdbx_description
1 polymer 'site-specific DNA-methyltransferase (adenine-specific)'
2 non-polymer S-ADENOSYLMETHIONINE
#
_entity_poly.entity_id   1
_entity_poly.type   'polypeptide(L)'
_entity_poly.pdbx_seq_one_letter_code
;MNTNNIKKYAPQARNQFRDAVIQKLTTLGISADKKGNLQIADAELVGETMRYGQFDYPKSTLTRRDRLVKRAREQGFDVL
VEHCAYTWFNRLCAIRYMEIHGYLDHGFHMLSHPDNPTGFEVLDHVPEVAEALLPEKKAQLVEMKLSGNQDEAIYRELLL
AQCHALHRAMPFLFEAVDDEAELLLPDNLTRTDSILRGLVDGIPEEDWQEVEVIGWLYQFYISEKKDAVIGKVVKSEDIP
AATQLFTPNWIVQYLVQNSVGRQWLQTYPDSPLKGKMDYYIEPAEQTPEVQAQLAAITPASIEPESIKVLDPACGSGHIL
IEVYNVLKNIYEERGYRARDIPQLILENNIFGLDIDDRAAQLSGFALLMMARQDDRRIFTRDVRLNIVSLQESLHLDIAK
LWQQLNFHQQNQTGSMGDMFAENTALAHTDSAEYQLLMRTLKRFVNAKTLGSLIQVPQEEEAELKAFLEALYRMEQEGDF
QQKAAAKAFIPYIQQAWILAQRYDAVVANPPYMGGKGMNSELKEFAKNNFPDSKADLFAMFMQNAFSLLKENGFNAQVNM
QSWMFLSSYEALRNWLLDNKTFITMAHLGARAFGQISGEVVQTTAWVIKNQHSERYQPVFFRLIDGREEVKKSDLLLRKN
IFDKFTQHDFKNIPGMPIAYWIDLPSLLSFRHHKKLGEKIALKAGMSTGDNIKFQRYWYEVSIKKTLITNKESNTKIDIH
NIKWFPCSSGGEYRKWYGNNEIVVNWENNGYEIRNFKFENGKTRSAVRNDEYYFREGITWSKISQGNFCVRYRPKGFVFD
DTGRCGFSNNKNELLYAAGLMCTPVVNHYLSILAPTLSFTSGELASVPYPEIEDEIIELVTNAIEIAKNDWDSQEQSWDY
VCSPLLEHNSTQLLRNIYKQKINTNIKLVETLLLIENTINNIFIDKLQLDKTIIKAVLQSEITLLCNPNYRYKNIQDHTD
LTNKYYTDITIDILSYIIGCMMGRYSLDREGLVYAHEGNKGFAELVAEDAYKTFPADNDGILPLMDDEWFDDDVTSRVKE
FVRTVWGEEHLQENLEFIAESLCLYAIKPKKGESALDTIRRYLSTQFWKDHMKMYKKRPIYWLFSSGKEKAFECLVYLHR
YNDATLARMRTEYVVPLLARYQANIDRLNEQVDGASGGEATRLKRERDSLSKKFNELRSFDDRLRHYADMRISIDLDDGV
KVNYGKFGDLLADVKAITGNAPEII
;
_entity_poly.pdbx_strand_id   A,B
#
loop_
_chem_comp.id
_chem_comp.type
_chem_comp.name
_chem_comp.formula
SAM non-polymer S-ADENOSYLMETHIONINE 'C15 H22 N6 O5 S'
#
# COMPACT_ATOMS: atom_id res chain seq x y z
N MET A 1 25.70 -23.99 16.09
CA MET A 1 26.08 -22.92 15.15
C MET A 1 25.00 -21.85 15.16
N ASN A 2 25.38 -20.60 14.92
CA ASN A 2 24.45 -19.48 14.96
C ASN A 2 24.23 -18.99 13.53
N THR A 3 23.07 -19.34 12.96
CA THR A 3 22.72 -18.89 11.61
C THR A 3 22.49 -17.39 11.54
N ASN A 4 22.07 -16.78 12.67
CA ASN A 4 21.69 -15.37 12.67
C ASN A 4 22.80 -14.47 12.13
N ASN A 5 24.04 -14.94 12.15
CA ASN A 5 25.14 -14.17 11.57
C ASN A 5 25.18 -14.34 10.06
N ILE A 6 25.09 -15.58 9.57
CA ILE A 6 25.14 -15.82 8.13
C ILE A 6 23.91 -15.24 7.45
N LYS A 7 22.73 -15.43 8.06
CA LYS A 7 21.49 -14.92 7.48
C LYS A 7 21.58 -13.42 7.20
N LYS A 8 22.32 -12.70 8.03
CA LYS A 8 22.46 -11.26 7.84
C LYS A 8 23.54 -10.93 6.82
N TYR A 9 24.59 -11.76 6.74
CA TYR A 9 25.70 -11.44 5.85
C TYR A 9 25.45 -11.89 4.42
N ALA A 10 25.11 -13.16 4.23
CA ALA A 10 25.09 -13.76 2.90
C ALA A 10 24.25 -12.98 1.89
N PRO A 11 23.03 -12.53 2.18
CA PRO A 11 22.31 -11.70 1.20
C PRO A 11 23.09 -10.45 0.82
N GLN A 12 23.64 -9.75 1.81
CA GLN A 12 24.51 -8.62 1.54
C GLN A 12 25.74 -9.05 0.74
N ALA A 13 26.22 -10.28 1.00
CA ALA A 13 27.42 -10.75 0.32
C ALA A 13 27.18 -11.00 -1.15
N ARG A 14 25.98 -11.50 -1.50
CA ARG A 14 25.62 -11.70 -2.88
C ARG A 14 25.79 -10.42 -3.68
N ASN A 15 25.10 -9.35 -3.25
CA ASN A 15 25.13 -8.09 -3.99
C ASN A 15 26.52 -7.49 -4.00
N GLN A 16 27.24 -7.59 -2.88
CA GLN A 16 28.62 -7.11 -2.81
C GLN A 16 29.44 -7.67 -3.96
N PHE A 17 29.51 -9.00 -4.05
CA PHE A 17 30.27 -9.66 -5.11
C PHE A 17 29.80 -9.27 -6.50
N ARG A 18 28.56 -8.80 -6.64
CA ARG A 18 28.03 -8.53 -7.97
C ARG A 18 28.49 -7.17 -8.50
N ASP A 19 28.45 -6.13 -7.67
CA ASP A 19 28.94 -4.82 -8.11
C ASP A 19 30.43 -4.88 -8.43
N ALA A 20 31.19 -5.66 -7.66
CA ALA A 20 32.62 -5.80 -7.92
C ALA A 20 32.89 -6.49 -9.25
N VAL A 21 31.92 -7.22 -9.79
CA VAL A 21 32.06 -7.82 -11.12
C VAL A 21 31.64 -6.84 -12.20
N ILE A 22 30.55 -6.10 -11.96
CA ILE A 22 30.16 -5.03 -12.89
C ILE A 22 31.29 -4.02 -13.04
N GLN A 23 31.83 -3.55 -11.90
CA GLN A 23 32.91 -2.57 -11.96
C GLN A 23 34.14 -3.13 -12.67
N LYS A 24 34.39 -4.44 -12.55
CA LYS A 24 35.50 -5.01 -13.30
C LYS A 24 35.08 -5.33 -14.73
N LEU A 25 33.80 -5.60 -15.00
CA LEU A 25 33.38 -5.79 -16.38
C LEU A 25 33.31 -4.48 -17.15
N THR A 26 32.93 -3.38 -16.50
CA THR A 26 32.93 -2.08 -17.17
C THR A 26 34.30 -1.76 -17.74
N THR A 27 35.36 -2.05 -16.97
CA THR A 27 36.72 -2.00 -17.52
C THR A 27 36.89 -3.02 -18.63
N LEU A 28 36.57 -4.28 -18.36
CA LEU A 28 36.57 -5.31 -19.40
C LEU A 28 35.73 -4.93 -20.62
N GLY A 29 34.84 -3.95 -20.52
CA GLY A 29 34.10 -3.46 -21.67
C GLY A 29 32.77 -4.17 -21.92
N ILE A 30 32.68 -5.45 -21.54
CA ILE A 30 31.42 -6.20 -21.59
C ILE A 30 30.45 -5.47 -20.68
N SER A 31 29.29 -5.06 -21.20
CA SER A 31 28.39 -4.17 -20.48
C SER A 31 27.05 -4.15 -21.17
N ALA A 32 25.99 -4.04 -20.38
CA ALA A 32 24.63 -3.89 -20.86
C ALA A 32 24.04 -2.58 -20.39
N ASP A 33 23.10 -2.08 -21.18
CA ASP A 33 22.37 -0.85 -20.87
C ASP A 33 21.31 -1.20 -19.84
N LYS A 34 20.46 -0.23 -19.54
CA LYS A 34 19.31 -0.47 -18.68
C LYS A 34 18.28 -1.48 -19.18
N LYS A 35 18.20 -1.67 -20.49
CA LYS A 35 17.23 -2.56 -21.11
C LYS A 35 17.73 -3.98 -21.27
N GLY A 36 18.92 -4.30 -20.77
CA GLY A 36 19.48 -5.62 -20.94
C GLY A 36 20.04 -5.90 -22.32
N ASN A 37 20.28 -4.87 -23.12
CA ASN A 37 20.93 -5.03 -24.41
C ASN A 37 22.43 -4.86 -24.23
N LEU A 38 23.20 -5.71 -24.91
CA LEU A 38 24.63 -5.78 -24.64
C LEU A 38 25.40 -4.79 -25.49
N GLN A 39 26.54 -4.33 -24.96
CA GLN A 39 27.39 -3.33 -25.56
C GLN A 39 28.83 -3.86 -25.57
N ILE A 40 29.53 -3.71 -26.69
CA ILE A 40 30.93 -4.11 -26.79
C ILE A 40 31.84 -2.90 -27.02
N ALA A 41 31.56 -2.10 -28.05
CA ALA A 41 32.47 -1.08 -28.54
C ALA A 41 33.87 -1.63 -28.85
N ASP A 42 33.96 -2.94 -29.06
CA ASP A 42 35.21 -3.67 -29.34
C ASP A 42 36.23 -3.33 -28.25
N ALA A 43 37.48 -2.99 -28.61
CA ALA A 43 38.56 -2.83 -27.64
C ALA A 43 39.76 -2.14 -28.29
N GLU A 44 40.31 -1.11 -27.63
CA GLU A 44 41.41 -0.34 -28.20
C GLU A 44 42.67 -1.18 -28.31
N LEU A 45 43.52 -0.84 -29.29
CA LEU A 45 44.74 -1.58 -29.56
C LEU A 45 45.92 -0.59 -29.56
N VAL A 46 46.35 -0.19 -28.37
CA VAL A 46 47.49 0.72 -28.21
C VAL A 46 48.76 -0.11 -28.27
N GLY A 47 49.15 -0.51 -29.48
CA GLY A 47 50.33 -1.35 -29.65
C GLY A 47 50.09 -2.80 -29.28
N GLU A 48 50.55 -3.20 -28.09
CA GLU A 48 50.38 -4.56 -27.60
C GLU A 48 49.47 -4.64 -26.37
N THR A 49 48.68 -3.61 -26.12
CA THR A 49 47.73 -3.62 -25.02
C THR A 49 46.34 -3.34 -25.54
N MET A 50 45.35 -3.67 -24.72
CA MET A 50 43.95 -3.39 -25.05
C MET A 50 43.50 -2.41 -23.97
N ARG A 51 43.62 -1.12 -24.26
CA ARG A 51 43.19 -0.09 -23.32
C ARG A 51 41.67 -0.04 -23.26
N TYR A 52 41.14 0.28 -22.08
CA TYR A 52 39.71 0.37 -21.91
C TYR A 52 39.33 1.60 -21.08
N TYR A 57 45.63 -3.13 -20.15
CA TYR A 57 45.49 -4.57 -19.99
C TYR A 57 46.30 -5.28 -21.10
N PRO A 58 46.95 -6.38 -20.75
CA PRO A 58 47.74 -7.13 -21.74
C PRO A 58 46.95 -7.50 -23.00
N LYS A 59 47.64 -7.98 -24.04
CA LYS A 59 46.94 -8.43 -25.24
C LYS A 59 46.94 -9.95 -25.36
N SER A 60 47.74 -10.65 -24.57
CA SER A 60 47.42 -12.04 -24.30
C SER A 60 46.18 -12.14 -23.43
N THR A 61 45.85 -11.08 -22.67
CA THR A 61 44.59 -11.07 -21.95
C THR A 61 43.45 -10.51 -22.79
N LEU A 62 43.61 -10.49 -24.12
CA LEU A 62 42.57 -10.19 -25.09
C LEU A 62 41.73 -11.40 -25.49
N THR A 63 42.38 -12.49 -25.88
CA THR A 63 41.66 -13.66 -26.36
C THR A 63 40.69 -14.13 -25.27
N ARG A 64 41.24 -14.58 -24.16
CA ARG A 64 40.53 -14.65 -22.89
C ARG A 64 39.55 -13.52 -22.59
N ARG A 65 39.91 -12.26 -22.85
CA ARG A 65 38.89 -11.22 -22.73
C ARG A 65 37.78 -11.46 -23.74
N ASP A 66 38.15 -11.76 -24.99
CA ASP A 66 37.18 -11.98 -26.05
C ASP A 66 36.45 -13.33 -25.92
N ARG A 67 36.55 -13.99 -24.77
CA ARG A 67 35.73 -15.14 -24.45
C ARG A 67 34.66 -14.84 -23.40
N LEU A 68 34.84 -13.78 -22.60
CA LEU A 68 33.72 -13.23 -21.85
C LEU A 68 32.67 -12.63 -22.77
N VAL A 69 33.09 -11.69 -23.62
CA VAL A 69 32.21 -11.15 -24.66
C VAL A 69 31.46 -12.29 -25.33
N LYS A 70 32.15 -13.40 -25.56
CA LYS A 70 31.53 -14.57 -26.16
C LYS A 70 30.45 -15.17 -25.25
N ARG A 71 30.83 -15.54 -24.02
CA ARG A 71 29.88 -16.21 -23.14
C ARG A 71 28.71 -15.30 -22.78
N ALA A 72 28.98 -14.03 -22.48
CA ALA A 72 27.91 -13.11 -22.13
C ALA A 72 26.89 -13.00 -23.26
N ARG A 73 27.35 -13.00 -24.51
CA ARG A 73 26.45 -13.07 -25.65
C ARG A 73 25.73 -14.41 -25.74
N GLU A 74 26.11 -15.32 -24.86
CA GLU A 74 25.50 -16.67 -24.90
C GLU A 74 24.46 -16.81 -23.79
N GLN A 75 24.56 -16.03 -22.71
CA GLN A 75 23.61 -16.25 -21.59
C GLN A 75 22.92 -14.90 -21.38
N GLY A 76 23.46 -14.11 -20.46
CA GLY A 76 22.83 -12.82 -20.09
C GLY A 76 23.73 -12.01 -19.18
N PHE A 77 24.00 -10.76 -19.54
CA PHE A 77 24.81 -9.90 -18.66
C PHE A 77 24.44 -9.98 -17.19
N ASP A 78 23.14 -9.90 -16.91
CA ASP A 78 22.68 -10.13 -15.53
C ASP A 78 23.18 -11.50 -15.12
N VAL A 79 22.95 -12.47 -15.99
CA VAL A 79 23.35 -13.85 -15.62
C VAL A 79 24.84 -13.84 -15.37
N LEU A 80 25.59 -13.28 -16.29
CA LEU A 80 27.02 -13.44 -16.06
C LEU A 80 27.43 -13.02 -14.65
N VAL A 81 27.02 -11.81 -14.26
CA VAL A 81 27.40 -11.29 -12.95
C VAL A 81 26.83 -12.15 -11.84
N GLU A 82 25.58 -12.57 -11.96
CA GLU A 82 24.98 -13.40 -10.91
C GLU A 82 25.69 -14.73 -10.77
N HIS A 83 26.28 -15.24 -11.85
CA HIS A 83 26.99 -16.51 -11.77
C HIS A 83 28.41 -16.32 -11.25
N CYS A 84 29.18 -15.43 -11.89
CA CYS A 84 30.61 -15.34 -11.59
C CYS A 84 30.85 -14.75 -10.22
N ALA A 85 30.03 -13.78 -9.80
CA ALA A 85 30.12 -13.30 -8.42
C ALA A 85 29.88 -14.44 -7.44
N TYR A 86 28.99 -15.36 -7.79
CA TYR A 86 28.73 -16.53 -6.95
C TYR A 86 29.94 -17.47 -6.96
N THR A 87 30.49 -17.75 -8.15
CA THR A 87 31.60 -18.68 -8.26
C THR A 87 32.77 -18.25 -7.38
N TRP A 88 33.18 -16.99 -7.49
CA TRP A 88 34.26 -16.48 -6.64
C TRP A 88 33.90 -16.57 -5.17
N PHE A 89 32.69 -16.11 -4.82
CA PHE A 89 32.22 -16.21 -3.44
C PHE A 89 32.28 -17.66 -2.95
N ASN A 90 31.76 -18.58 -3.76
CA ASN A 90 31.89 -20.00 -3.44
C ASN A 90 33.34 -20.40 -3.26
N ARG A 91 34.22 -19.91 -4.15
CA ARG A 91 35.65 -20.19 -4.02
C ARG A 91 36.19 -19.67 -2.70
N LEU A 92 36.01 -18.36 -2.44
CA LEU A 92 36.49 -17.79 -1.20
C LEU A 92 35.87 -18.47 0.01
N CYS A 93 34.58 -18.78 -0.06
CA CYS A 93 33.95 -19.55 1.01
C CYS A 93 34.61 -20.91 1.17
N ALA A 94 34.90 -21.58 0.05
CA ALA A 94 35.64 -22.84 0.12
C ALA A 94 37.01 -22.64 0.74
N ILE A 95 37.65 -21.50 0.48
CA ILE A 95 38.96 -21.23 1.05
C ILE A 95 38.85 -20.97 2.55
N ARG A 96 37.87 -20.13 2.95
CA ARG A 96 37.67 -19.82 4.36
C ARG A 96 37.47 -21.09 5.19
N TYR A 97 36.56 -21.97 4.74
CA TYR A 97 36.38 -23.25 5.41
C TYR A 97 37.69 -24.02 5.46
N MET A 98 38.42 -24.07 4.35
CA MET A 98 39.60 -24.91 4.26
C MET A 98 40.80 -24.34 4.98
N GLU A 99 40.87 -23.02 5.18
CA GLU A 99 41.99 -22.47 5.93
C GLU A 99 41.77 -22.60 7.43
N ILE A 100 40.52 -22.61 7.89
CA ILE A 100 40.26 -22.80 9.31
C ILE A 100 40.63 -24.21 9.75
N HIS A 101 40.42 -25.19 8.86
CA HIS A 101 40.71 -26.61 9.24
C HIS A 101 42.14 -27.01 8.82
N GLY A 102 42.96 -26.04 8.43
CA GLY A 102 44.38 -26.23 8.17
C GLY A 102 44.54 -27.30 7.10
N TYR A 103 43.71 -27.24 6.05
CA TYR A 103 43.72 -28.27 5.02
C TYR A 103 44.75 -27.90 3.99
N LEU A 104 45.26 -26.67 4.01
CA LEU A 104 46.24 -26.25 3.02
C LEU A 104 47.58 -26.93 3.27
N ASP A 105 48.26 -27.28 2.18
CA ASP A 105 49.49 -28.04 2.28
C ASP A 105 50.61 -27.20 2.89
N HIS A 106 50.68 -25.92 2.54
CA HIS A 106 51.66 -25.03 3.15
C HIS A 106 51.31 -24.66 4.58
N GLY A 107 50.12 -25.02 5.06
CA GLY A 107 49.79 -24.88 6.46
C GLY A 107 49.69 -23.47 6.99
N PHE A 108 49.67 -22.47 6.11
CA PHE A 108 49.49 -21.07 6.52
C PHE A 108 48.10 -20.58 6.12
N HIS A 109 47.52 -19.70 6.93
CA HIS A 109 46.21 -19.16 6.63
C HIS A 109 46.26 -18.21 5.43
N MET A 110 45.23 -18.26 4.60
CA MET A 110 45.22 -17.60 3.30
C MET A 110 44.39 -16.31 3.29
N LEU A 111 43.21 -16.33 3.92
CA LEU A 111 42.35 -15.16 3.96
C LEU A 111 42.50 -14.34 5.23
N SER A 112 43.03 -14.93 6.29
CA SER A 112 43.16 -14.20 7.55
C SER A 112 44.55 -14.42 8.14
N HIS A 113 44.73 -14.04 9.41
CA HIS A 113 45.97 -14.18 10.15
C HIS A 113 45.64 -14.58 11.58
N PRO A 114 46.14 -15.73 12.07
CA PRO A 114 45.82 -16.16 13.45
C PRO A 114 46.16 -15.12 14.51
N ASP A 115 47.44 -14.71 14.59
CA ASP A 115 47.88 -13.77 15.61
C ASP A 115 47.75 -12.32 15.18
N ASN A 116 46.83 -12.01 14.24
CA ASN A 116 46.58 -10.64 13.79
C ASN A 116 45.18 -10.57 13.17
N PRO A 117 44.24 -9.89 13.82
CA PRO A 117 42.85 -9.89 13.32
C PRO A 117 42.66 -9.19 11.98
N THR A 118 43.60 -8.35 11.54
CA THR A 118 43.40 -7.55 10.34
C THR A 118 44.23 -8.00 9.15
N GLY A 119 45.13 -8.97 9.31
CA GLY A 119 46.16 -9.25 8.34
C GLY A 119 45.92 -10.51 7.54
N PHE A 120 46.97 -10.96 6.85
CA PHE A 120 46.91 -12.10 5.93
C PHE A 120 48.21 -12.86 6.08
N GLU A 121 48.14 -14.09 6.64
CA GLU A 121 49.36 -14.80 7.02
C GLU A 121 50.29 -15.09 5.85
N VAL A 122 49.77 -15.12 4.62
CA VAL A 122 50.59 -15.46 3.47
C VAL A 122 51.52 -14.30 3.11
N LEU A 123 51.43 -13.20 3.85
CA LEU A 123 52.24 -12.02 3.59
C LEU A 123 53.55 -12.00 4.35
N ASP A 124 53.61 -12.63 5.53
CA ASP A 124 54.85 -12.61 6.31
C ASP A 124 55.73 -13.81 6.00
N HIS A 125 55.16 -14.94 5.61
CA HIS A 125 55.90 -16.06 5.05
C HIS A 125 55.85 -16.05 3.53
N VAL A 126 56.13 -14.90 2.93
CA VAL A 126 56.27 -14.84 1.47
C VAL A 126 57.25 -15.89 0.95
N PRO A 127 58.43 -16.09 1.55
CA PRO A 127 59.32 -17.14 1.01
C PRO A 127 58.74 -18.55 1.10
N GLU A 128 58.21 -18.95 2.26
CA GLU A 128 57.68 -20.29 2.41
C GLU A 128 56.44 -20.52 1.55
N VAL A 129 55.49 -19.59 1.60
CA VAL A 129 54.26 -19.74 0.82
C VAL A 129 54.58 -19.78 -0.67
N ALA A 130 55.46 -18.89 -1.12
CA ALA A 130 55.86 -18.91 -2.53
C ALA A 130 56.55 -20.22 -2.89
N GLU A 131 57.42 -20.71 -2.01
CA GLU A 131 58.12 -21.97 -2.26
C GLU A 131 57.14 -23.11 -2.52
N ALA A 132 55.97 -23.07 -1.86
CA ALA A 132 54.98 -24.12 -2.06
C ALA A 132 54.15 -23.88 -3.32
N LEU A 133 53.71 -22.65 -3.53
CA LEU A 133 52.75 -22.35 -4.60
C LEU A 133 53.42 -21.90 -5.89
N LEU A 134 54.17 -20.80 -5.83
CA LEU A 134 54.82 -20.22 -6.99
C LEU A 134 56.34 -20.34 -6.86
N PRO A 135 56.91 -21.53 -7.03
CA PRO A 135 58.36 -21.69 -6.82
C PRO A 135 59.20 -20.81 -7.72
N GLU A 136 58.67 -20.40 -8.87
CA GLU A 136 59.45 -19.62 -9.83
C GLU A 136 59.49 -18.14 -9.46
N LYS A 137 58.36 -17.57 -9.04
CA LYS A 137 58.28 -16.16 -8.71
C LYS A 137 58.76 -15.86 -7.29
N LYS A 138 59.35 -16.84 -6.61
CA LYS A 138 59.76 -16.63 -5.23
C LYS A 138 60.74 -15.47 -5.11
N ALA A 139 61.73 -15.41 -5.99
CA ALA A 139 62.69 -14.31 -5.96
C ALA A 139 62.00 -12.98 -6.23
N GLN A 140 61.00 -12.98 -7.13
CA GLN A 140 60.23 -11.77 -7.40
C GLN A 140 59.38 -11.38 -6.20
N LEU A 141 58.62 -12.35 -5.65
CA LEU A 141 57.70 -12.05 -4.57
C LEU A 141 58.43 -11.71 -3.27
N VAL A 142 59.57 -12.35 -3.01
CA VAL A 142 60.40 -11.97 -1.87
C VAL A 142 61.03 -10.60 -2.12
N GLU A 143 61.12 -10.17 -3.37
CA GLU A 143 61.62 -8.83 -3.69
C GLU A 143 60.53 -7.77 -3.57
N MET A 144 59.28 -8.12 -3.88
CA MET A 144 58.19 -7.17 -3.72
C MET A 144 57.75 -7.02 -2.27
N LYS A 145 57.87 -8.10 -1.48
CA LYS A 145 57.66 -7.98 -0.04
C LYS A 145 58.77 -7.14 0.58
N LEU A 146 60.00 -7.27 0.07
CA LEU A 146 61.10 -6.41 0.51
C LEU A 146 60.98 -4.99 -0.02
N SER A 147 60.11 -4.75 -0.99
CA SER A 147 59.70 -3.37 -1.26
C SER A 147 58.61 -2.91 -0.30
N GLY A 148 57.92 -3.85 0.36
CA GLY A 148 57.03 -3.57 1.47
C GLY A 148 55.79 -2.75 1.14
N ASN A 149 55.62 -2.40 -0.12
CA ASN A 149 54.57 -1.49 -0.53
C ASN A 149 53.68 -2.05 -1.63
N GLN A 150 53.91 -3.28 -2.08
CA GLN A 150 53.17 -3.88 -3.18
C GLN A 150 52.37 -5.09 -2.71
N ASP A 151 51.96 -5.09 -1.44
CA ASP A 151 51.29 -6.24 -0.87
C ASP A 151 50.01 -6.59 -1.64
N GLU A 152 49.26 -5.56 -2.07
CA GLU A 152 48.08 -5.83 -2.89
C GLU A 152 48.46 -6.43 -4.22
N ALA A 153 49.62 -6.05 -4.77
CA ALA A 153 50.11 -6.71 -5.98
C ALA A 153 50.56 -8.14 -5.67
N ILE A 154 51.30 -8.33 -4.57
CA ILE A 154 51.75 -9.66 -4.18
C ILE A 154 50.55 -10.55 -3.85
N TYR A 155 49.74 -10.13 -2.87
CA TYR A 155 48.59 -10.92 -2.44
C TYR A 155 47.71 -11.31 -3.62
N ARG A 156 47.56 -10.40 -4.59
CA ARG A 156 46.82 -10.74 -5.78
C ARG A 156 47.47 -11.89 -6.55
N GLU A 157 48.75 -12.12 -6.34
CA GLU A 157 49.43 -13.20 -7.06
C GLU A 157 49.39 -14.52 -6.31
N LEU A 158 49.56 -14.50 -4.98
CA LEU A 158 49.45 -15.73 -4.22
C LEU A 158 48.02 -16.24 -4.18
N LEU A 159 47.05 -15.35 -3.97
CA LEU A 159 45.66 -15.78 -3.87
C LEU A 159 45.20 -16.41 -5.18
N LEU A 160 45.59 -15.83 -6.33
CA LEU A 160 45.33 -16.50 -7.60
C LEU A 160 46.12 -17.79 -7.72
N ALA A 161 47.31 -17.86 -7.08
CA ALA A 161 48.09 -19.08 -7.11
C ALA A 161 47.45 -20.16 -6.24
N GLN A 162 46.73 -19.77 -5.19
CA GLN A 162 46.08 -20.76 -4.33
C GLN A 162 44.89 -21.40 -5.03
N CYS A 163 44.06 -20.59 -5.69
CA CYS A 163 42.90 -21.14 -6.39
C CYS A 163 43.33 -22.08 -7.51
N HIS A 164 44.36 -21.70 -8.27
CA HIS A 164 44.93 -22.61 -9.26
C HIS A 164 45.38 -23.90 -8.60
N ALA A 165 45.96 -23.81 -7.41
CA ALA A 165 46.45 -25.00 -6.73
C ALA A 165 45.33 -25.96 -6.38
N LEU A 166 44.11 -25.45 -6.22
CA LEU A 166 42.98 -26.27 -5.81
C LEU A 166 42.22 -26.87 -6.99
N HIS A 167 42.60 -26.54 -8.22
CA HIS A 167 41.88 -27.02 -9.39
C HIS A 167 42.09 -28.50 -9.65
N ARG A 168 43.18 -29.08 -9.13
CA ARG A 168 43.48 -30.47 -9.41
C ARG A 168 42.45 -31.41 -8.76
N ALA A 169 42.05 -31.10 -7.54
CA ALA A 169 41.12 -31.96 -6.80
C ALA A 169 39.67 -31.50 -6.88
N MET A 170 39.43 -30.21 -7.07
CA MET A 170 38.07 -29.65 -7.10
C MET A 170 37.87 -28.87 -8.40
N PRO A 171 37.86 -29.57 -9.54
CA PRO A 171 37.79 -28.86 -10.83
C PRO A 171 36.43 -28.25 -11.12
N PHE A 172 35.42 -28.57 -10.32
CA PHE A 172 34.07 -28.04 -10.55
C PHE A 172 33.89 -26.65 -9.98
N LEU A 173 34.65 -26.31 -8.94
CA LEU A 173 34.56 -25.01 -8.28
C LEU A 173 35.71 -24.09 -8.66
N PHE A 174 36.95 -24.56 -8.54
CA PHE A 174 38.14 -23.79 -8.93
C PHE A 174 38.54 -24.25 -10.33
N GLU A 175 37.99 -23.61 -11.35
CA GLU A 175 38.44 -23.88 -12.70
C GLU A 175 39.78 -23.20 -12.97
N ALA A 176 40.54 -23.75 -13.92
CA ALA A 176 41.86 -23.25 -14.25
C ALA A 176 41.93 -22.47 -15.55
N VAL A 177 41.09 -22.81 -16.54
CA VAL A 177 41.07 -22.09 -17.81
C VAL A 177 40.27 -20.81 -17.68
N ASP A 178 39.65 -20.57 -16.52
CA ASP A 178 38.99 -19.31 -16.20
C ASP A 178 40.21 -18.44 -16.39
N ASP A 179 40.18 -17.56 -17.39
CA ASP A 179 41.31 -16.67 -17.63
C ASP A 179 40.59 -15.38 -17.26
N GLU A 180 39.54 -15.06 -18.00
CA GLU A 180 38.67 -13.91 -17.79
C GLU A 180 38.26 -13.75 -16.33
N ALA A 181 37.98 -14.86 -15.66
CA ALA A 181 37.60 -14.79 -14.26
C ALA A 181 38.67 -14.13 -13.40
N GLU A 182 39.92 -14.15 -13.86
CA GLU A 182 40.99 -13.48 -13.12
C GLU A 182 40.93 -11.97 -13.28
N LEU A 183 40.43 -11.48 -14.42
CA LEU A 183 40.30 -10.04 -14.61
C LEU A 183 39.16 -9.47 -13.77
N LEU A 184 38.21 -10.30 -13.36
CA LEU A 184 37.09 -9.87 -12.54
C LEU A 184 37.36 -9.99 -11.04
N LEU A 185 38.56 -10.40 -10.66
CA LEU A 185 38.92 -10.43 -9.25
C LEU A 185 39.11 -9.00 -8.75
N PRO A 186 38.42 -8.61 -7.67
CA PRO A 186 38.54 -7.24 -7.18
C PRO A 186 39.95 -6.93 -6.69
N ASP A 187 40.25 -5.63 -6.65
CA ASP A 187 41.49 -5.14 -6.08
C ASP A 187 41.26 -4.87 -4.59
N ASN A 188 42.21 -4.19 -3.94
CA ASN A 188 42.09 -3.76 -2.55
C ASN A 188 41.68 -4.91 -1.63
N LEU A 189 42.01 -6.14 -2.02
CA LEU A 189 41.81 -7.29 -1.16
C LEU A 189 42.59 -7.15 0.14
N THR A 190 43.56 -6.24 0.18
CA THR A 190 44.43 -6.03 1.32
C THR A 190 44.06 -4.79 2.12
N ARG A 191 42.85 -4.25 1.92
CA ARG A 191 42.39 -3.07 2.61
C ARG A 191 41.29 -3.42 3.60
N THR A 192 41.11 -2.55 4.59
CA THR A 192 40.09 -2.75 5.62
C THR A 192 38.68 -2.76 5.05
N ASP A 193 38.51 -2.40 3.77
CA ASP A 193 37.20 -2.39 3.12
C ASP A 193 37.13 -3.40 1.97
N SER A 194 38.03 -4.37 1.93
CA SER A 194 37.90 -5.44 0.97
C SER A 194 36.61 -6.21 1.24
N ILE A 195 36.04 -6.77 0.18
CA ILE A 195 34.85 -7.59 0.29
C ILE A 195 35.12 -8.76 1.23
N LEU A 196 36.39 -9.09 1.39
CA LEU A 196 36.77 -10.31 2.09
C LEU A 196 36.41 -10.25 3.57
N ARG A 197 36.58 -9.07 4.20
CA ARG A 197 36.43 -8.98 5.65
C ARG A 197 35.06 -9.44 6.11
N GLY A 198 34.00 -8.99 5.43
CA GLY A 198 32.66 -9.40 5.79
C GLY A 198 32.50 -10.92 5.79
N LEU A 199 33.14 -11.59 4.83
CA LEU A 199 33.10 -13.05 4.80
C LEU A 199 33.71 -13.66 6.05
N VAL A 200 34.82 -13.09 6.51
CA VAL A 200 35.43 -13.55 7.77
C VAL A 200 34.69 -12.96 8.96
N ASP A 201 34.40 -11.66 8.92
CA ASP A 201 33.88 -10.96 10.09
C ASP A 201 32.41 -11.29 10.36
N GLY A 202 31.61 -11.48 9.31
CA GLY A 202 30.21 -11.81 9.49
C GLY A 202 29.94 -13.22 9.97
N ILE A 203 30.96 -14.06 10.07
CA ILE A 203 30.79 -15.45 10.46
C ILE A 203 31.90 -15.83 11.44
N PRO A 204 31.58 -15.98 12.74
CA PRO A 204 32.58 -16.52 13.68
C PRO A 204 33.13 -17.87 13.27
N GLU A 205 34.28 -18.24 13.85
CA GLU A 205 34.96 -19.48 13.47
C GLU A 205 34.16 -20.72 13.86
N GLU A 206 33.45 -20.66 14.99
CA GLU A 206 32.65 -21.81 15.42
C GLU A 206 31.56 -22.15 14.43
N ASP A 207 31.07 -21.14 13.68
CA ASP A 207 30.09 -21.39 12.64
C ASP A 207 30.66 -22.21 11.49
N TRP A 208 31.99 -22.32 11.40
CA TRP A 208 32.67 -22.97 10.29
C TRP A 208 33.09 -24.41 10.58
N GLN A 209 32.80 -24.93 11.76
CA GLN A 209 33.35 -26.21 12.19
C GLN A 209 32.79 -27.36 11.35
N GLU A 210 31.54 -27.69 11.64
CA GLU A 210 30.70 -28.53 10.83
C GLU A 210 30.55 -27.97 9.41
N VAL A 211 29.98 -28.78 8.52
CA VAL A 211 29.91 -28.44 7.10
C VAL A 211 28.55 -27.85 6.72
N GLU A 212 27.52 -27.94 7.57
CA GLU A 212 26.21 -27.47 7.13
C GLU A 212 26.26 -26.00 6.75
N VAL A 213 27.18 -25.24 7.35
CA VAL A 213 27.43 -23.85 7.01
C VAL A 213 27.44 -23.65 5.50
N ILE A 214 28.05 -24.58 4.78
CA ILE A 214 28.03 -24.56 3.31
C ILE A 214 26.59 -24.43 2.83
N GLY A 215 25.67 -25.15 3.46
CA GLY A 215 24.27 -25.04 3.08
C GLY A 215 23.58 -23.81 3.62
N TRP A 216 24.07 -23.23 4.71
CA TRP A 216 23.51 -21.97 5.16
C TRP A 216 24.12 -20.79 4.41
N LEU A 217 25.37 -20.92 3.96
CA LEU A 217 25.89 -20.00 2.96
C LEU A 217 25.01 -20.05 1.72
N TYR A 218 24.85 -21.25 1.16
CA TYR A 218 23.85 -21.62 0.18
C TYR A 218 22.50 -20.93 0.34
N GLN A 219 21.84 -21.10 1.49
CA GLN A 219 20.44 -20.68 1.59
C GLN A 219 20.25 -19.17 1.74
N PHE A 220 21.18 -18.48 2.41
CA PHE A 220 20.97 -17.06 2.66
C PHE A 220 21.55 -16.17 1.57
N TYR A 221 22.56 -16.64 0.84
CA TYR A 221 23.06 -15.92 -0.32
C TYR A 221 21.92 -15.48 -1.23
N ILE A 222 21.11 -16.44 -1.67
CA ILE A 222 20.09 -16.18 -2.68
C ILE A 222 18.77 -15.74 -2.05
N SER A 223 18.71 -15.63 -0.72
CA SER A 223 17.46 -15.37 -0.04
C SER A 223 16.76 -14.10 -0.55
N GLU A 224 17.54 -13.09 -0.95
CA GLU A 224 16.92 -11.83 -1.36
C GLU A 224 16.29 -11.93 -2.74
N LYS A 225 17.04 -12.42 -3.73
CA LYS A 225 16.45 -12.59 -5.06
C LYS A 225 15.25 -13.51 -5.01
N LYS A 226 15.13 -14.33 -3.97
CA LYS A 226 13.94 -15.14 -3.77
C LYS A 226 12.73 -14.24 -3.48
N ASP A 227 12.85 -13.32 -2.52
CA ASP A 227 11.75 -12.42 -2.17
C ASP A 227 11.31 -11.53 -3.32
N ALA A 228 12.07 -11.47 -4.41
CA ALA A 228 11.68 -10.69 -5.58
C ALA A 228 11.05 -11.52 -6.68
N VAL A 229 11.23 -12.85 -6.67
CA VAL A 229 10.75 -13.71 -7.74
C VAL A 229 9.58 -14.57 -7.32
N ILE A 230 9.09 -14.44 -6.08
CA ILE A 230 7.99 -15.24 -5.58
C ILE A 230 6.67 -14.59 -5.99
N GLY A 231 5.65 -15.43 -6.20
CA GLY A 231 4.32 -15.00 -6.56
C GLY A 231 4.09 -14.83 -8.05
N LYS A 232 5.14 -14.45 -8.77
CA LYS A 232 5.07 -14.27 -10.21
C LYS A 232 5.52 -15.54 -10.92
N VAL A 233 5.39 -15.54 -12.24
CA VAL A 233 6.04 -16.58 -13.03
C VAL A 233 7.55 -16.43 -12.87
N VAL A 234 8.26 -17.56 -12.91
CA VAL A 234 9.69 -17.59 -12.63
C VAL A 234 10.44 -17.88 -13.91
N LYS A 235 11.39 -17.00 -14.24
CA LYS A 235 12.19 -17.17 -15.44
C LYS A 235 13.06 -18.42 -15.32
N SER A 236 13.46 -18.97 -16.47
CA SER A 236 14.33 -20.15 -16.47
C SER A 236 15.63 -19.89 -15.71
N GLU A 237 16.05 -18.64 -15.63
CA GLU A 237 17.29 -18.29 -14.94
C GLU A 237 17.07 -17.91 -13.48
N ASP A 238 15.83 -17.65 -13.06
CA ASP A 238 15.54 -17.35 -11.67
C ASP A 238 15.19 -18.59 -10.86
N ILE A 239 15.13 -19.76 -11.50
CA ILE A 239 14.62 -20.96 -10.82
C ILE A 239 15.43 -21.32 -9.58
N PRO A 240 16.76 -21.44 -9.63
CA PRO A 240 17.49 -21.82 -8.41
C PRO A 240 17.22 -20.88 -7.25
N ALA A 241 16.95 -19.61 -7.54
CA ALA A 241 16.59 -18.68 -6.48
C ALA A 241 15.26 -19.06 -5.84
N ALA A 242 14.23 -19.24 -6.68
CA ALA A 242 12.86 -19.34 -6.17
C ALA A 242 12.59 -20.66 -5.47
N THR A 243 13.43 -21.68 -5.65
CA THR A 243 13.11 -23.03 -5.19
C THR A 243 14.10 -23.56 -4.16
N GLN A 244 14.95 -22.71 -3.61
CA GLN A 244 16.11 -23.16 -2.85
C GLN A 244 15.86 -23.03 -1.36
N LEU A 245 15.88 -24.17 -0.67
CA LEU A 245 15.67 -24.22 0.77
C LEU A 245 16.86 -24.89 1.44
N PHE A 246 16.63 -25.51 2.59
CA PHE A 246 17.64 -26.35 3.24
C PHE A 246 16.94 -27.25 4.25
N THR A 247 17.06 -28.55 4.05
CA THR A 247 16.34 -29.50 4.89
C THR A 247 17.01 -29.60 6.26
N PRO A 248 16.25 -29.59 7.35
CA PRO A 248 16.84 -29.89 8.65
C PRO A 248 17.51 -31.25 8.62
N ASN A 249 18.60 -31.37 9.38
CA ASN A 249 19.37 -32.62 9.36
C ASN A 249 18.51 -33.80 9.81
N TRP A 250 17.56 -33.57 10.70
CA TRP A 250 16.75 -34.67 11.24
C TRP A 250 15.78 -35.25 10.23
N ILE A 251 15.41 -34.49 9.19
CA ILE A 251 14.56 -35.03 8.15
C ILE A 251 15.38 -35.85 7.16
N VAL A 252 16.55 -35.34 6.77
CA VAL A 252 17.43 -36.06 5.85
C VAL A 252 17.76 -37.43 6.40
N GLN A 253 18.25 -37.49 7.64
CA GLN A 253 18.55 -38.76 8.28
C GLN A 253 17.36 -39.71 8.18
N TYR A 254 16.19 -39.22 8.58
CA TYR A 254 14.99 -40.03 8.45
C TYR A 254 14.79 -40.51 7.02
N LEU A 255 15.13 -39.67 6.03
CA LEU A 255 14.96 -40.07 4.64
C LEU A 255 16.04 -41.05 4.21
N VAL A 256 17.30 -40.75 4.52
CA VAL A 256 18.40 -41.60 4.07
C VAL A 256 18.37 -42.93 4.81
N GLN A 257 18.21 -42.89 6.14
CA GLN A 257 18.29 -44.11 6.94
C GLN A 257 17.14 -45.07 6.63
N ASN A 258 15.97 -44.56 6.27
CA ASN A 258 14.82 -45.39 5.96
C ASN A 258 14.79 -45.83 4.50
N SER A 259 15.87 -45.62 3.76
CA SER A 259 15.93 -46.07 2.37
C SER A 259 17.20 -46.88 2.15
N VAL A 260 18.35 -46.21 2.25
CA VAL A 260 19.66 -46.86 2.10
C VAL A 260 19.82 -47.89 3.20
N GLY A 261 19.92 -47.41 4.45
CA GLY A 261 20.06 -48.28 5.60
C GLY A 261 18.96 -49.32 5.73
N ARG A 262 17.77 -49.04 5.21
CA ARG A 262 16.71 -50.04 5.21
C ARG A 262 17.12 -51.26 4.41
N GLN A 263 17.63 -51.06 3.19
CA GLN A 263 17.98 -52.18 2.34
C GLN A 263 19.09 -53.02 2.96
N TRP A 264 20.16 -52.36 3.44
CA TRP A 264 21.24 -53.08 4.08
C TRP A 264 20.73 -53.89 5.27
N LEU A 265 19.94 -53.26 6.15
CA LEU A 265 19.36 -53.98 7.27
C LEU A 265 18.39 -55.06 6.81
N GLN A 266 17.81 -54.89 5.62
CA GLN A 266 16.89 -55.90 5.10
C GLN A 266 17.62 -57.19 4.73
N THR A 267 18.91 -57.13 4.46
CA THR A 267 19.70 -58.31 4.15
C THR A 267 20.51 -58.82 5.35
N TYR A 268 20.92 -57.91 6.23
CA TYR A 268 21.70 -58.26 7.42
C TYR A 268 20.98 -57.72 8.65
N PRO A 269 19.84 -58.32 9.01
CA PRO A 269 19.02 -57.74 10.09
C PRO A 269 19.75 -57.49 11.39
N ASP A 270 20.77 -58.30 11.70
CA ASP A 270 21.58 -58.09 12.89
C ASP A 270 22.84 -57.31 12.55
N SER A 271 22.61 -56.11 12.04
CA SER A 271 23.68 -55.17 11.75
C SER A 271 23.73 -54.09 12.82
N PRO A 272 24.89 -53.83 13.42
CA PRO A 272 24.96 -52.79 14.46
C PRO A 272 24.69 -51.39 13.97
N LEU A 273 24.34 -51.21 12.69
CA LEU A 273 23.99 -49.91 12.16
C LEU A 273 22.60 -49.46 12.61
N LYS A 274 21.78 -50.40 13.09
CA LYS A 274 20.46 -50.07 13.57
C LYS A 274 20.53 -49.14 14.77
N GLY A 275 21.49 -49.36 15.66
CA GLY A 275 21.72 -48.44 16.76
C GLY A 275 22.29 -47.12 16.30
N LYS A 276 23.09 -47.13 15.24
CA LYS A 276 23.64 -45.91 14.65
C LYS A 276 22.60 -45.14 13.84
N MET A 277 21.43 -45.72 13.62
CA MET A 277 20.33 -45.07 12.92
C MET A 277 19.25 -44.79 13.94
N ASP A 278 19.24 -43.57 14.47
CA ASP A 278 18.24 -43.19 15.46
C ASP A 278 16.87 -43.02 14.81
N TYR A 279 16.82 -42.44 13.61
CA TYR A 279 15.59 -42.25 12.87
C TYR A 279 15.23 -43.44 12.01
N TYR A 280 15.78 -44.63 12.30
CA TYR A 280 15.41 -45.82 11.56
C TYR A 280 14.09 -46.34 12.12
N ILE A 281 13.08 -46.38 11.26
CA ILE A 281 11.77 -46.89 11.64
C ILE A 281 11.73 -48.38 11.36
N GLU A 282 11.54 -49.17 12.41
CA GLU A 282 11.54 -50.62 12.26
C GLU A 282 10.24 -51.08 11.59
N PRO A 283 10.28 -52.18 10.85
CA PRO A 283 9.10 -52.60 10.08
C PRO A 283 8.01 -53.20 10.96
N ALA A 284 6.77 -52.84 10.63
CA ALA A 284 5.62 -53.35 11.38
C ALA A 284 5.42 -54.84 11.10
N GLU A 285 4.57 -55.47 11.93
CA GLU A 285 4.30 -56.88 11.78
C GLU A 285 3.46 -57.13 10.53
N GLN A 286 4.02 -57.85 9.57
CA GLN A 286 3.33 -58.16 8.33
C GLN A 286 2.60 -59.49 8.41
N THR A 287 1.60 -59.63 7.54
CA THR A 287 0.95 -60.92 7.38
C THR A 287 1.96 -61.94 6.87
N PRO A 288 1.74 -63.23 7.14
CA PRO A 288 2.66 -64.25 6.63
C PRO A 288 2.84 -64.22 5.12
N GLU A 289 1.84 -63.73 4.38
CA GLU A 289 1.91 -63.75 2.92
C GLU A 289 2.91 -62.71 2.42
N VAL A 290 2.84 -61.48 2.96
CA VAL A 290 3.85 -60.48 2.63
C VAL A 290 5.21 -60.91 3.16
N GLN A 291 5.22 -61.53 4.35
CA GLN A 291 6.47 -62.01 4.92
C GLN A 291 7.18 -62.94 3.97
N ALA A 292 6.44 -63.81 3.30
CA ALA A 292 7.02 -64.64 2.25
C ALA A 292 7.46 -63.80 1.05
N GLN A 293 6.76 -62.69 0.81
CA GLN A 293 7.03 -61.87 -0.37
C GLN A 293 8.36 -61.14 -0.26
N LEU A 294 8.54 -60.39 0.82
CA LEU A 294 9.74 -59.55 0.96
C LEU A 294 11.02 -60.39 1.02
N ALA A 295 10.93 -61.60 1.56
CA ALA A 295 12.11 -62.47 1.58
C ALA A 295 12.49 -62.95 0.18
N ALA A 296 11.54 -62.96 -0.75
CA ALA A 296 11.79 -63.44 -2.10
C ALA A 296 12.46 -62.39 -2.99
N ILE A 297 12.71 -61.19 -2.48
CA ILE A 297 13.24 -60.12 -3.31
C ILE A 297 14.52 -59.57 -2.70
N THR A 298 14.63 -59.62 -1.38
CA THR A 298 15.85 -59.25 -0.71
C THR A 298 16.96 -60.18 -1.15
N PRO A 299 18.07 -59.66 -1.66
CA PRO A 299 19.19 -60.54 -2.02
C PRO A 299 19.79 -61.16 -0.79
N ALA A 300 20.32 -62.37 -0.96
CA ALA A 300 20.98 -63.05 0.15
C ALA A 300 22.13 -62.22 0.69
N SER A 301 22.73 -61.38 -0.15
CA SER A 301 23.80 -60.49 0.27
C SER A 301 23.76 -59.26 -0.62
N ILE A 302 24.26 -58.16 -0.08
CA ILE A 302 24.46 -56.93 -0.85
C ILE A 302 25.91 -56.52 -0.67
N GLU A 303 26.61 -56.29 -1.76
CA GLU A 303 27.94 -55.76 -1.57
C GLU A 303 27.87 -54.24 -1.42
N PRO A 304 28.65 -53.67 -0.49
CA PRO A 304 28.54 -52.24 -0.20
C PRO A 304 28.72 -51.36 -1.44
N GLU A 305 29.70 -51.72 -2.25
CA GLU A 305 30.07 -51.02 -3.46
C GLU A 305 29.24 -51.45 -4.67
N SER A 306 28.13 -52.15 -4.43
CA SER A 306 27.06 -52.31 -5.40
C SER A 306 25.90 -51.35 -5.16
N ILE A 307 25.78 -50.80 -3.95
CA ILE A 307 24.73 -49.85 -3.63
C ILE A 307 25.01 -48.52 -4.30
N LYS A 308 23.99 -47.91 -4.88
CA LYS A 308 24.12 -46.67 -5.62
C LYS A 308 22.92 -45.79 -5.27
N VAL A 309 23.20 -44.58 -4.75
CA VAL A 309 22.17 -43.70 -4.24
C VAL A 309 22.15 -42.44 -5.11
N LEU A 310 20.97 -41.83 -5.25
CA LEU A 310 20.83 -40.65 -6.09
C LEU A 310 19.98 -39.59 -5.40
N ASP A 311 20.54 -38.39 -5.26
CA ASP A 311 19.77 -37.21 -4.95
C ASP A 311 19.63 -36.39 -6.23
N PRO A 312 18.46 -36.35 -6.86
CA PRO A 312 18.32 -35.54 -8.08
C PRO A 312 18.34 -34.04 -7.84
N ALA A 313 18.09 -33.59 -6.60
CA ALA A 313 18.13 -32.17 -6.25
C ALA A 313 18.92 -32.03 -4.95
N CYS A 314 20.23 -32.24 -5.04
CA CYS A 314 21.08 -32.21 -3.85
C CYS A 314 21.12 -30.81 -3.24
N GLY A 315 21.23 -29.79 -4.08
CA GLY A 315 21.40 -28.43 -3.60
C GLY A 315 22.74 -28.24 -2.93
N SER A 316 22.73 -28.05 -1.61
CA SER A 316 23.96 -27.97 -0.84
C SER A 316 24.63 -29.32 -0.65
N GLY A 317 24.03 -30.39 -1.18
CA GLY A 317 24.51 -31.72 -0.89
C GLY A 317 24.20 -32.20 0.51
N HIS A 318 23.40 -31.45 1.26
CA HIS A 318 23.10 -31.80 2.65
C HIS A 318 22.60 -33.23 2.79
N ILE A 319 21.86 -33.72 1.79
CA ILE A 319 21.38 -35.08 1.86
C ILE A 319 22.51 -36.07 1.54
N LEU A 320 23.34 -35.73 0.56
CA LEU A 320 24.45 -36.60 0.20
C LEU A 320 25.41 -36.82 1.36
N ILE A 321 25.63 -35.76 2.15
CA ILE A 321 26.52 -35.87 3.30
C ILE A 321 26.03 -36.95 4.25
N GLU A 322 24.71 -37.10 4.39
CA GLU A 322 24.17 -38.12 5.27
C GLU A 322 24.17 -39.50 4.61
N VAL A 323 23.92 -39.57 3.30
CA VAL A 323 24.12 -40.81 2.57
C VAL A 323 25.57 -41.27 2.73
N TYR A 324 26.50 -40.33 2.56
CA TYR A 324 27.92 -40.60 2.82
C TYR A 324 28.12 -41.19 4.21
N ASN A 325 27.43 -40.63 5.22
CA ASN A 325 27.58 -41.15 6.58
C ASN A 325 26.96 -42.53 6.71
N VAL A 326 25.80 -42.76 6.12
CA VAL A 326 25.16 -44.08 6.22
C VAL A 326 25.99 -45.12 5.49
N LEU A 327 26.54 -44.76 4.33
CA LEU A 327 27.41 -45.67 3.60
C LEU A 327 28.70 -45.94 4.38
N LYS A 328 29.24 -44.89 4.99
CA LYS A 328 30.48 -45.01 5.78
C LYS A 328 30.41 -46.16 6.78
N ASN A 329 29.32 -46.21 7.55
CA ASN A 329 29.18 -47.25 8.57
C ASN A 329 28.88 -48.62 7.97
N ILE A 330 28.37 -48.66 6.74
CA ILE A 330 28.16 -49.95 6.08
C ILE A 330 29.49 -50.54 5.64
N TYR A 331 30.40 -49.71 5.14
CA TYR A 331 31.72 -50.20 4.73
C TYR A 331 32.54 -50.66 5.93
N GLU A 332 32.56 -49.84 7.00
CA GLU A 332 33.24 -50.24 8.23
C GLU A 332 32.78 -51.62 8.69
N GLU A 333 31.46 -51.83 8.71
CA GLU A 333 30.90 -53.08 9.17
C GLU A 333 31.31 -54.25 8.26
N ARG A 334 31.52 -54.00 6.97
CA ARG A 334 31.82 -55.10 6.06
C ARG A 334 33.27 -55.56 6.19
N GLY A 335 34.15 -54.70 6.70
CA GLY A 335 35.53 -55.08 6.92
C GLY A 335 36.49 -54.42 5.94
N TYR A 336 36.25 -53.15 5.65
CA TYR A 336 37.03 -52.39 4.69
C TYR A 336 37.94 -51.40 5.40
N ARG A 337 39.16 -51.25 4.89
CA ARG A 337 40.14 -50.37 5.52
C ARG A 337 39.61 -48.93 5.59
N ALA A 338 40.11 -48.19 6.58
CA ALA A 338 39.53 -46.88 6.89
C ALA A 338 39.75 -45.88 5.76
N ARG A 339 40.98 -45.75 5.30
CA ARG A 339 41.32 -44.74 4.31
C ARG A 339 40.67 -44.98 2.94
N ASP A 340 40.26 -46.22 2.62
CA ASP A 340 39.85 -46.59 1.28
C ASP A 340 38.36 -46.33 1.00
N ILE A 341 37.60 -45.94 2.01
CA ILE A 341 36.15 -45.86 1.91
C ILE A 341 35.70 -44.58 1.21
N PRO A 342 36.23 -43.38 1.54
CA PRO A 342 35.77 -42.18 0.83
C PRO A 342 35.86 -42.28 -0.69
N GLN A 343 37.00 -42.71 -1.23
CA GLN A 343 37.12 -42.87 -2.66
C GLN A 343 36.06 -43.81 -3.21
N LEU A 344 35.88 -44.96 -2.54
CA LEU A 344 34.90 -45.94 -3.00
C LEU A 344 33.47 -45.41 -2.88
N ILE A 345 33.20 -44.56 -1.89
CA ILE A 345 31.87 -43.99 -1.77
C ILE A 345 31.64 -42.94 -2.84
N LEU A 346 32.56 -41.99 -2.99
CA LEU A 346 32.38 -40.90 -3.95
C LEU A 346 32.43 -41.38 -5.39
N GLU A 347 33.03 -42.53 -5.67
CA GLU A 347 33.15 -43.03 -7.04
C GLU A 347 32.14 -44.12 -7.37
N ASN A 348 31.76 -44.96 -6.40
CA ASN A 348 30.90 -46.09 -6.68
C ASN A 348 29.50 -45.97 -6.08
N ASN A 349 29.23 -44.95 -5.28
CA ASN A 349 27.98 -44.94 -4.52
C ASN A 349 27.21 -43.62 -4.60
N ILE A 350 27.91 -42.49 -4.63
CA ILE A 350 27.26 -41.19 -4.50
C ILE A 350 27.21 -40.50 -5.86
N PHE A 351 26.00 -40.15 -6.29
CA PHE A 351 25.74 -39.46 -7.55
C PHE A 351 24.73 -38.35 -7.28
N GLY A 352 24.99 -37.16 -7.81
CA GLY A 352 24.10 -36.04 -7.57
C GLY A 352 23.93 -35.06 -8.72
N LEU A 353 22.73 -34.50 -8.87
CA LEU A 353 22.40 -33.61 -9.97
C LEU A 353 21.75 -32.33 -9.44
N ASP A 354 21.79 -31.30 -10.27
CA ASP A 354 21.15 -30.02 -10.01
C ASP A 354 21.34 -29.14 -11.24
N ILE A 355 20.57 -28.06 -11.32
CA ILE A 355 20.65 -27.13 -12.43
C ILE A 355 21.52 -25.92 -12.12
N ASP A 356 21.70 -25.57 -10.86
CA ASP A 356 22.49 -24.41 -10.47
C ASP A 356 23.96 -24.82 -10.48
N ASP A 357 24.71 -24.37 -11.51
CA ASP A 357 26.14 -24.67 -11.60
C ASP A 357 26.86 -24.38 -10.30
N ARG A 358 26.35 -23.41 -9.54
CA ARG A 358 26.96 -22.94 -8.31
C ARG A 358 26.45 -23.70 -7.09
N ALA A 359 25.29 -24.35 -7.19
CA ALA A 359 24.86 -25.26 -6.13
C ALA A 359 25.68 -26.54 -6.13
N ALA A 360 25.94 -27.10 -7.31
CA ALA A 360 26.88 -28.21 -7.41
C ALA A 360 28.24 -27.82 -6.87
N GLN A 361 28.69 -26.60 -7.20
CA GLN A 361 29.97 -26.11 -6.71
C GLN A 361 30.10 -26.28 -5.20
N LEU A 362 29.01 -26.07 -4.46
CA LEU A 362 29.04 -26.25 -3.02
C LEU A 362 28.85 -27.72 -2.63
N SER A 363 27.94 -28.42 -3.29
CA SER A 363 27.63 -29.79 -2.92
C SER A 363 28.85 -30.68 -3.01
N GLY A 364 29.51 -30.69 -4.18
CA GLY A 364 30.74 -31.46 -4.31
C GLY A 364 31.80 -31.02 -3.31
N PHE A 365 31.89 -29.71 -3.06
CA PHE A 365 32.77 -29.22 -2.01
C PHE A 365 32.42 -29.86 -0.67
N ALA A 366 31.13 -29.94 -0.35
CA ALA A 366 30.70 -30.49 0.93
C ALA A 366 31.10 -31.95 1.06
N LEU A 367 30.86 -32.75 0.02
CA LEU A 367 31.25 -34.15 0.06
C LEU A 367 32.77 -34.28 0.16
N LEU A 368 33.50 -33.42 -0.54
CA LEU A 368 34.96 -33.46 -0.45
C LEU A 368 35.46 -32.99 0.91
N MET A 369 34.70 -32.13 1.58
CA MET A 369 35.10 -31.71 2.93
C MET A 369 34.76 -32.78 3.96
N MET A 370 33.71 -33.56 3.73
CA MET A 370 33.48 -34.74 4.54
C MET A 370 34.52 -35.81 4.27
N ALA A 371 34.88 -35.99 2.99
CA ALA A 371 35.92 -36.97 2.65
C ALA A 371 37.28 -36.53 3.18
N ARG A 372 37.56 -35.22 3.15
CA ARG A 372 38.81 -34.72 3.70
C ARG A 372 38.82 -34.76 5.23
N GLN A 373 37.66 -34.92 5.85
CA GLN A 373 37.57 -35.17 7.27
C GLN A 373 37.94 -36.61 7.63
N ASP A 374 38.24 -37.44 6.62
CA ASP A 374 38.48 -38.87 6.84
C ASP A 374 39.73 -39.39 6.15
N ASP A 375 40.14 -38.77 5.04
CA ASP A 375 41.31 -39.24 4.28
C ASP A 375 42.13 -38.03 3.86
N ARG A 376 43.36 -37.93 4.39
CA ARG A 376 44.21 -36.80 4.05
C ARG A 376 44.69 -36.83 2.61
N ARG A 377 44.72 -37.99 1.96
CA ARG A 377 45.24 -38.12 0.60
C ARG A 377 44.15 -38.26 -0.46
N ILE A 378 42.88 -38.06 -0.09
CA ILE A 378 41.84 -37.98 -1.12
C ILE A 378 42.13 -36.81 -2.05
N PHE A 379 42.89 -35.82 -1.58
CA PHE A 379 43.31 -34.70 -2.41
C PHE A 379 44.50 -35.05 -3.31
N THR A 380 45.08 -36.23 -3.17
CA THR A 380 46.13 -36.69 -4.08
C THR A 380 45.61 -37.65 -5.14
N ARG A 381 44.43 -38.23 -4.95
CA ARG A 381 43.91 -39.24 -5.85
C ARG A 381 43.05 -38.60 -6.93
N ASP A 382 43.12 -39.16 -8.14
CA ASP A 382 42.21 -38.77 -9.21
C ASP A 382 40.80 -39.22 -8.87
N VAL A 383 40.07 -38.38 -8.13
CA VAL A 383 38.74 -38.74 -7.62
C VAL A 383 37.71 -38.09 -8.53
N ARG A 384 37.09 -38.90 -9.38
CA ARG A 384 36.03 -38.45 -10.26
C ARG A 384 34.76 -38.30 -9.43
N LEU A 385 34.27 -37.07 -9.28
CA LEU A 385 33.02 -36.82 -8.56
C LEU A 385 31.84 -36.90 -9.52
N ASN A 386 30.85 -37.72 -9.17
CA ASN A 386 29.59 -37.81 -9.91
C ASN A 386 28.57 -36.80 -9.41
N ILE A 387 29.02 -35.59 -9.07
CA ILE A 387 28.17 -34.48 -8.70
C ILE A 387 28.33 -33.45 -9.80
N VAL A 388 27.34 -33.34 -10.69
CA VAL A 388 27.44 -32.42 -11.81
C VAL A 388 26.21 -31.54 -11.87
N SER A 389 26.38 -30.35 -12.43
CA SER A 389 25.28 -29.44 -12.71
C SER A 389 24.92 -29.52 -14.18
N LEU A 390 23.61 -29.40 -14.47
CA LEU A 390 23.11 -29.68 -15.79
C LEU A 390 23.40 -28.53 -16.74
N GLN A 391 23.67 -28.86 -18.01
CA GLN A 391 24.14 -27.90 -18.99
C GLN A 391 23.30 -27.98 -20.27
N GLU A 392 22.98 -26.82 -20.83
CA GLU A 392 22.25 -26.74 -22.08
C GLU A 392 23.16 -27.09 -23.27
N SER A 393 22.54 -27.29 -24.43
CA SER A 393 23.27 -27.70 -25.63
C SER A 393 23.01 -26.77 -26.82
N LEU A 394 22.65 -25.51 -26.54
CA LEU A 394 22.41 -24.53 -27.59
C LEU A 394 23.66 -23.73 -27.95
N HIS A 395 24.80 -24.08 -27.39
CA HIS A 395 26.04 -23.33 -27.61
C HIS A 395 27.18 -24.22 -28.09
N LEU A 396 26.91 -25.47 -28.42
CA LEU A 396 27.95 -26.36 -28.90
C LEU A 396 28.18 -26.19 -30.39
N ASP A 397 29.44 -26.27 -30.80
CA ASP A 397 29.81 -26.36 -32.22
C ASP A 397 29.97 -27.84 -32.52
N ILE A 398 28.84 -28.54 -32.63
CA ILE A 398 28.84 -30.00 -32.67
C ILE A 398 29.68 -30.53 -33.82
N ALA A 399 29.59 -29.88 -34.99
CA ALA A 399 30.37 -30.33 -36.13
C ALA A 399 31.85 -30.04 -35.95
N LYS A 400 32.19 -29.00 -35.18
CA LYS A 400 33.60 -28.69 -34.94
C LYS A 400 34.26 -29.71 -34.01
N LEU A 401 33.51 -30.26 -33.07
CA LEU A 401 34.10 -31.07 -32.01
C LEU A 401 34.22 -32.54 -32.37
N TRP A 402 33.23 -33.11 -33.08
CA TRP A 402 33.30 -34.52 -33.49
C TRP A 402 34.47 -34.76 -34.44
N GLN A 403 34.87 -33.74 -35.19
CA GLN A 403 36.08 -33.86 -36.01
C GLN A 403 37.33 -33.55 -35.18
N GLN A 404 37.22 -32.72 -34.15
CA GLN A 404 38.30 -32.56 -33.19
C GLN A 404 38.43 -33.77 -32.27
N LEU A 405 37.41 -34.64 -32.22
CA LEU A 405 37.46 -35.81 -31.36
C LEU A 405 38.28 -36.94 -31.98
N ASN A 406 38.11 -37.18 -33.28
CA ASN A 406 38.81 -38.25 -33.99
C ASN A 406 38.70 -39.58 -33.22
N PHE A 407 37.47 -39.92 -32.84
CA PHE A 407 37.26 -41.08 -31.97
C PHE A 407 37.73 -42.36 -32.63
N HIS A 408 37.12 -42.72 -33.77
CA HIS A 408 37.57 -43.86 -34.57
C HIS A 408 38.91 -43.64 -35.21
N GLN A 409 39.54 -42.51 -34.86
CA GLN A 409 40.83 -42.08 -35.42
C GLN A 409 40.77 -42.11 -36.95
N GLN A 410 39.92 -41.21 -37.46
CA GLN A 410 39.78 -40.99 -38.89
C GLN A 410 40.85 -40.13 -39.55
N ASN A 411 41.24 -39.04 -38.87
CA ASN A 411 42.34 -38.21 -39.34
C ASN A 411 43.58 -38.93 -38.84
N GLN A 412 44.29 -39.62 -39.72
CA GLN A 412 45.65 -40.01 -39.39
C GLN A 412 46.40 -38.76 -38.98
N THR A 413 46.67 -38.63 -37.68
CA THR A 413 47.17 -37.38 -37.12
C THR A 413 48.43 -36.94 -37.83
N GLY A 414 48.48 -35.65 -38.20
CA GLY A 414 49.56 -35.09 -39.00
C GLY A 414 49.10 -34.53 -40.33
N SER A 415 48.07 -35.14 -40.93
CA SER A 415 47.52 -34.67 -42.19
C SER A 415 46.87 -33.31 -42.01
N MET A 416 47.61 -32.23 -42.31
CA MET A 416 47.10 -30.87 -42.20
C MET A 416 45.82 -30.73 -43.01
N GLY A 417 44.69 -30.57 -42.33
CA GLY A 417 43.39 -30.55 -43.00
C GLY A 417 42.87 -29.16 -43.31
N ALA A 421 38.70 -26.13 -45.84
CA ALA A 421 37.62 -26.92 -46.43
C ALA A 421 36.35 -26.80 -45.61
N GLU A 422 35.35 -26.10 -46.17
CA GLU A 422 34.09 -25.85 -45.49
C GLU A 422 32.98 -26.81 -45.88
N ASN A 423 33.25 -27.76 -46.81
CA ASN A 423 32.31 -28.82 -47.15
C ASN A 423 33.04 -30.16 -47.00
N THR A 424 33.27 -30.58 -45.76
CA THR A 424 33.91 -31.85 -45.45
C THR A 424 32.89 -32.72 -44.72
N ALA A 425 32.32 -33.69 -45.44
CA ALA A 425 31.28 -34.58 -44.90
C ALA A 425 31.73 -35.21 -43.59
N LEU A 426 31.06 -34.82 -42.50
CA LEU A 426 31.28 -35.38 -41.18
C LEU A 426 31.35 -36.90 -41.26
N ALA A 427 32.54 -37.45 -41.07
CA ALA A 427 32.72 -38.88 -41.23
C ALA A 427 32.31 -39.62 -39.97
N HIS A 428 31.83 -40.85 -40.15
CA HIS A 428 31.26 -41.67 -39.07
C HIS A 428 30.12 -40.92 -38.37
N THR A 429 29.33 -40.21 -39.16
CA THR A 429 27.99 -39.81 -38.68
C THR A 429 27.08 -41.01 -38.49
N ASP A 430 27.42 -42.14 -39.10
CA ASP A 430 26.71 -43.40 -38.91
C ASP A 430 27.24 -44.20 -37.72
N SER A 431 28.32 -43.74 -37.09
CA SER A 431 28.93 -44.47 -36.00
C SER A 431 28.07 -44.35 -34.73
N ALA A 432 27.93 -45.47 -34.02
CA ALA A 432 27.17 -45.50 -32.78
C ALA A 432 27.74 -44.60 -31.69
N GLU A 433 28.86 -43.91 -31.94
CA GLU A 433 29.34 -42.84 -31.08
C GLU A 433 28.79 -41.48 -31.50
N TYR A 434 28.48 -41.34 -32.79
CA TYR A 434 27.83 -40.12 -33.26
C TYR A 434 26.33 -40.16 -32.97
N GLN A 435 25.66 -41.23 -33.39
CA GLN A 435 24.22 -41.35 -33.16
C GLN A 435 23.90 -41.38 -31.67
N LEU A 436 24.78 -41.96 -30.86
CA LEU A 436 24.61 -41.89 -29.41
C LEU A 436 24.93 -40.51 -28.88
N LEU A 437 25.82 -39.78 -29.55
CA LEU A 437 26.15 -38.42 -29.11
C LEU A 437 25.07 -37.43 -29.49
N MET A 438 24.54 -37.55 -30.72
CA MET A 438 23.51 -36.62 -31.17
C MET A 438 22.20 -36.82 -30.43
N ARG A 439 21.79 -38.07 -30.23
CA ARG A 439 20.60 -38.34 -29.44
C ARG A 439 20.74 -37.78 -28.03
N THR A 440 21.97 -37.73 -27.50
CA THR A 440 22.20 -37.20 -26.17
C THR A 440 22.12 -35.68 -26.15
N LEU A 441 22.67 -35.02 -27.17
CA LEU A 441 22.62 -33.57 -27.21
C LEU A 441 21.22 -33.06 -27.53
N LYS A 442 20.38 -33.90 -28.13
CA LYS A 442 19.00 -33.52 -28.40
C LYS A 442 18.14 -33.58 -27.15
N ARG A 443 18.50 -34.41 -26.17
CA ARG A 443 17.73 -34.52 -24.94
C ARG A 443 17.99 -33.36 -23.98
N PHE A 444 19.15 -32.73 -24.06
CA PHE A 444 19.47 -31.64 -23.13
C PHE A 444 19.50 -30.30 -23.85
N VAL A 445 18.37 -29.90 -24.43
CA VAL A 445 18.27 -28.62 -25.11
C VAL A 445 18.08 -27.53 -24.07
N ASN A 446 16.93 -27.51 -23.42
CA ASN A 446 16.68 -26.57 -22.31
C ASN A 446 16.96 -27.28 -20.97
N ALA A 447 18.23 -27.63 -20.79
CA ALA A 447 18.63 -28.29 -19.56
C ALA A 447 18.59 -27.34 -18.37
N LYS A 448 18.90 -26.05 -18.59
CA LYS A 448 18.76 -25.05 -17.53
C LYS A 448 17.31 -24.75 -17.20
N THR A 449 16.39 -25.57 -17.70
CA THR A 449 14.95 -25.41 -17.46
C THR A 449 14.27 -26.70 -17.04
N LEU A 450 14.68 -27.85 -17.60
CA LEU A 450 14.05 -29.12 -17.23
C LEU A 450 14.74 -29.79 -16.04
N GLY A 451 16.06 -29.73 -15.95
CA GLY A 451 16.71 -30.43 -14.87
C GLY A 451 16.63 -31.94 -15.04
N SER A 452 16.64 -32.64 -13.89
CA SER A 452 16.70 -34.09 -13.88
C SER A 452 15.39 -34.76 -14.28
N LEU A 453 14.37 -34.00 -14.68
CA LEU A 453 13.14 -34.61 -15.16
C LEU A 453 13.32 -35.26 -16.53
N ILE A 454 14.33 -34.84 -17.30
CA ILE A 454 14.62 -35.47 -18.58
C ILE A 454 14.96 -36.93 -18.35
N GLN A 455 14.14 -37.82 -18.88
CA GLN A 455 14.45 -39.24 -18.84
C GLN A 455 15.44 -39.59 -19.95
N VAL A 456 16.25 -40.60 -19.68
CA VAL A 456 17.16 -41.18 -20.67
C VAL A 456 17.03 -42.70 -20.54
N PRO A 457 16.89 -43.44 -21.64
CA PRO A 457 16.63 -44.88 -21.54
C PRO A 457 17.81 -45.65 -20.96
N GLN A 458 17.49 -46.65 -20.12
CA GLN A 458 18.50 -47.52 -19.55
C GLN A 458 19.29 -48.25 -20.61
N GLU A 459 18.67 -48.57 -21.76
CA GLU A 459 19.38 -49.25 -22.82
C GLU A 459 20.65 -48.50 -23.24
N GLU A 460 20.65 -47.17 -23.11
CA GLU A 460 21.80 -46.37 -23.48
C GLU A 460 22.81 -46.24 -22.37
N GLU A 461 22.62 -46.95 -21.25
CA GLU A 461 23.56 -46.86 -20.14
C GLU A 461 24.96 -47.30 -20.55
N ALA A 462 25.09 -48.56 -20.98
CA ALA A 462 26.40 -49.13 -21.27
C ALA A 462 27.12 -48.31 -22.33
N GLU A 463 26.46 -48.02 -23.45
CA GLU A 463 27.09 -47.26 -24.52
C GLU A 463 27.60 -45.91 -24.03
N LEU A 464 26.93 -45.31 -23.05
CA LEU A 464 27.34 -43.99 -22.57
C LEU A 464 28.56 -44.08 -21.66
N LYS A 465 28.53 -45.00 -20.68
CA LYS A 465 29.66 -45.11 -19.76
C LYS A 465 30.93 -45.53 -20.50
N ALA A 466 30.80 -46.52 -21.39
CA ALA A 466 31.93 -46.88 -22.24
C ALA A 466 32.37 -45.69 -23.09
N PHE A 467 31.40 -44.93 -23.61
CA PHE A 467 31.73 -43.68 -24.29
C PHE A 467 32.32 -42.68 -23.30
N LEU A 468 31.81 -42.65 -22.06
CA LEU A 468 32.30 -41.68 -21.09
C LEU A 468 33.73 -41.99 -20.67
N GLU A 469 33.99 -43.22 -20.23
CA GLU A 469 35.35 -43.58 -19.83
C GLU A 469 36.34 -43.37 -20.97
N ALA A 470 35.90 -43.63 -22.21
CA ALA A 470 36.72 -43.30 -23.37
C ALA A 470 36.90 -41.79 -23.50
N LEU A 471 35.89 -41.01 -23.13
CA LEU A 471 36.04 -39.56 -23.11
C LEU A 471 36.92 -39.09 -21.97
N TYR A 472 37.09 -39.92 -20.94
CA TYR A 472 38.11 -39.64 -19.93
C TYR A 472 39.50 -40.00 -20.45
N ARG A 473 39.63 -41.20 -21.01
CA ARG A 473 40.89 -41.64 -21.62
C ARG A 473 41.42 -40.61 -22.61
N MET A 474 40.63 -40.29 -23.63
CA MET A 474 41.08 -39.38 -24.67
C MET A 474 41.22 -37.94 -24.16
N GLU A 475 40.63 -37.63 -23.00
CA GLU A 475 40.95 -36.37 -22.31
C GLU A 475 42.33 -36.43 -21.68
N GLN A 476 42.87 -37.64 -21.47
CA GLN A 476 44.14 -37.85 -20.79
C GLN A 476 45.25 -38.25 -21.73
N GLU A 477 44.95 -39.04 -22.77
CA GLU A 477 45.94 -39.51 -23.72
C GLU A 477 45.96 -38.72 -25.02
N GLY A 478 44.98 -37.83 -25.25
CA GLY A 478 44.80 -37.21 -26.54
C GLY A 478 45.64 -35.97 -26.75
N ASP A 479 45.53 -35.41 -27.96
CA ASP A 479 46.27 -34.21 -28.35
C ASP A 479 45.44 -32.97 -27.99
N PHE A 480 45.79 -31.81 -28.54
CA PHE A 480 45.15 -30.57 -28.08
C PHE A 480 43.69 -30.49 -28.52
N GLN A 481 43.40 -30.86 -29.76
CA GLN A 481 42.01 -30.83 -30.23
C GLN A 481 41.17 -31.87 -29.51
N GLN A 482 41.65 -33.11 -29.43
CA GLN A 482 40.89 -34.15 -28.75
C GLN A 482 40.75 -33.87 -27.26
N LYS A 483 41.70 -33.15 -26.66
CA LYS A 483 41.58 -32.80 -25.25
C LYS A 483 40.76 -31.54 -25.03
N ALA A 484 40.77 -30.62 -25.99
CA ALA A 484 39.80 -29.53 -25.96
C ALA A 484 38.40 -30.05 -26.27
N ALA A 485 38.29 -31.01 -27.19
CA ALA A 485 36.99 -31.54 -27.59
C ALA A 485 36.40 -32.46 -26.52
N ALA A 486 37.11 -33.55 -26.20
CA ALA A 486 36.59 -34.51 -25.23
C ALA A 486 36.37 -33.90 -23.86
N LYS A 487 36.93 -32.72 -23.58
CA LYS A 487 36.59 -32.02 -22.34
C LYS A 487 35.23 -31.34 -22.43
N ALA A 488 34.82 -30.93 -23.63
CA ALA A 488 33.52 -30.29 -23.79
C ALA A 488 32.38 -31.29 -23.70
N PHE A 489 32.58 -32.52 -24.21
CA PHE A 489 31.49 -33.50 -24.29
C PHE A 489 31.25 -34.26 -22.99
N ILE A 490 32.25 -34.36 -22.09
CA ILE A 490 32.05 -35.12 -20.85
C ILE A 490 30.88 -34.61 -20.02
N PRO A 491 30.72 -33.29 -19.78
CA PRO A 491 29.57 -32.84 -18.96
C PRO A 491 28.23 -33.41 -19.39
N TYR A 492 28.04 -33.66 -20.68
CA TYR A 492 26.76 -34.10 -21.22
C TYR A 492 26.65 -35.62 -21.27
N ILE A 493 27.71 -36.29 -21.71
CA ILE A 493 27.72 -37.76 -21.68
C ILE A 493 27.69 -38.26 -20.23
N GLN A 494 28.27 -37.48 -19.30
CA GLN A 494 28.23 -37.87 -17.89
C GLN A 494 26.84 -37.66 -17.31
N GLN A 495 26.28 -36.46 -17.48
CA GLN A 495 24.95 -36.20 -16.90
C GLN A 495 23.89 -37.07 -17.54
N ALA A 496 24.07 -37.47 -18.80
CA ALA A 496 23.18 -38.44 -19.40
C ALA A 496 23.37 -39.82 -18.79
N TRP A 497 24.62 -40.18 -18.50
CA TRP A 497 24.91 -41.47 -17.89
C TRP A 497 24.29 -41.58 -16.51
N ILE A 498 24.26 -40.47 -15.76
CA ILE A 498 23.62 -40.47 -14.44
C ILE A 498 22.12 -40.67 -14.56
N LEU A 499 21.52 -40.19 -15.65
CA LEU A 499 20.07 -40.29 -15.82
C LEU A 499 19.64 -41.66 -16.33
N ALA A 500 20.50 -42.34 -17.08
CA ALA A 500 20.17 -43.67 -17.57
C ALA A 500 20.39 -44.75 -16.51
N GLN A 501 21.11 -44.43 -15.45
CA GLN A 501 21.39 -45.40 -14.40
C GLN A 501 20.23 -45.47 -13.42
N ARG A 502 20.02 -46.66 -12.86
CA ARG A 502 18.98 -46.91 -11.87
C ARG A 502 19.63 -47.16 -10.52
N TYR A 503 18.92 -46.84 -9.45
CA TYR A 503 19.51 -46.78 -8.11
C TYR A 503 18.68 -47.58 -7.12
N ASP A 504 19.33 -47.94 -6.00
CA ASP A 504 18.65 -48.65 -4.92
C ASP A 504 17.80 -47.73 -4.06
N ALA A 505 18.07 -46.43 -4.07
CA ALA A 505 17.32 -45.48 -3.26
C ALA A 505 17.55 -44.08 -3.80
N VAL A 506 16.45 -43.33 -3.96
CA VAL A 506 16.50 -41.94 -4.39
C VAL A 506 16.01 -41.09 -3.22
N VAL A 507 16.93 -40.33 -2.62
CA VAL A 507 16.63 -39.47 -1.48
C VAL A 507 16.79 -38.03 -1.92
N ALA A 508 15.77 -37.21 -1.66
CA ALA A 508 15.82 -35.82 -2.09
C ALA A 508 14.81 -35.01 -1.32
N ASN A 509 15.09 -33.71 -1.19
CA ASN A 509 14.08 -32.71 -0.84
C ASN A 509 13.81 -31.92 -2.12
N PRO A 510 12.84 -32.34 -2.92
CA PRO A 510 12.68 -31.77 -4.27
C PRO A 510 12.25 -30.32 -4.19
N PRO A 511 12.33 -29.59 -5.31
CA PRO A 511 11.86 -28.20 -5.32
C PRO A 511 10.34 -28.12 -5.35
N TYR A 512 9.83 -26.96 -4.93
CA TYR A 512 8.40 -26.72 -4.76
C TYR A 512 8.00 -25.51 -5.60
N MET A 513 7.10 -25.72 -6.55
CA MET A 513 6.58 -24.63 -7.37
C MET A 513 5.25 -25.04 -7.98
N GLY A 514 4.17 -24.42 -7.53
CA GLY A 514 2.86 -24.68 -8.10
C GLY A 514 2.76 -24.17 -9.53
N GLY A 515 1.68 -24.61 -10.20
CA GLY A 515 1.46 -24.27 -11.59
C GLY A 515 1.11 -22.82 -11.87
N LYS A 516 1.52 -21.92 -10.99
CA LYS A 516 1.30 -20.49 -11.19
C LYS A 516 2.60 -19.70 -11.07
N GLY A 517 3.73 -20.39 -11.22
CA GLY A 517 5.04 -19.76 -11.32
C GLY A 517 5.86 -20.44 -12.38
N MET A 518 5.37 -21.59 -12.86
CA MET A 518 6.00 -22.29 -13.97
C MET A 518 5.94 -21.44 -15.23
N ASN A 519 7.03 -21.44 -16.00
CA ASN A 519 7.05 -20.63 -17.21
C ASN A 519 6.47 -21.42 -18.39
N SER A 520 6.45 -20.77 -19.56
CA SER A 520 5.81 -21.35 -20.74
C SER A 520 6.43 -22.70 -21.11
N GLU A 521 7.76 -22.76 -21.15
CA GLU A 521 8.44 -23.99 -21.54
C GLU A 521 8.04 -25.16 -20.64
N LEU A 522 7.96 -24.92 -19.33
CA LEU A 522 7.80 -26.02 -18.39
C LEU A 522 6.41 -26.65 -18.45
N LYS A 523 5.38 -25.82 -18.65
CA LYS A 523 4.01 -26.30 -18.52
C LYS A 523 3.71 -27.44 -19.51
N GLU A 524 3.92 -27.19 -20.80
CA GLU A 524 3.58 -28.20 -21.80
C GLU A 524 4.34 -29.50 -21.55
N PHE A 525 5.55 -29.42 -21.00
CA PHE A 525 6.28 -30.63 -20.65
C PHE A 525 5.57 -31.44 -19.57
N ALA A 526 4.73 -30.80 -18.77
CA ALA A 526 3.98 -31.48 -17.72
C ALA A 526 2.67 -32.09 -18.23
N LYS A 527 1.94 -31.38 -19.09
CA LYS A 527 0.68 -31.90 -19.59
C LYS A 527 0.89 -33.17 -20.42
N ASN A 528 1.96 -33.19 -21.21
CA ASN A 528 2.19 -34.29 -22.15
C ASN A 528 2.97 -35.45 -21.56
N ASN A 529 3.64 -35.27 -20.42
CA ASN A 529 4.47 -36.32 -19.85
C ASN A 529 4.09 -36.74 -18.44
N PHE A 530 3.36 -35.90 -17.70
CA PHE A 530 3.03 -36.20 -16.30
C PHE A 530 1.60 -35.77 -16.01
N PRO A 531 0.61 -36.37 -16.69
CA PRO A 531 -0.76 -35.89 -16.54
C PRO A 531 -1.35 -36.18 -15.17
N ASP A 532 -0.91 -37.25 -14.51
CA ASP A 532 -1.43 -37.58 -13.19
C ASP A 532 -0.97 -36.59 -12.14
N SER A 533 0.10 -35.85 -12.40
CA SER A 533 0.76 -35.02 -11.40
C SER A 533 1.27 -33.73 -12.03
N LYS A 534 0.45 -33.11 -12.88
CA LYS A 534 0.85 -31.91 -13.59
C LYS A 534 0.71 -30.64 -12.75
N ALA A 535 0.26 -30.75 -11.50
CA ALA A 535 -0.07 -29.56 -10.71
C ALA A 535 1.17 -28.86 -10.19
N ASP A 536 2.13 -29.60 -9.64
CA ASP A 536 3.29 -28.98 -9.00
C ASP A 536 4.53 -29.83 -9.25
N LEU A 537 5.70 -29.20 -9.09
CA LEU A 537 6.96 -29.85 -9.41
C LEU A 537 7.22 -31.06 -8.50
N PHE A 538 7.06 -30.86 -7.19
CA PHE A 538 7.39 -31.92 -6.23
C PHE A 538 6.71 -33.24 -6.55
N ALA A 539 5.54 -33.18 -7.21
CA ALA A 539 4.84 -34.40 -7.59
C ALA A 539 5.49 -35.05 -8.80
N MET A 540 5.88 -34.24 -9.80
CA MET A 540 6.58 -34.79 -10.96
C MET A 540 7.88 -35.46 -10.56
N PHE A 541 8.56 -34.94 -9.54
CA PHE A 541 9.74 -35.62 -9.01
C PHE A 541 9.36 -36.92 -8.33
N MET A 542 8.18 -36.99 -7.72
CA MET A 542 7.75 -38.22 -7.06
C MET A 542 7.49 -39.32 -8.07
N GLN A 543 6.77 -38.99 -9.16
CA GLN A 543 6.45 -39.99 -10.16
C GLN A 543 7.65 -40.31 -11.05
N ASN A 544 8.53 -39.33 -11.30
CA ASN A 544 9.70 -39.59 -12.12
C ASN A 544 10.74 -40.40 -11.36
N ALA A 545 10.88 -40.17 -10.05
CA ALA A 545 11.88 -40.90 -9.27
C ALA A 545 11.63 -42.40 -9.29
N PHE A 546 10.38 -42.83 -9.46
CA PHE A 546 10.11 -44.26 -9.58
C PHE A 546 10.70 -44.81 -10.87
N SER A 547 10.68 -44.01 -11.95
CA SER A 547 11.32 -44.42 -13.19
C SER A 547 12.83 -44.50 -13.09
N LEU A 548 13.40 -44.25 -11.90
CA LEU A 548 14.84 -44.24 -11.71
C LEU A 548 15.30 -45.26 -10.68
N LEU A 549 14.46 -46.24 -10.34
CA LEU A 549 14.77 -47.21 -9.30
C LEU A 549 14.79 -48.62 -9.85
N LYS A 550 15.56 -49.49 -9.20
CA LYS A 550 15.41 -50.92 -9.40
C LYS A 550 14.05 -51.36 -8.88
N GLU A 551 13.70 -52.62 -9.13
CA GLU A 551 12.36 -53.09 -8.74
C GLU A 551 12.18 -53.03 -7.22
N ASN A 552 13.16 -53.50 -6.47
CA ASN A 552 13.10 -53.47 -5.01
C ASN A 552 13.72 -52.21 -4.43
N GLY A 553 13.67 -51.08 -5.17
CA GLY A 553 14.28 -49.85 -4.72
C GLY A 553 13.35 -48.97 -3.92
N PHE A 554 13.93 -48.00 -3.24
CA PHE A 554 13.22 -47.13 -2.31
C PHE A 554 13.23 -45.69 -2.82
N ASN A 555 12.05 -45.10 -2.92
CA ASN A 555 11.92 -43.68 -3.18
C ASN A 555 11.65 -42.98 -1.85
N ALA A 556 12.46 -41.99 -1.52
CA ALA A 556 12.37 -41.30 -0.23
C ALA A 556 12.54 -39.81 -0.45
N GLN A 557 11.51 -39.04 -0.12
CA GLN A 557 11.53 -37.60 -0.31
C GLN A 557 10.78 -36.93 0.83
N VAL A 558 10.95 -35.62 0.96
CA VAL A 558 10.17 -34.81 1.88
C VAL A 558 9.42 -33.77 1.04
N ASN A 559 8.09 -33.90 0.99
CA ASN A 559 7.25 -33.19 0.04
C ASN A 559 6.20 -32.37 0.76
N MET A 560 5.61 -31.43 0.01
CA MET A 560 4.35 -30.84 0.43
C MET A 560 3.30 -31.93 0.60
N GLN A 561 2.30 -31.64 1.42
CA GLN A 561 1.30 -32.63 1.78
C GLN A 561 0.09 -32.65 0.84
N SER A 562 -0.04 -31.66 -0.05
CA SER A 562 -1.25 -31.53 -0.86
C SER A 562 -1.49 -32.73 -1.76
N TRP A 563 -0.45 -33.47 -2.14
CA TRP A 563 -0.63 -34.65 -2.97
C TRP A 563 -1.38 -35.76 -2.24
N MET A 564 -1.55 -35.66 -0.93
CA MET A 564 -2.31 -36.64 -0.18
C MET A 564 -3.81 -36.39 -0.20
N PHE A 565 -4.27 -35.21 -0.61
CA PHE A 565 -5.67 -34.85 -0.43
C PHE A 565 -6.34 -34.25 -1.67
N LEU A 566 -5.74 -33.20 -2.25
CA LEU A 566 -6.39 -32.45 -3.32
C LEU A 566 -6.83 -33.36 -4.45
N SER A 567 -8.10 -33.22 -4.84
CA SER A 567 -8.67 -34.07 -5.88
C SER A 567 -7.92 -33.96 -7.20
N SER A 568 -7.21 -32.85 -7.42
CA SER A 568 -6.40 -32.68 -8.63
C SER A 568 -5.21 -33.63 -8.66
N TYR A 569 -4.99 -34.42 -7.62
CA TYR A 569 -3.99 -35.47 -7.59
C TYR A 569 -4.60 -36.86 -7.54
N GLU A 570 -5.93 -36.97 -7.71
CA GLU A 570 -6.60 -38.27 -7.60
C GLU A 570 -6.02 -39.27 -8.59
N ALA A 571 -5.87 -38.86 -9.84
CA ALA A 571 -5.25 -39.73 -10.83
C ALA A 571 -3.88 -40.20 -10.36
N LEU A 572 -3.12 -39.32 -9.70
CA LEU A 572 -1.82 -39.71 -9.17
C LEU A 572 -1.97 -40.63 -7.97
N ARG A 573 -2.75 -40.20 -6.98
CA ARG A 573 -2.97 -41.03 -5.79
C ARG A 573 -3.50 -42.40 -6.19
N ASN A 574 -4.33 -42.45 -7.24
CA ASN A 574 -4.74 -43.74 -7.80
C ASN A 574 -3.54 -44.51 -8.34
N TRP A 575 -2.62 -43.81 -9.00
CA TRP A 575 -1.48 -44.47 -9.63
C TRP A 575 -0.52 -45.05 -8.60
N LEU A 576 -0.32 -44.36 -7.49
CA LEU A 576 0.64 -44.82 -6.49
C LEU A 576 0.18 -46.12 -5.84
N LEU A 577 -1.10 -46.21 -5.51
CA LEU A 577 -1.59 -47.33 -4.72
C LEU A 577 -1.52 -48.64 -5.50
N ASP A 578 -1.55 -48.58 -6.84
CA ASP A 578 -1.61 -49.78 -7.66
C ASP A 578 -0.23 -50.38 -7.94
N ASN A 579 0.82 -49.57 -8.02
CA ASN A 579 2.11 -50.05 -8.51
C ASN A 579 3.22 -50.07 -7.48
N LYS A 580 3.10 -49.33 -6.39
CA LYS A 580 4.20 -49.16 -5.45
C LYS A 580 3.78 -49.61 -4.05
N THR A 581 4.76 -49.64 -3.15
CA THR A 581 4.54 -50.02 -1.76
C THR A 581 5.01 -48.89 -0.84
N PHE A 582 4.07 -48.27 -0.14
CA PHE A 582 4.43 -47.34 0.92
C PHE A 582 5.18 -48.08 2.02
N ILE A 583 6.31 -47.51 2.45
CA ILE A 583 7.07 -48.10 3.55
C ILE A 583 6.81 -47.30 4.81
N THR A 584 7.46 -46.14 4.95
CA THR A 584 7.24 -45.26 6.09
C THR A 584 7.02 -43.84 5.61
N MET A 585 6.19 -43.11 6.36
CA MET A 585 5.90 -41.71 6.08
C MET A 585 5.78 -40.96 7.39
N ALA A 586 6.48 -39.82 7.48
CA ALA A 586 6.41 -38.93 8.63
C ALA A 586 5.72 -37.65 8.17
N HIS A 587 4.42 -37.55 8.46
CA HIS A 587 3.63 -36.38 8.09
C HIS A 587 3.98 -35.23 9.03
N LEU A 588 4.56 -34.17 8.48
CA LEU A 588 5.10 -33.06 9.26
C LEU A 588 4.13 -31.89 9.39
N GLY A 589 3.38 -31.57 8.35
CA GLY A 589 2.53 -30.39 8.43
C GLY A 589 3.37 -29.13 8.36
N ALA A 590 3.07 -28.18 9.24
CA ALA A 590 3.65 -26.85 9.18
C ALA A 590 4.77 -26.67 10.21
N ARG A 591 5.59 -25.65 9.97
CA ARG A 591 6.71 -25.27 10.84
C ARG A 591 7.72 -26.40 11.02
N ALA A 592 7.85 -27.27 10.02
CA ALA A 592 8.87 -28.31 10.09
C ALA A 592 10.26 -27.72 9.86
N PHE A 593 10.33 -26.60 9.15
CA PHE A 593 11.59 -25.92 8.84
C PHE A 593 11.67 -24.69 9.73
N GLY A 594 12.62 -24.68 10.66
CA GLY A 594 12.69 -23.63 11.66
C GLY A 594 13.18 -22.29 11.16
N GLN A 595 13.22 -22.07 9.84
CA GLN A 595 13.71 -20.80 9.30
C GLN A 595 12.92 -20.34 8.07
N ILE A 596 11.65 -20.71 7.99
CA ILE A 596 10.71 -20.07 7.07
C ILE A 596 9.60 -19.46 7.93
N SER A 597 9.03 -18.35 7.45
CA SER A 597 8.02 -17.61 8.18
C SER A 597 6.68 -17.73 7.48
N GLY A 598 5.64 -18.01 8.25
CA GLY A 598 4.27 -18.07 7.78
C GLY A 598 3.80 -19.50 7.56
N GLU A 599 2.49 -19.72 7.79
CA GLU A 599 1.88 -21.02 7.52
C GLU A 599 1.79 -21.30 6.03
N VAL A 600 2.88 -21.05 5.30
CA VAL A 600 2.87 -21.22 3.85
C VAL A 600 3.39 -22.60 3.44
N VAL A 601 4.03 -23.33 4.35
CA VAL A 601 4.77 -24.53 4.02
C VAL A 601 4.27 -25.68 4.88
N GLN A 602 3.61 -26.66 4.26
CA GLN A 602 3.17 -27.90 4.91
C GLN A 602 3.83 -29.07 4.21
N THR A 603 4.49 -29.94 4.97
CA THR A 603 5.34 -30.96 4.37
C THR A 603 5.00 -32.36 4.88
N THR A 604 5.67 -33.34 4.26
CA THR A 604 5.70 -34.73 4.70
C THR A 604 6.90 -35.41 4.04
N ALA A 605 7.55 -36.30 4.79
CA ALA A 605 8.63 -37.12 4.27
C ALA A 605 8.21 -38.58 4.31
N TRP A 606 8.64 -39.35 3.32
CA TRP A 606 8.11 -40.69 3.13
C TRP A 606 9.15 -41.57 2.46
N VAL A 607 8.88 -42.88 2.45
CA VAL A 607 9.69 -43.87 1.74
C VAL A 607 8.73 -44.82 1.05
N ILE A 608 8.84 -44.95 -0.28
CA ILE A 608 7.94 -45.81 -1.04
C ILE A 608 8.78 -46.77 -1.88
N LYS A 609 8.61 -48.07 -1.63
CA LYS A 609 9.26 -49.10 -2.42
C LYS A 609 8.74 -49.06 -3.85
N ASN A 610 9.59 -49.46 -4.80
CA ASN A 610 9.23 -49.46 -6.21
C ASN A 610 8.53 -50.76 -6.63
N GLN A 611 8.13 -51.58 -5.68
CA GLN A 611 7.40 -52.80 -5.93
C GLN A 611 5.99 -52.64 -5.38
N HIS A 612 5.02 -53.34 -5.97
CA HIS A 612 3.68 -53.33 -5.43
C HIS A 612 3.46 -54.55 -4.56
N SER A 613 3.21 -54.30 -3.27
CA SER A 613 2.78 -55.33 -2.33
C SER A 613 1.46 -54.87 -1.73
N GLU A 614 0.41 -55.68 -1.87
CA GLU A 614 -0.90 -55.33 -1.38
C GLU A 614 -0.95 -55.32 0.14
N ARG A 615 -0.91 -56.50 0.74
CA ARG A 615 -1.11 -56.72 2.17
C ARG A 615 -0.01 -56.07 3.05
N TYR A 616 0.88 -55.25 2.49
CA TYR A 616 1.95 -54.65 3.28
C TYR A 616 1.40 -53.67 4.29
N GLN A 617 2.04 -53.60 5.45
CA GLN A 617 1.56 -52.80 6.57
C GLN A 617 2.52 -51.63 6.80
N PRO A 618 2.24 -50.44 6.27
CA PRO A 618 3.16 -49.31 6.43
C PRO A 618 2.98 -48.59 7.76
N VAL A 619 4.00 -47.79 8.09
CA VAL A 619 4.09 -47.10 9.38
C VAL A 619 4.11 -45.59 9.14
N PHE A 620 3.22 -44.89 9.83
CA PHE A 620 3.05 -43.45 9.66
C PHE A 620 3.32 -42.75 10.99
N PHE A 621 3.78 -41.49 10.89
CA PHE A 621 4.00 -40.64 12.06
C PHE A 621 3.23 -39.34 11.87
N ARG A 622 2.25 -39.09 12.74
CA ARG A 622 1.50 -37.83 12.74
C ARG A 622 2.27 -36.82 13.59
N LEU A 623 3.13 -36.04 12.94
CA LEU A 623 3.89 -35.01 13.64
C LEU A 623 3.55 -33.64 13.10
N ILE A 624 2.28 -33.24 13.19
CA ILE A 624 1.86 -31.93 12.69
C ILE A 624 2.01 -30.84 13.73
N ASP A 625 2.10 -31.18 15.00
CA ASP A 625 2.09 -30.21 16.09
C ASP A 625 3.51 -29.78 16.46
N GLY A 626 3.62 -28.53 16.94
CA GLY A 626 4.83 -28.03 17.52
C GLY A 626 5.77 -27.39 16.53
N ARG A 627 6.88 -26.86 17.07
CA ARG A 627 7.94 -26.31 16.25
C ARG A 627 8.81 -27.44 15.69
N GLU A 628 9.88 -27.07 14.98
CA GLU A 628 10.77 -28.05 14.40
C GLU A 628 11.31 -29.02 15.45
N GLU A 629 11.63 -28.49 16.63
CA GLU A 629 12.24 -29.32 17.67
C GLU A 629 11.31 -30.42 18.16
N VAL A 630 9.99 -30.16 18.17
CA VAL A 630 9.06 -31.06 18.83
C VAL A 630 8.85 -32.32 17.99
N LYS A 631 8.45 -32.14 16.73
CA LYS A 631 8.29 -33.26 15.80
C LYS A 631 9.48 -34.18 15.86
N LYS A 632 10.67 -33.59 15.79
CA LYS A 632 11.92 -34.31 15.95
C LYS A 632 11.93 -35.13 17.23
N SER A 633 11.68 -34.47 18.37
CA SER A 633 11.65 -35.18 19.65
C SER A 633 10.58 -36.25 19.65
N ASP A 634 9.39 -35.95 19.13
CA ASP A 634 8.33 -36.95 19.08
C ASP A 634 8.61 -38.02 18.04
N LEU A 635 9.33 -37.66 16.96
CA LEU A 635 9.74 -38.68 15.99
C LEU A 635 10.71 -39.66 16.63
N LEU A 636 11.75 -39.13 17.29
CA LEU A 636 12.71 -39.98 17.98
C LEU A 636 12.02 -40.85 19.03
N LEU A 637 11.28 -40.22 19.95
CA LEU A 637 10.53 -40.96 20.96
C LEU A 637 9.46 -41.87 20.36
N ARG A 638 9.29 -41.88 19.03
CA ARG A 638 8.29 -42.69 18.35
C ARG A 638 6.89 -42.41 18.87
N LYS A 639 6.61 -41.14 19.16
CA LYS A 639 5.27 -40.73 19.51
C LYS A 639 4.42 -40.62 18.24
N ASN A 640 3.12 -40.89 18.41
CA ASN A 640 2.12 -40.66 17.37
C ASN A 640 2.29 -41.62 16.19
N ILE A 641 2.14 -42.92 16.44
CA ILE A 641 2.39 -43.96 15.44
C ILE A 641 1.07 -44.53 14.94
N PHE A 642 1.01 -44.83 13.64
CA PHE A 642 -0.14 -45.45 13.00
C PHE A 642 0.33 -46.64 12.17
N ASP A 643 -0.13 -47.84 12.51
CA ASP A 643 0.25 -49.04 11.76
C ASP A 643 -0.90 -50.04 11.77
N LYS A 644 -2.07 -49.62 11.28
CA LYS A 644 -3.23 -50.49 11.19
C LYS A 644 -3.84 -50.58 9.81
N PHE A 645 -3.44 -49.72 8.86
CA PHE A 645 -4.06 -49.63 7.56
C PHE A 645 -3.03 -49.92 6.48
N THR A 646 -3.31 -50.92 5.65
CA THR A 646 -2.50 -51.20 4.49
C THR A 646 -2.80 -50.18 3.39
N GLN A 647 -1.97 -50.18 2.34
CA GLN A 647 -2.20 -49.26 1.24
C GLN A 647 -3.42 -49.64 0.40
N HIS A 648 -3.93 -50.85 0.57
CA HIS A 648 -5.16 -51.25 -0.12
C HIS A 648 -6.39 -50.60 0.51
N ASP A 649 -6.31 -50.26 1.80
CA ASP A 649 -7.45 -49.65 2.48
C ASP A 649 -7.70 -48.22 2.01
N PHE A 650 -6.65 -47.49 1.60
CA PHE A 650 -6.81 -46.10 1.22
C PHE A 650 -7.50 -45.91 -0.13
N LYS A 651 -7.92 -46.97 -0.80
CA LYS A 651 -8.64 -46.86 -2.06
C LYS A 651 -10.15 -46.76 -1.88
N ASN A 652 -10.63 -46.72 -0.64
CA ASN A 652 -12.06 -46.69 -0.37
C ASN A 652 -12.62 -45.28 -0.21
N ILE A 653 -11.80 -44.26 -0.43
CA ILE A 653 -12.17 -42.88 -0.17
C ILE A 653 -12.24 -42.15 -1.51
N PRO A 654 -13.33 -41.46 -1.82
CA PRO A 654 -13.46 -40.83 -3.15
C PRO A 654 -12.37 -39.80 -3.39
N GLY A 655 -11.60 -40.02 -4.45
CA GLY A 655 -10.36 -39.31 -4.68
C GLY A 655 -9.13 -40.04 -4.20
N MET A 656 -9.31 -41.00 -3.28
CA MET A 656 -8.30 -41.93 -2.77
C MET A 656 -7.22 -41.22 -1.95
N PRO A 657 -7.58 -40.35 -1.00
CA PRO A 657 -6.54 -39.62 -0.26
C PRO A 657 -5.75 -40.51 0.68
N ILE A 658 -4.44 -40.31 0.68
CA ILE A 658 -3.60 -40.87 1.72
C ILE A 658 -4.29 -40.25 2.92
N ALA A 659 -4.82 -41.09 3.80
CA ALA A 659 -5.59 -40.65 4.96
C ALA A 659 -5.31 -41.71 6.01
N TYR A 660 -4.08 -41.70 6.54
CA TYR A 660 -3.74 -42.61 7.62
C TYR A 660 -4.42 -42.20 8.92
N TRP A 661 -4.73 -40.90 9.09
CA TRP A 661 -5.28 -40.46 10.38
C TRP A 661 -6.65 -41.06 10.63
N ILE A 662 -7.30 -41.59 9.59
CA ILE A 662 -8.60 -42.22 9.75
C ILE A 662 -8.47 -43.44 10.68
N ASP A 663 -9.58 -43.80 11.31
CA ASP A 663 -9.68 -45.02 12.07
C ASP A 663 -10.33 -46.10 11.20
N LEU A 664 -10.90 -47.14 11.82
CA LEU A 664 -11.30 -48.28 11.01
C LEU A 664 -12.81 -48.34 10.75
N PRO A 665 -13.68 -48.13 11.74
CA PRO A 665 -15.12 -48.12 11.45
C PRO A 665 -15.56 -47.00 10.52
N SER A 666 -14.80 -45.91 10.42
CA SER A 666 -15.13 -44.87 9.45
C SER A 666 -14.72 -45.27 8.04
N LEU A 667 -13.63 -46.03 7.91
CA LEU A 667 -13.24 -46.55 6.60
C LEU A 667 -14.23 -47.59 6.10
N LEU A 668 -14.70 -48.47 6.98
CA LEU A 668 -15.65 -49.51 6.62
C LEU A 668 -17.09 -49.00 6.51
N SER A 669 -17.29 -47.68 6.54
CA SER A 669 -18.60 -47.09 6.31
C SER A 669 -18.73 -46.46 4.92
N PHE A 670 -17.63 -46.01 4.31
CA PHE A 670 -17.69 -45.59 2.92
C PHE A 670 -18.11 -46.73 2.00
N ARG A 671 -17.78 -47.97 2.38
CA ARG A 671 -18.08 -49.13 1.56
C ARG A 671 -19.47 -49.70 1.81
N HIS A 672 -20.02 -49.53 3.01
CA HIS A 672 -21.27 -50.16 3.40
C HIS A 672 -22.50 -49.29 3.13
N HIS A 673 -22.32 -48.02 2.74
CA HIS A 673 -23.43 -47.08 2.66
C HIS A 673 -23.29 -46.24 1.39
N LYS A 674 -24.26 -45.36 1.17
CA LYS A 674 -24.40 -44.60 -0.06
C LYS A 674 -23.97 -43.15 0.11
N LYS A 675 -23.58 -42.52 -1.00
CA LYS A 675 -23.09 -41.15 -0.97
C LYS A 675 -24.21 -40.14 -0.76
N LEU A 676 -23.87 -39.04 -0.07
CA LEU A 676 -24.80 -37.97 0.24
C LEU A 676 -25.18 -37.16 -1.00
N GLY A 677 -24.23 -36.43 -1.56
CA GLY A 677 -24.48 -35.61 -2.74
C GLY A 677 -24.93 -36.39 -3.95
N GLU A 678 -24.90 -37.72 -3.87
CA GLU A 678 -25.62 -38.55 -4.82
C GLU A 678 -27.12 -38.38 -4.61
N LYS A 679 -27.61 -38.75 -3.42
CA LYS A 679 -29.02 -38.63 -3.07
C LYS A 679 -29.57 -37.23 -3.30
N ILE A 680 -28.86 -36.21 -2.81
CA ILE A 680 -29.35 -34.85 -2.81
C ILE A 680 -28.64 -34.06 -3.89
N ALA A 681 -29.38 -33.21 -4.61
CA ALA A 681 -28.82 -32.45 -5.72
C ALA A 681 -28.03 -31.26 -5.18
N LEU A 682 -26.78 -31.52 -4.84
CA LEU A 682 -25.88 -30.45 -4.43
C LEU A 682 -25.60 -29.57 -5.65
N LYS A 683 -26.21 -28.39 -5.68
CA LYS A 683 -26.09 -27.48 -6.81
C LYS A 683 -25.45 -26.18 -6.37
N ALA A 684 -24.45 -25.75 -7.12
CA ALA A 684 -23.95 -24.39 -6.97
C ALA A 684 -24.97 -23.42 -7.56
N GLY A 685 -25.07 -22.24 -6.94
CA GLY A 685 -26.01 -21.22 -7.36
C GLY A 685 -25.46 -20.37 -8.48
N MET A 686 -26.17 -19.27 -8.75
CA MET A 686 -25.69 -18.34 -9.75
C MET A 686 -24.40 -17.67 -9.27
N SER A 687 -23.75 -16.96 -10.17
CA SER A 687 -22.77 -15.95 -9.79
C SER A 687 -23.22 -14.67 -10.48
N THR A 688 -23.77 -13.75 -9.70
CA THR A 688 -24.36 -12.55 -10.27
C THR A 688 -23.33 -11.70 -11.02
N GLY A 689 -22.05 -11.92 -10.77
CA GLY A 689 -20.96 -11.11 -11.28
C GLY A 689 -20.66 -9.90 -10.41
N ASP A 690 -21.69 -9.35 -9.75
CA ASP A 690 -21.53 -8.14 -8.94
C ASP A 690 -22.57 -8.23 -7.82
N ASN A 691 -22.13 -8.62 -6.62
CA ASN A 691 -23.03 -8.70 -5.47
C ASN A 691 -23.44 -7.31 -4.97
N ILE A 692 -22.68 -6.27 -5.29
CA ILE A 692 -23.01 -4.93 -4.82
C ILE A 692 -24.12 -4.30 -5.64
N LYS A 693 -24.28 -4.67 -6.90
CA LYS A 693 -25.33 -4.11 -7.74
C LYS A 693 -26.67 -4.83 -7.57
N PHE A 694 -26.66 -6.16 -7.37
CA PHE A 694 -27.87 -6.96 -7.46
C PHE A 694 -28.41 -7.47 -6.13
N GLN A 695 -27.62 -7.50 -5.07
CA GLN A 695 -28.01 -8.09 -3.80
C GLN A 695 -28.27 -7.01 -2.75
N ARG A 696 -29.28 -7.23 -1.92
CA ARG A 696 -29.69 -6.26 -0.91
C ARG A 696 -30.08 -6.95 0.38
N TYR A 697 -30.02 -6.19 1.47
CA TYR A 697 -30.69 -6.56 2.71
C TYR A 697 -32.17 -6.22 2.58
N TRP A 698 -33.03 -7.15 3.00
CA TRP A 698 -34.46 -7.03 2.70
C TRP A 698 -35.06 -5.74 3.26
N TYR A 699 -34.53 -5.24 4.38
CA TYR A 699 -35.08 -4.03 4.98
C TYR A 699 -34.70 -2.76 4.22
N GLU A 700 -33.77 -2.86 3.26
CA GLU A 700 -33.37 -1.68 2.51
C GLU A 700 -34.43 -1.25 1.50
N VAL A 701 -35.23 -2.20 1.01
CA VAL A 701 -36.15 -1.94 -0.09
C VAL A 701 -37.58 -2.04 0.40
N SER A 702 -38.49 -1.43 -0.39
CA SER A 702 -39.92 -1.50 -0.14
C SER A 702 -40.39 -2.94 -0.01
N ILE A 703 -41.16 -3.22 1.05
CA ILE A 703 -41.73 -4.55 1.22
C ILE A 703 -42.74 -4.85 0.12
N LYS A 704 -43.34 -3.82 -0.48
CA LYS A 704 -44.22 -4.03 -1.62
C LYS A 704 -43.48 -4.60 -2.81
N LYS A 705 -42.19 -4.25 -2.96
CA LYS A 705 -41.37 -4.67 -4.09
C LYS A 705 -40.57 -5.94 -3.81
N THR A 706 -41.00 -6.76 -2.87
CA THR A 706 -40.33 -8.01 -2.55
C THR A 706 -41.30 -9.19 -2.63
N LEU A 707 -40.76 -10.37 -2.89
CA LEU A 707 -41.57 -11.58 -2.97
C LEU A 707 -41.87 -12.08 -1.56
N ILE A 708 -41.78 -11.19 -0.58
CA ILE A 708 -42.05 -11.57 0.79
C ILE A 708 -43.55 -11.52 1.04
N THR A 709 -44.11 -12.64 1.49
CA THR A 709 -45.54 -12.73 1.78
C THR A 709 -45.79 -12.18 3.18
N ASN A 710 -46.33 -10.97 3.26
CA ASN A 710 -46.55 -10.30 4.52
C ASN A 710 -47.84 -10.79 5.18
N LYS A 711 -47.88 -10.70 6.52
CA LYS A 711 -49.08 -11.04 7.27
C LYS A 711 -50.21 -10.03 7.13
N GLU A 712 -50.00 -8.94 6.39
CA GLU A 712 -50.98 -7.87 6.31
C GLU A 712 -51.32 -7.46 4.88
N SER A 713 -50.78 -8.15 3.87
CA SER A 713 -51.07 -7.86 2.47
C SER A 713 -51.70 -9.09 1.83
N ASN A 714 -53.01 -9.25 2.00
CA ASN A 714 -53.77 -10.30 1.31
C ASN A 714 -53.99 -9.97 -0.17
N THR A 715 -53.71 -8.74 -0.60
CA THR A 715 -53.76 -8.42 -2.01
C THR A 715 -52.81 -9.34 -2.77
N LYS A 716 -53.30 -9.92 -3.87
CA LYS A 716 -52.49 -10.84 -4.65
C LYS A 716 -51.19 -10.18 -5.09
N ILE A 717 -50.07 -10.82 -4.76
CA ILE A 717 -48.75 -10.32 -5.16
C ILE A 717 -48.67 -10.30 -6.68
N ASP A 718 -48.77 -9.11 -7.26
CA ASP A 718 -48.68 -8.93 -8.70
C ASP A 718 -47.24 -9.18 -9.13
N ILE A 719 -46.99 -10.29 -9.80
CA ILE A 719 -45.62 -10.75 -10.06
C ILE A 719 -44.99 -9.93 -11.19
N HIS A 720 -45.68 -8.87 -11.64
CA HIS A 720 -45.10 -7.94 -12.60
C HIS A 720 -44.39 -6.77 -11.92
N ASN A 721 -44.88 -6.32 -10.76
CA ASN A 721 -44.24 -5.25 -10.00
C ASN A 721 -43.10 -5.74 -9.10
N ILE A 722 -42.82 -7.04 -9.10
CA ILE A 722 -41.90 -7.63 -8.13
C ILE A 722 -40.48 -7.52 -8.66
N LYS A 723 -39.61 -6.90 -7.87
CA LYS A 723 -38.22 -6.67 -8.24
C LYS A 723 -37.22 -7.43 -7.38
N TRP A 724 -37.55 -7.69 -6.11
CA TRP A 724 -36.62 -8.28 -5.17
C TRP A 724 -37.15 -9.61 -4.66
N PHE A 725 -36.30 -10.64 -4.73
CA PHE A 725 -36.63 -11.98 -4.30
C PHE A 725 -35.60 -12.43 -3.26
N PRO A 726 -36.04 -13.09 -2.18
CA PRO A 726 -35.10 -13.50 -1.14
C PRO A 726 -34.05 -14.46 -1.68
N CYS A 727 -32.78 -14.13 -1.45
CA CYS A 727 -31.66 -14.89 -1.98
C CYS A 727 -30.80 -15.43 -0.84
N SER A 728 -30.56 -16.74 -0.86
CA SER A 728 -29.63 -17.36 0.08
C SER A 728 -28.20 -17.04 -0.37
N SER A 729 -27.47 -16.26 0.42
CA SER A 729 -26.15 -15.76 0.04
C SER A 729 -25.16 -16.01 1.19
N GLY A 730 -24.86 -17.29 1.44
CA GLY A 730 -23.83 -17.64 2.39
C GLY A 730 -24.18 -17.22 3.80
N GLY A 731 -23.22 -16.58 4.47
CA GLY A 731 -23.43 -16.03 5.79
C GLY A 731 -22.60 -16.72 6.84
N GLU A 732 -23.08 -16.62 8.08
CA GLU A 732 -22.38 -17.14 9.25
C GLU A 732 -22.81 -18.56 9.58
N TYR A 733 -22.07 -19.21 10.46
CA TYR A 733 -22.49 -20.56 10.91
C TYR A 733 -23.91 -20.44 11.45
N ARG A 734 -24.71 -21.48 11.36
CA ARG A 734 -26.09 -21.51 11.90
C ARG A 734 -26.54 -22.95 11.72
N LYS A 735 -27.24 -23.52 12.71
CA LYS A 735 -27.50 -24.97 12.57
C LYS A 735 -28.89 -25.29 12.05
N TRP A 736 -29.80 -24.35 11.91
CA TRP A 736 -31.09 -24.84 11.37
C TRP A 736 -31.91 -23.88 10.50
N TYR A 737 -31.79 -22.55 10.62
CA TYR A 737 -32.74 -21.75 9.79
C TYR A 737 -32.37 -20.31 9.44
N GLY A 738 -31.51 -19.63 10.19
CA GLY A 738 -31.31 -18.19 9.93
C GLY A 738 -30.69 -17.76 8.61
N ASN A 739 -30.28 -16.49 8.52
CA ASN A 739 -29.54 -15.96 7.34
C ASN A 739 -30.50 -15.55 6.22
N ASN A 740 -31.77 -15.39 6.53
CA ASN A 740 -32.74 -15.01 5.51
C ASN A 740 -32.71 -13.48 5.34
N GLU A 741 -31.56 -12.99 4.91
CA GLU A 741 -31.32 -11.56 4.91
C GLU A 741 -31.07 -10.95 3.54
N ILE A 742 -30.58 -11.72 2.58
CA ILE A 742 -30.22 -11.19 1.27
C ILE A 742 -31.39 -11.37 0.30
N VAL A 743 -31.74 -10.31 -0.41
CA VAL A 743 -32.66 -10.38 -1.52
C VAL A 743 -31.93 -9.91 -2.77
N VAL A 744 -32.15 -10.61 -3.88
CA VAL A 744 -31.45 -10.30 -5.12
C VAL A 744 -32.48 -9.80 -6.13
N ASN A 745 -31.97 -9.06 -7.13
CA ASN A 745 -32.81 -8.52 -8.19
C ASN A 745 -33.07 -9.62 -9.22
N TRP A 746 -34.30 -10.12 -9.26
CA TRP A 746 -34.71 -11.17 -10.20
C TRP A 746 -35.98 -10.75 -10.93
N GLU A 747 -36.05 -9.48 -11.34
CA GLU A 747 -37.16 -8.99 -12.14
C GLU A 747 -37.05 -9.51 -13.56
N ASN A 748 -38.21 -9.68 -14.21
CA ASN A 748 -38.28 -10.16 -15.59
C ASN A 748 -37.51 -11.46 -15.76
N ASN A 749 -37.59 -12.34 -14.76
CA ASN A 749 -36.85 -13.60 -14.75
C ASN A 749 -35.34 -13.37 -14.84
N GLY A 750 -34.88 -12.23 -14.32
CA GLY A 750 -33.46 -11.95 -14.28
C GLY A 750 -32.89 -11.27 -15.50
N TYR A 751 -33.67 -10.42 -16.18
CA TYR A 751 -33.22 -9.78 -17.41
C TYR A 751 -31.91 -9.02 -17.23
N GLU A 752 -31.67 -8.51 -16.02
CA GLU A 752 -30.46 -7.73 -15.79
C GLU A 752 -29.26 -8.61 -15.48
N ILE A 753 -29.46 -9.68 -14.72
CA ILE A 753 -28.34 -10.59 -14.44
C ILE A 753 -27.97 -11.37 -15.70
N ARG A 754 -28.94 -11.66 -16.56
CA ARG A 754 -28.69 -12.49 -17.73
C ARG A 754 -27.97 -11.73 -18.84
N ASN A 755 -28.31 -10.45 -19.05
CA ASN A 755 -27.66 -9.63 -20.07
C ASN A 755 -26.46 -8.84 -19.55
N PHE A 756 -26.17 -8.94 -18.25
CA PHE A 756 -25.05 -8.25 -17.62
C PHE A 756 -23.72 -8.66 -18.26
N LYS A 757 -23.16 -7.79 -19.10
CA LYS A 757 -21.97 -8.10 -19.87
C LYS A 757 -20.84 -7.12 -19.60
N PHE A 758 -19.61 -7.57 -19.89
CA PHE A 758 -18.44 -6.70 -19.86
C PHE A 758 -18.48 -5.75 -21.06
N GLU A 759 -17.35 -5.12 -21.34
CA GLU A 759 -17.32 -4.09 -22.38
C GLU A 759 -17.36 -4.70 -23.77
N ASN A 760 -16.65 -5.81 -24.00
CA ASN A 760 -16.54 -6.32 -25.36
C ASN A 760 -17.80 -7.06 -25.80
N GLY A 761 -18.46 -7.78 -24.88
CA GLY A 761 -19.66 -8.51 -25.23
C GLY A 761 -19.82 -9.83 -24.50
N LYS A 762 -18.77 -10.26 -23.80
CA LYS A 762 -18.83 -11.46 -22.98
C LYS A 762 -19.75 -11.23 -21.79
N THR A 763 -20.36 -12.31 -21.31
CA THR A 763 -21.33 -12.24 -20.23
C THR A 763 -20.63 -12.49 -18.89
N ARG A 764 -20.88 -11.59 -17.93
CA ARG A 764 -20.18 -11.56 -16.66
C ARG A 764 -20.81 -12.47 -15.61
N SER A 765 -22.14 -12.47 -15.52
CA SER A 765 -22.82 -13.32 -14.55
C SER A 765 -22.79 -14.78 -14.99
N ALA A 766 -23.29 -15.65 -14.11
CA ALA A 766 -23.28 -17.09 -14.39
C ALA A 766 -24.50 -17.72 -13.71
N VAL A 767 -25.66 -17.55 -14.35
CA VAL A 767 -26.91 -18.13 -13.83
C VAL A 767 -26.85 -19.64 -14.04
N ARG A 768 -26.70 -20.38 -12.94
CA ARG A 768 -26.63 -21.83 -12.98
C ARG A 768 -27.78 -22.43 -12.18
N ASN A 769 -28.24 -23.60 -12.63
CA ASN A 769 -29.25 -24.37 -11.92
C ASN A 769 -30.47 -23.51 -11.56
N ASP A 770 -30.83 -22.59 -12.46
CA ASP A 770 -32.00 -21.76 -12.18
C ASP A 770 -33.30 -22.52 -12.32
N GLU A 771 -33.24 -23.82 -12.61
CA GLU A 771 -34.42 -24.67 -12.51
C GLU A 771 -34.78 -24.98 -11.07
N TYR A 772 -33.82 -24.87 -10.16
CA TYR A 772 -34.01 -25.18 -8.74
C TYR A 772 -34.42 -23.97 -7.92
N TYR A 773 -34.69 -22.84 -8.56
CA TYR A 773 -35.04 -21.62 -7.85
C TYR A 773 -36.45 -21.71 -7.31
N PHE A 774 -36.71 -20.95 -6.24
CA PHE A 774 -38.00 -20.88 -5.55
C PHE A 774 -38.43 -22.22 -4.99
N ARG A 775 -37.59 -23.24 -5.07
CA ARG A 775 -37.89 -24.53 -4.48
C ARG A 775 -37.65 -24.52 -2.98
N GLU A 776 -38.27 -25.48 -2.31
CA GLU A 776 -37.96 -25.78 -0.92
C GLU A 776 -36.71 -26.65 -0.87
N GLY A 777 -35.75 -26.25 -0.05
CA GLY A 777 -34.54 -27.02 0.07
C GLY A 777 -33.75 -26.61 1.30
N ILE A 778 -32.47 -26.94 1.29
CA ILE A 778 -31.58 -26.50 2.36
C ILE A 778 -30.54 -25.56 1.77
N THR A 779 -29.58 -25.17 2.60
CA THR A 779 -28.50 -24.29 2.17
C THR A 779 -27.39 -24.35 3.21
N TRP A 780 -26.21 -23.90 2.81
CA TRP A 780 -25.09 -23.81 3.73
C TRP A 780 -24.17 -22.69 3.28
N SER A 781 -23.39 -22.17 4.22
CA SER A 781 -22.31 -21.27 3.84
C SER A 781 -21.30 -22.08 3.05
N LYS A 782 -21.14 -21.77 1.76
CA LYS A 782 -20.10 -22.41 0.97
C LYS A 782 -18.73 -22.23 1.62
N ILE A 783 -18.55 -21.14 2.35
CA ILE A 783 -17.29 -20.80 2.99
C ILE A 783 -17.57 -20.62 4.48
N SER A 784 -16.93 -21.44 5.32
CA SER A 784 -17.12 -21.39 6.75
C SER A 784 -15.80 -21.66 7.46
N GLN A 785 -15.46 -20.79 8.43
CA GLN A 785 -14.23 -20.96 9.18
C GLN A 785 -14.32 -22.16 10.12
N GLY A 786 -15.43 -22.26 10.85
CA GLY A 786 -15.59 -23.32 11.82
C GLY A 786 -16.04 -24.64 11.22
N ASN A 787 -17.14 -25.16 11.72
CA ASN A 787 -17.64 -26.47 11.33
C ASN A 787 -18.51 -26.34 10.08
N PHE A 788 -19.24 -27.40 9.77
CA PHE A 788 -20.21 -27.41 8.68
C PHE A 788 -21.61 -27.42 9.27
N CYS A 789 -22.49 -26.62 8.66
CA CYS A 789 -23.86 -26.46 9.13
C CYS A 789 -24.76 -26.16 7.95
N VAL A 790 -25.97 -26.70 7.97
CA VAL A 790 -26.95 -26.37 6.95
C VAL A 790 -28.17 -25.76 7.62
N ARG A 791 -28.98 -25.10 6.80
CA ARG A 791 -30.19 -24.44 7.25
C ARG A 791 -31.30 -24.74 6.26
N TYR A 792 -32.52 -24.79 6.77
CA TYR A 792 -33.67 -24.99 5.90
C TYR A 792 -33.93 -23.73 5.09
N ARG A 793 -34.56 -23.91 3.93
CA ARG A 793 -34.75 -22.83 2.96
C ARG A 793 -36.12 -23.00 2.30
N PRO A 794 -37.12 -22.22 2.72
CA PRO A 794 -38.48 -22.39 2.19
C PRO A 794 -38.61 -21.98 0.74
N LYS A 795 -39.80 -22.16 0.17
CA LYS A 795 -40.05 -21.77 -1.21
C LYS A 795 -40.04 -20.26 -1.35
N GLY A 796 -39.80 -19.79 -2.57
CA GLY A 796 -39.70 -18.37 -2.83
C GLY A 796 -38.31 -17.80 -2.70
N PHE A 797 -37.29 -18.64 -2.59
CA PHE A 797 -35.90 -18.19 -2.54
C PHE A 797 -35.18 -18.49 -3.84
N VAL A 798 -34.13 -17.71 -4.08
CA VAL A 798 -33.12 -18.06 -5.08
C VAL A 798 -31.81 -18.19 -4.31
N PHE A 799 -30.70 -18.28 -5.04
CA PHE A 799 -29.41 -18.45 -4.36
C PHE A 799 -28.29 -18.30 -5.38
N ASP A 800 -27.17 -17.75 -4.91
CA ASP A 800 -26.01 -17.55 -5.75
C ASP A 800 -24.92 -18.58 -5.39
N ASP A 801 -23.70 -18.32 -5.85
CA ASP A 801 -22.60 -19.26 -5.65
C ASP A 801 -22.04 -19.21 -4.23
N THR A 802 -22.24 -18.10 -3.51
CA THR A 802 -21.80 -18.02 -2.11
C THR A 802 -22.72 -18.79 -1.17
N GLY A 803 -23.96 -19.05 -1.57
CA GLY A 803 -24.88 -19.82 -0.77
C GLY A 803 -25.39 -21.04 -1.51
N ARG A 804 -24.58 -22.09 -1.56
CA ARG A 804 -24.95 -23.30 -2.29
C ARG A 804 -26.14 -23.97 -1.61
N CYS A 805 -26.96 -24.65 -2.42
CA CYS A 805 -28.18 -25.26 -1.92
C CYS A 805 -28.30 -26.68 -2.46
N GLY A 806 -28.61 -27.60 -1.56
CA GLY A 806 -29.06 -28.93 -1.96
C GLY A 806 -30.57 -28.98 -2.04
N PHE A 807 -31.07 -29.87 -2.90
CA PHE A 807 -32.49 -30.04 -3.07
C PHE A 807 -32.81 -31.52 -3.13
N SER A 808 -34.02 -31.86 -2.70
CA SER A 808 -34.55 -33.20 -2.90
C SER A 808 -36.04 -33.08 -3.15
N ASN A 809 -36.62 -34.16 -3.66
CA ASN A 809 -38.07 -34.20 -3.85
C ASN A 809 -38.81 -34.69 -2.60
N ASN A 810 -38.25 -35.64 -1.88
CA ASN A 810 -38.82 -36.06 -0.60
C ASN A 810 -38.47 -35.04 0.47
N LYS A 811 -39.50 -34.50 1.15
CA LYS A 811 -39.24 -33.56 2.23
C LYS A 811 -38.55 -34.25 3.40
N ASN A 812 -38.86 -35.53 3.63
CA ASN A 812 -38.22 -36.26 4.72
C ASN A 812 -36.73 -36.38 4.50
N GLU A 813 -36.30 -36.82 3.30
CA GLU A 813 -34.88 -36.84 2.99
C GLU A 813 -34.29 -35.43 3.05
N LEU A 814 -35.05 -34.42 2.61
CA LEU A 814 -34.56 -33.05 2.69
C LEU A 814 -34.29 -32.63 4.12
N LEU A 815 -35.04 -33.20 5.07
CA LEU A 815 -34.81 -32.96 6.49
C LEU A 815 -33.80 -33.95 7.06
N TYR A 816 -33.94 -35.24 6.73
CA TYR A 816 -32.97 -36.23 7.15
C TYR A 816 -31.56 -35.86 6.70
N ALA A 817 -31.44 -35.19 5.55
CA ALA A 817 -30.15 -34.63 5.16
C ALA A 817 -29.80 -33.42 6.00
N ALA A 818 -30.74 -32.47 6.12
CA ALA A 818 -30.51 -31.30 6.96
C ALA A 818 -30.18 -31.71 8.39
N GLY A 819 -30.76 -32.81 8.88
CA GLY A 819 -30.39 -33.31 10.18
C GLY A 819 -29.01 -33.94 10.21
N LEU A 820 -28.60 -34.56 9.11
CA LEU A 820 -27.25 -35.12 9.04
C LEU A 820 -26.21 -34.01 8.92
N MET A 821 -26.36 -33.15 7.92
CA MET A 821 -25.35 -32.16 7.54
C MET A 821 -25.08 -31.12 8.62
N CYS A 822 -25.59 -31.33 9.84
CA CYS A 822 -25.36 -30.43 10.95
C CYS A 822 -24.68 -31.08 12.14
N THR A 823 -24.50 -32.41 12.11
CA THR A 823 -23.91 -33.12 13.23
C THR A 823 -22.40 -32.89 13.26
N PRO A 824 -21.76 -33.16 14.41
CA PRO A 824 -20.31 -33.35 14.39
C PRO A 824 -19.89 -34.53 13.55
N VAL A 825 -20.84 -35.39 13.17
CA VAL A 825 -20.54 -36.55 12.34
C VAL A 825 -20.14 -36.11 10.94
N VAL A 826 -20.87 -35.17 10.35
CA VAL A 826 -20.53 -34.67 9.03
C VAL A 826 -19.18 -33.97 9.06
N ASN A 827 -18.98 -33.10 10.04
CA ASN A 827 -17.69 -32.43 10.20
C ASN A 827 -16.57 -33.41 10.52
N HIS A 828 -16.89 -34.68 10.79
CA HIS A 828 -15.88 -35.71 10.91
C HIS A 828 -15.42 -36.20 9.55
N TYR A 829 -16.34 -36.30 8.59
CA TYR A 829 -15.99 -36.72 7.25
C TYR A 829 -15.34 -35.60 6.45
N LEU A 830 -15.93 -34.40 6.50
CA LEU A 830 -15.40 -33.27 5.74
C LEU A 830 -13.97 -32.93 6.14
N SER A 831 -13.52 -33.38 7.32
CA SER A 831 -12.10 -33.33 7.64
C SER A 831 -11.29 -34.21 6.71
N ILE A 832 -11.83 -35.38 6.37
CA ILE A 832 -11.13 -36.39 5.58
C ILE A 832 -10.99 -35.94 4.13
N LEU A 833 -12.12 -35.83 3.43
CA LEU A 833 -12.11 -35.66 1.98
C LEU A 833 -11.38 -34.40 1.53
N ALA A 834 -11.30 -33.37 2.38
CA ALA A 834 -10.65 -32.11 2.02
C ALA A 834 -10.46 -31.22 3.25
N PRO A 835 -9.31 -31.28 3.92
CA PRO A 835 -9.08 -30.39 5.06
C PRO A 835 -8.80 -28.95 4.65
N THR A 836 -9.87 -28.20 4.37
CA THR A 836 -9.77 -26.77 4.05
C THR A 836 -10.88 -26.04 4.80
N LEU A 837 -11.26 -24.87 4.28
CA LEU A 837 -12.47 -24.17 4.71
C LEU A 837 -13.55 -24.17 3.64
N SER A 838 -13.25 -24.71 2.46
CA SER A 838 -14.18 -24.71 1.33
C SER A 838 -15.09 -25.93 1.42
N PHE A 839 -16.39 -25.68 1.50
CA PHE A 839 -17.40 -26.73 1.56
C PHE A 839 -18.22 -26.65 0.28
N THR A 840 -17.63 -27.15 -0.81
CA THR A 840 -18.27 -27.06 -2.12
C THR A 840 -19.30 -28.18 -2.32
N SER A 841 -19.54 -28.53 -3.58
CA SER A 841 -20.48 -29.58 -3.94
C SER A 841 -19.78 -30.86 -4.39
N GLY A 842 -18.45 -30.91 -4.31
CA GLY A 842 -17.69 -32.04 -4.81
C GLY A 842 -17.19 -33.01 -3.76
N GLU A 843 -16.55 -32.48 -2.71
CA GLU A 843 -16.20 -33.32 -1.58
C GLU A 843 -17.42 -33.62 -0.73
N LEU A 844 -18.29 -32.62 -0.55
CA LEU A 844 -19.53 -32.81 0.21
C LEU A 844 -20.40 -33.90 -0.41
N ALA A 845 -20.26 -34.14 -1.72
CA ALA A 845 -21.07 -35.15 -2.37
C ALA A 845 -20.62 -36.56 -2.04
N SER A 846 -19.35 -36.73 -1.67
CA SER A 846 -18.80 -38.04 -1.35
C SER A 846 -19.09 -38.48 0.08
N VAL A 847 -19.87 -37.69 0.83
CA VAL A 847 -20.18 -38.01 2.23
C VAL A 847 -21.08 -39.24 2.28
N PRO A 848 -20.85 -40.16 3.22
CA PRO A 848 -21.77 -41.30 3.38
C PRO A 848 -23.17 -40.86 3.78
N TYR A 849 -24.12 -41.81 3.73
CA TYR A 849 -25.52 -41.50 3.98
C TYR A 849 -26.36 -42.78 4.07
N PRO A 850 -26.77 -43.20 5.28
CA PRO A 850 -27.41 -44.52 5.42
C PRO A 850 -28.93 -44.49 5.38
N GLU A 851 -29.55 -45.62 5.77
CA GLU A 851 -30.99 -45.79 5.71
C GLU A 851 -31.71 -44.73 6.54
N ILE A 852 -33.00 -44.58 6.26
CA ILE A 852 -33.80 -43.54 6.88
C ILE A 852 -34.49 -44.09 8.13
N GLU A 853 -34.35 -43.37 9.24
CA GLU A 853 -35.10 -43.64 10.45
C GLU A 853 -36.09 -42.51 10.70
N ASP A 854 -37.28 -42.86 11.17
CA ASP A 854 -38.34 -41.87 11.29
C ASP A 854 -38.21 -41.01 12.53
N GLU A 855 -37.45 -41.46 13.54
CA GLU A 855 -37.27 -40.66 14.74
C GLU A 855 -36.54 -39.36 14.45
N ILE A 856 -35.49 -39.42 13.62
CA ILE A 856 -34.65 -38.25 13.40
C ILE A 856 -35.42 -37.14 12.70
N ILE A 857 -36.40 -37.49 11.86
CA ILE A 857 -37.13 -36.48 11.11
C ILE A 857 -37.98 -35.61 12.04
N GLU A 858 -38.48 -36.18 13.13
CA GLU A 858 -39.18 -35.36 14.12
C GLU A 858 -38.20 -34.48 14.89
N LEU A 859 -37.11 -35.07 15.38
CA LEU A 859 -36.09 -34.29 16.08
C LEU A 859 -35.60 -33.11 15.24
N VAL A 860 -35.59 -33.27 13.91
CA VAL A 860 -35.13 -32.20 13.04
C VAL A 860 -36.25 -31.19 12.79
N THR A 861 -37.50 -31.66 12.69
CA THR A 861 -38.62 -30.74 12.58
C THR A 861 -38.74 -29.88 13.82
N ASN A 862 -38.64 -30.49 15.00
CA ASN A 862 -38.60 -29.73 16.25
C ASN A 862 -37.44 -28.75 16.26
N ALA A 863 -36.26 -29.20 15.82
CA ALA A 863 -35.06 -28.36 15.89
C ALA A 863 -35.15 -27.17 14.96
N ILE A 864 -35.69 -27.37 13.75
CA ILE A 864 -35.78 -26.25 12.81
C ILE A 864 -36.77 -25.21 13.30
N GLU A 865 -37.92 -25.65 13.83
CA GLU A 865 -38.87 -24.68 14.36
C GLU A 865 -38.33 -23.97 15.59
N ILE A 866 -37.52 -24.67 16.41
CA ILE A 866 -36.79 -23.99 17.47
C ILE A 866 -35.85 -22.94 16.87
N ALA A 867 -35.16 -23.32 15.79
CA ALA A 867 -34.26 -22.38 15.14
C ALA A 867 -35.03 -21.28 14.41
N LYS A 868 -36.14 -21.63 13.77
CA LYS A 868 -36.91 -20.60 13.06
C LYS A 868 -37.57 -19.64 14.04
N ASN A 869 -38.14 -20.17 15.13
CA ASN A 869 -38.64 -19.29 16.19
C ASN A 869 -37.54 -18.38 16.70
N ASP A 870 -36.32 -18.91 16.81
CA ASP A 870 -35.18 -18.09 17.22
C ASP A 870 -34.93 -16.95 16.24
N TRP A 871 -34.85 -17.26 14.94
CA TRP A 871 -34.49 -16.25 13.96
C TRP A 871 -35.58 -15.20 13.80
N ASP A 872 -36.85 -15.64 13.72
CA ASP A 872 -37.97 -14.74 13.44
C ASP A 872 -38.20 -13.72 14.54
N SER A 873 -37.43 -13.81 15.64
CA SER A 873 -37.65 -12.97 16.81
C SER A 873 -36.95 -11.63 16.75
N GLN A 874 -36.00 -11.44 15.82
CA GLN A 874 -35.30 -10.17 15.68
C GLN A 874 -35.95 -9.32 14.59
N GLU A 875 -35.81 -8.00 14.74
CA GLU A 875 -36.37 -7.09 13.74
C GLU A 875 -35.58 -7.08 12.45
N GLN A 876 -34.42 -7.74 12.39
CA GLN A 876 -33.70 -7.90 11.13
C GLN A 876 -34.31 -8.99 10.24
N SER A 877 -35.32 -9.70 10.71
CA SER A 877 -36.01 -10.71 9.92
C SER A 877 -37.34 -10.16 9.41
N TRP A 878 -37.74 -10.64 8.23
CA TRP A 878 -39.02 -10.19 7.68
C TRP A 878 -40.19 -10.80 8.45
N ASP A 879 -40.06 -12.04 8.91
CA ASP A 879 -41.15 -12.73 9.60
C ASP A 879 -41.31 -12.25 11.05
N TYR A 880 -40.89 -11.02 11.32
CA TYR A 880 -40.95 -10.47 12.67
C TYR A 880 -42.37 -10.03 12.98
N VAL A 881 -42.88 -10.43 14.15
CA VAL A 881 -44.26 -10.14 14.53
C VAL A 881 -44.30 -8.98 15.52
N CYS A 882 -43.68 -9.17 16.68
CA CYS A 882 -43.63 -8.10 17.70
C CYS A 882 -42.55 -8.44 18.71
N SER A 883 -42.37 -7.56 19.68
CA SER A 883 -41.34 -7.74 20.68
C SER A 883 -41.74 -8.84 21.67
N PRO A 884 -40.84 -9.78 21.97
CA PRO A 884 -41.23 -10.94 22.80
C PRO A 884 -41.71 -10.59 24.20
N LEU A 885 -41.47 -9.36 24.68
CA LEU A 885 -41.97 -8.97 25.99
C LEU A 885 -43.48 -8.92 26.03
N LEU A 886 -44.12 -8.71 24.88
CA LEU A 886 -45.55 -8.46 24.78
C LEU A 886 -46.37 -9.74 24.63
N GLU A 887 -45.81 -10.88 25.02
CA GLU A 887 -46.52 -12.14 24.99
C GLU A 887 -47.17 -12.50 26.32
N HIS A 888 -46.73 -11.88 27.42
CA HIS A 888 -47.26 -12.17 28.75
C HIS A 888 -48.16 -11.03 29.20
N ASN A 889 -48.81 -11.25 30.34
CA ASN A 889 -49.83 -10.32 30.82
C ASN A 889 -49.21 -8.94 31.06
N SER A 890 -49.94 -7.89 30.66
CA SER A 890 -49.45 -6.52 30.72
C SER A 890 -49.68 -5.84 32.07
N THR A 891 -50.01 -6.61 33.11
CA THR A 891 -50.06 -6.10 34.48
C THR A 891 -48.75 -6.34 35.23
N GLN A 892 -47.95 -7.31 34.80
CA GLN A 892 -46.80 -7.76 35.55
C GLN A 892 -45.66 -6.73 35.52
N LEU A 893 -44.78 -6.83 36.52
CA LEU A 893 -43.63 -5.94 36.63
C LEU A 893 -42.57 -6.32 35.61
N LEU A 894 -41.86 -5.30 35.12
CA LEU A 894 -40.96 -5.51 33.99
C LEU A 894 -39.76 -6.37 34.38
N ARG A 895 -39.19 -6.15 35.56
CA ARG A 895 -38.07 -7.00 35.98
C ARG A 895 -38.52 -8.44 36.18
N ASN A 896 -39.78 -8.65 36.52
CA ASN A 896 -40.30 -10.01 36.65
C ASN A 896 -40.54 -10.65 35.30
N ILE A 897 -40.90 -9.86 34.28
CA ILE A 897 -41.11 -10.42 32.95
C ILE A 897 -39.78 -10.78 32.30
N TYR A 898 -38.73 -10.01 32.59
CA TYR A 898 -37.39 -10.39 32.13
C TYR A 898 -37.01 -11.78 32.64
N LYS A 899 -37.23 -12.02 33.93
CA LYS A 899 -36.91 -13.31 34.52
C LYS A 899 -37.72 -14.43 33.86
N GLN A 900 -39.01 -14.19 33.61
CA GLN A 900 -39.86 -15.20 32.97
C GLN A 900 -39.33 -15.57 31.58
N LYS A 901 -38.74 -14.61 30.87
CA LYS A 901 -38.29 -14.86 29.50
C LYS A 901 -36.96 -15.59 29.47
N ILE A 902 -36.07 -15.33 30.42
CA ILE A 902 -34.76 -15.98 30.42
C ILE A 902 -34.90 -17.47 30.70
N ASN A 903 -35.78 -17.84 31.63
CA ASN A 903 -35.96 -19.25 31.96
C ASN A 903 -36.51 -20.02 30.77
N THR A 904 -37.41 -19.39 29.99
CA THR A 904 -37.87 -20.01 28.75
C THR A 904 -36.72 -20.21 27.76
N ASN A 905 -35.75 -19.28 27.76
CA ASN A 905 -34.65 -19.29 26.80
C ASN A 905 -33.55 -20.29 27.16
N ILE A 906 -33.55 -20.83 28.37
CA ILE A 906 -32.58 -21.85 28.75
C ILE A 906 -33.14 -23.25 28.53
N LYS A 907 -34.44 -23.45 28.78
CA LYS A 907 -35.08 -24.74 28.48
C LYS A 907 -34.91 -25.10 27.01
N LEU A 908 -35.08 -24.13 26.12
CA LEU A 908 -35.01 -24.41 24.69
C LEU A 908 -33.58 -24.77 24.28
N VAL A 909 -32.59 -24.15 24.91
CA VAL A 909 -31.21 -24.51 24.64
C VAL A 909 -30.97 -25.97 25.01
N GLU A 910 -31.44 -26.38 26.19
CA GLU A 910 -31.31 -27.78 26.60
C GLU A 910 -32.07 -28.69 25.64
N THR A 911 -33.28 -28.28 25.22
CA THR A 911 -34.07 -29.10 24.31
C THR A 911 -33.35 -29.29 22.99
N LEU A 912 -32.91 -28.20 22.37
CA LEU A 912 -32.18 -28.33 21.12
C LEU A 912 -30.86 -29.06 21.34
N LEU A 913 -30.19 -28.79 22.46
CA LEU A 913 -28.99 -29.54 22.81
C LEU A 913 -29.30 -31.02 22.99
N LEU A 914 -30.36 -31.33 23.73
CA LEU A 914 -30.77 -32.73 23.86
C LEU A 914 -31.23 -33.28 22.50
N ILE A 915 -31.84 -32.44 21.66
CA ILE A 915 -32.21 -32.87 20.31
C ILE A 915 -30.96 -33.11 19.47
N GLU A 916 -30.11 -32.09 19.35
CA GLU A 916 -28.89 -32.24 18.55
C GLU A 916 -28.05 -33.41 19.04
N ASN A 917 -27.88 -33.54 20.36
CA ASN A 917 -27.11 -34.68 20.86
C ASN A 917 -27.87 -36.00 20.67
N THR A 918 -29.21 -35.97 20.70
CA THR A 918 -29.94 -37.19 20.37
C THR A 918 -29.76 -37.54 18.90
N ILE A 919 -29.69 -36.52 18.04
CA ILE A 919 -29.45 -36.75 16.62
C ILE A 919 -28.04 -37.29 16.41
N ASN A 920 -27.05 -36.64 17.01
CA ASN A 920 -25.67 -37.10 16.87
C ASN A 920 -25.53 -38.53 17.37
N ASN A 921 -26.05 -38.80 18.57
CA ASN A 921 -25.94 -40.11 19.17
C ASN A 921 -26.66 -41.20 18.36
N ILE A 922 -27.66 -40.83 17.57
CA ILE A 922 -28.34 -41.83 16.74
C ILE A 922 -27.51 -42.14 15.50
N PHE A 923 -27.03 -41.10 14.80
CA PHE A 923 -26.15 -41.33 13.65
C PHE A 923 -24.92 -42.14 14.05
N ILE A 924 -24.32 -41.81 15.19
CA ILE A 924 -23.11 -42.51 15.63
C ILE A 924 -23.39 -43.99 15.89
N ASP A 925 -24.62 -44.32 16.28
CA ASP A 925 -24.98 -45.72 16.49
C ASP A 925 -25.15 -46.48 15.18
N LYS A 926 -25.68 -45.83 14.14
CA LYS A 926 -25.95 -46.52 12.88
C LYS A 926 -24.68 -46.77 12.08
N LEU A 927 -23.87 -45.73 11.87
CA LEU A 927 -22.61 -45.91 11.14
C LEU A 927 -21.58 -46.69 11.94
N GLN A 928 -21.92 -47.12 13.15
CA GLN A 928 -21.05 -47.96 13.98
C GLN A 928 -19.74 -47.22 14.31
N LEU A 929 -19.89 -45.97 14.74
CA LEU A 929 -18.74 -45.11 14.96
C LEU A 929 -18.38 -45.07 16.44
N ASP A 930 -17.41 -44.21 16.77
CA ASP A 930 -16.83 -44.12 18.10
C ASP A 930 -17.26 -42.81 18.73
N LYS A 931 -18.10 -42.88 19.77
CA LYS A 931 -18.52 -41.67 20.47
C LYS A 931 -17.35 -40.94 21.10
N THR A 932 -16.20 -41.61 21.29
CA THR A 932 -15.03 -40.92 21.81
C THR A 932 -14.47 -39.94 20.79
N ILE A 933 -14.56 -40.26 19.51
CA ILE A 933 -14.04 -39.38 18.48
C ILE A 933 -15.01 -38.25 18.20
N ILE A 934 -16.30 -38.56 18.06
CA ILE A 934 -17.33 -37.57 17.82
C ILE A 934 -17.87 -37.13 19.17
N LYS A 935 -17.39 -35.99 19.65
CA LYS A 935 -17.93 -35.43 20.88
C LYS A 935 -19.37 -34.98 20.68
N ALA A 936 -20.16 -35.09 21.76
CA ALA A 936 -21.50 -34.55 21.75
C ALA A 936 -21.46 -33.02 21.65
N VAL A 937 -22.53 -32.45 21.10
CA VAL A 937 -22.63 -31.00 21.02
C VAL A 937 -22.68 -30.41 22.42
N LEU A 938 -22.09 -29.23 22.58
CA LEU A 938 -22.13 -28.51 23.84
C LEU A 938 -23.06 -27.30 23.76
N GLN A 939 -23.44 -26.81 24.94
CA GLN A 939 -24.35 -25.68 25.04
C GLN A 939 -23.79 -24.45 24.33
N SER A 940 -22.47 -24.28 24.32
CA SER A 940 -21.88 -23.14 23.66
C SER A 940 -21.90 -23.25 22.14
N GLU A 941 -22.19 -24.43 21.59
CA GLU A 941 -22.32 -24.58 20.15
C GLU A 941 -23.75 -24.55 19.66
N ILE A 942 -24.73 -24.58 20.56
CA ILE A 942 -26.14 -24.48 20.16
C ILE A 942 -26.34 -23.16 19.45
N THR A 943 -26.50 -23.22 18.13
CA THR A 943 -26.47 -22.04 17.27
C THR A 943 -27.73 -21.18 17.39
N LEU A 944 -28.14 -20.88 18.61
CA LEU A 944 -29.31 -20.05 18.86
C LEU A 944 -28.87 -18.70 19.43
N LEU A 945 -29.59 -17.64 19.05
CA LEU A 945 -29.26 -16.31 19.52
C LEU A 945 -29.71 -16.04 20.94
N CYS A 946 -30.58 -16.88 21.51
CA CYS A 946 -31.00 -16.76 22.90
C CYS A 946 -30.06 -17.46 23.86
N ASN A 947 -29.17 -18.29 23.36
CA ASN A 947 -28.16 -18.97 24.15
C ASN A 947 -27.03 -17.99 24.43
N PRO A 948 -26.95 -17.44 25.64
CA PRO A 948 -25.88 -16.46 25.91
C PRO A 948 -24.49 -17.03 25.66
N ASN A 949 -24.34 -18.34 25.79
CA ASN A 949 -23.06 -18.97 25.55
C ASN A 949 -22.64 -18.84 24.08
N TYR A 950 -23.60 -18.89 23.16
CA TYR A 950 -23.27 -18.79 21.73
C TYR A 950 -23.20 -17.35 21.25
N ARG A 951 -24.13 -16.49 21.69
CA ARG A 951 -24.13 -15.12 21.20
C ARG A 951 -22.90 -14.36 21.65
N TYR A 952 -22.35 -14.70 22.81
CA TYR A 952 -21.25 -13.93 23.38
C TYR A 952 -20.07 -14.86 23.64
N LYS A 953 -19.61 -15.54 22.57
CA LYS A 953 -18.57 -16.56 22.69
C LYS A 953 -17.36 -16.07 23.47
N ASN A 954 -17.11 -14.76 23.45
CA ASN A 954 -15.89 -14.20 24.00
C ASN A 954 -15.92 -14.04 25.51
N ILE A 955 -17.10 -14.04 26.11
CA ILE A 955 -17.28 -13.83 27.55
C ILE A 955 -17.48 -15.19 28.22
N GLN A 956 -16.57 -15.52 29.14
CA GLN A 956 -16.57 -16.83 29.78
C GLN A 956 -17.43 -16.89 31.03
N ASP A 957 -17.75 -15.74 31.63
CA ASP A 957 -18.47 -15.65 32.89
C ASP A 957 -19.87 -16.24 32.82
N HIS A 958 -20.57 -16.24 33.95
CA HIS A 958 -22.00 -16.41 34.02
C HIS A 958 -22.75 -15.12 34.33
N THR A 959 -22.23 -14.32 35.26
CA THR A 959 -22.89 -13.07 35.63
C THR A 959 -22.75 -12.04 34.51
N ASP A 960 -21.51 -11.66 34.19
CA ASP A 960 -21.26 -10.78 33.07
C ASP A 960 -21.74 -11.36 31.74
N LEU A 961 -21.96 -12.68 31.66
CA LEU A 961 -22.68 -13.25 30.53
C LEU A 961 -24.16 -12.92 30.62
N THR A 962 -24.75 -13.12 31.80
CA THR A 962 -26.17 -12.84 31.99
C THR A 962 -26.46 -11.34 31.85
N ASN A 963 -25.59 -10.48 32.41
CA ASN A 963 -25.80 -9.04 32.34
C ASN A 963 -25.83 -8.55 30.90
N LYS A 964 -24.80 -8.91 30.12
CA LYS A 964 -24.76 -8.55 28.71
C LYS A 964 -26.01 -9.02 27.98
N TYR A 965 -26.62 -10.12 28.44
CA TYR A 965 -27.84 -10.59 27.78
C TYR A 965 -29.02 -9.68 28.10
N TYR A 966 -29.28 -9.41 29.39
CA TYR A 966 -30.22 -8.36 29.79
C TYR A 966 -30.03 -7.05 29.04
N THR A 967 -28.80 -6.77 28.59
CA THR A 967 -28.51 -5.46 28.01
C THR A 967 -28.93 -5.39 26.54
N ASP A 968 -28.58 -6.40 25.73
CA ASP A 968 -29.14 -6.45 24.38
C ASP A 968 -30.66 -6.58 24.42
N ILE A 969 -31.21 -7.15 25.49
CA ILE A 969 -32.65 -7.26 25.63
C ILE A 969 -33.27 -5.88 25.86
N THR A 970 -32.59 -4.99 26.58
CA THR A 970 -33.13 -3.66 26.84
C THR A 970 -32.93 -2.72 25.66
N ILE A 971 -31.89 -2.95 24.85
CA ILE A 971 -31.71 -2.16 23.64
C ILE A 971 -32.71 -2.58 22.56
N ASP A 972 -32.92 -3.89 22.40
CA ASP A 972 -33.81 -4.37 21.35
C ASP A 972 -35.23 -3.86 21.54
N ILE A 973 -35.67 -3.74 22.80
CA ILE A 973 -37.00 -3.19 23.06
C ILE A 973 -37.01 -1.68 22.85
N LEU A 974 -35.84 -1.03 22.90
CA LEU A 974 -35.81 0.40 22.57
C LEU A 974 -35.86 0.65 21.07
N SER A 975 -35.25 -0.21 20.26
CA SER A 975 -35.31 -0.05 18.81
C SER A 975 -36.66 -0.44 18.24
N TYR A 976 -37.42 -1.30 18.94
CA TYR A 976 -38.78 -1.62 18.53
C TYR A 976 -39.74 -0.49 18.89
N ILE A 977 -39.54 0.17 20.03
CA ILE A 977 -40.36 1.33 20.39
C ILE A 977 -40.05 2.50 19.46
N ILE A 978 -38.77 2.75 19.19
CA ILE A 978 -38.40 3.71 18.15
C ILE A 978 -38.95 3.27 16.81
N GLY A 979 -39.13 1.95 16.62
CA GLY A 979 -39.81 1.48 15.43
C GLY A 979 -41.28 1.85 15.39
N CYS A 980 -41.98 1.69 16.52
CA CYS A 980 -43.38 2.06 16.58
C CYS A 980 -43.59 3.57 16.46
N MET A 981 -42.60 4.36 16.88
CA MET A 981 -42.70 5.81 16.73
C MET A 981 -42.70 6.20 15.26
N MET A 982 -41.81 5.58 14.47
CA MET A 982 -41.70 5.93 13.06
C MET A 982 -42.86 5.38 12.24
N GLY A 983 -43.50 4.31 12.71
CA GLY A 983 -44.59 3.67 11.99
C GLY A 983 -44.26 2.31 11.43
N ARG A 984 -43.07 1.78 11.72
CA ARG A 984 -42.65 0.51 11.12
C ARG A 984 -43.39 -0.68 11.72
N TYR A 985 -43.72 -0.61 13.01
CA TYR A 985 -44.48 -1.66 13.68
C TYR A 985 -45.65 -1.01 14.43
N SER A 986 -46.54 -1.86 14.94
CA SER A 986 -47.68 -1.35 15.69
C SER A 986 -48.15 -2.39 16.69
N LEU A 987 -48.66 -1.91 17.83
CA LEU A 987 -49.26 -2.78 18.82
C LEU A 987 -50.56 -3.38 18.30
N ASP A 988 -51.33 -2.59 17.55
CA ASP A 988 -52.65 -2.99 17.10
C ASP A 988 -52.58 -4.10 16.06
N ARG A 989 -51.55 -4.11 15.23
CA ARG A 989 -51.45 -4.97 14.07
C ARG A 989 -50.19 -5.83 14.16
N GLU A 990 -50.35 -7.12 13.89
CA GLU A 990 -49.23 -8.05 13.96
C GLU A 990 -48.31 -7.89 12.77
N GLY A 991 -47.01 -7.98 13.02
CA GLY A 991 -46.03 -7.97 11.95
C GLY A 991 -45.70 -6.57 11.45
N LEU A 992 -44.82 -6.55 10.45
CA LEU A 992 -44.41 -5.30 9.80
C LEU A 992 -45.62 -4.53 9.29
N VAL A 993 -45.58 -3.21 9.42
CA VAL A 993 -46.74 -2.39 9.10
C VAL A 993 -46.49 -1.52 7.89
N TYR A 994 -45.58 -0.55 7.99
CA TYR A 994 -45.24 0.32 6.87
C TYR A 994 -43.76 0.40 6.52
N ALA A 995 -43.44 0.10 5.26
CA ALA A 995 -42.07 0.12 4.77
C ALA A 995 -41.83 0.31 3.27
N HIS A 996 -42.48 1.30 2.67
CA HIS A 996 -42.30 1.53 1.22
C HIS A 996 -42.05 3.02 1.02
N GLU A 997 -41.95 3.43 -0.26
CA GLU A 997 -41.30 4.68 -0.62
C GLU A 997 -42.25 5.89 -0.53
N GLY A 998 -41.66 7.04 -0.21
CA GLY A 998 -42.29 8.32 -0.44
C GLY A 998 -43.34 8.69 0.57
N ASN A 999 -43.33 8.07 1.75
CA ASN A 999 -44.36 8.28 2.77
C ASN A 999 -45.76 8.08 2.20
N LYS A 1000 -45.86 7.32 1.11
CA LYS A 1000 -47.13 7.14 0.42
C LYS A 1000 -47.94 6.06 1.11
N GLY A 1001 -49.23 6.33 1.33
CA GLY A 1001 -50.10 5.37 1.98
C GLY A 1001 -50.02 5.31 3.49
N PHE A 1002 -49.02 5.97 4.10
CA PHE A 1002 -48.95 6.04 5.55
C PHE A 1002 -50.23 6.62 6.14
N ALA A 1003 -50.73 7.70 5.54
CA ALA A 1003 -51.89 8.40 6.09
C ALA A 1003 -53.15 7.54 6.04
N GLU A 1004 -53.29 6.71 5.01
CA GLU A 1004 -54.41 5.77 4.98
C GLU A 1004 -54.41 4.91 6.23
N LEU A 1005 -53.24 4.38 6.61
CA LEU A 1005 -53.13 3.56 7.80
C LEU A 1005 -53.63 4.30 9.04
N VAL A 1006 -53.29 5.59 9.16
CA VAL A 1006 -53.71 6.37 10.32
C VAL A 1006 -55.24 6.47 10.37
N ALA A 1007 -55.87 6.75 9.22
CA ALA A 1007 -57.32 6.81 9.16
C ALA A 1007 -57.96 5.46 9.40
N GLU A 1008 -57.21 4.36 9.29
CA GLU A 1008 -57.68 3.03 9.59
C GLU A 1008 -57.37 2.59 11.03
N ASP A 1009 -56.95 3.53 11.88
CA ASP A 1009 -56.46 3.23 13.23
C ASP A 1009 -55.42 2.12 13.22
N ALA A 1010 -54.42 2.27 12.36
CA ALA A 1010 -53.29 1.34 12.37
C ALA A 1010 -52.41 1.56 13.58
N TYR A 1011 -52.55 2.70 14.26
CA TYR A 1011 -51.71 3.05 15.39
C TYR A 1011 -52.51 3.68 16.52
N LYS A 1012 -53.76 3.24 16.71
CA LYS A 1012 -54.63 3.90 17.66
C LYS A 1012 -54.17 3.72 19.10
N THR A 1013 -53.55 2.58 19.42
CA THR A 1013 -53.05 2.36 20.78
C THR A 1013 -51.88 3.28 21.09
N PHE A 1014 -50.81 3.18 20.31
CA PHE A 1014 -49.67 4.08 20.43
C PHE A 1014 -49.55 4.91 19.15
N PRO A 1015 -49.73 6.23 19.21
CA PRO A 1015 -49.66 7.03 17.99
C PRO A 1015 -48.26 7.06 17.39
N ALA A 1016 -48.21 7.10 16.06
CA ALA A 1016 -46.96 7.12 15.31
C ALA A 1016 -46.63 8.55 14.88
N ASP A 1017 -45.34 8.89 14.90
CA ASP A 1017 -44.93 10.27 14.68
C ASP A 1017 -45.39 10.78 13.32
N ASN A 1018 -45.74 12.08 13.28
CA ASN A 1018 -46.50 12.64 12.17
C ASN A 1018 -45.64 12.77 10.93
N ASP A 1019 -44.52 13.45 11.09
CA ASP A 1019 -43.53 13.74 10.06
C ASP A 1019 -42.49 12.65 9.95
N GLY A 1020 -42.31 11.79 10.95
CA GLY A 1020 -41.23 10.82 10.83
C GLY A 1020 -39.85 11.38 11.13
N ILE A 1021 -39.80 12.41 11.98
CA ILE A 1021 -38.58 13.04 12.43
C ILE A 1021 -38.61 12.99 13.94
N LEU A 1022 -37.77 12.16 14.53
CA LEU A 1022 -37.70 12.01 15.97
C LEU A 1022 -36.45 12.69 16.50
N PRO A 1023 -36.56 13.73 17.32
CA PRO A 1023 -35.37 14.35 17.90
C PRO A 1023 -34.76 13.45 18.97
N LEU A 1024 -33.47 13.15 18.80
CA LEU A 1024 -32.73 12.23 19.66
C LEU A 1024 -31.73 13.07 20.46
N MET A 1025 -32.18 13.61 21.59
CA MET A 1025 -31.43 14.66 22.28
C MET A 1025 -31.28 14.32 23.75
N ASP A 1026 -30.34 15.01 24.40
CA ASP A 1026 -29.96 14.76 25.78
C ASP A 1026 -30.70 15.65 26.78
N ASP A 1027 -31.69 16.41 26.32
CA ASP A 1027 -32.58 17.15 27.21
C ASP A 1027 -33.94 17.28 26.53
N GLU A 1028 -34.98 17.45 27.33
CA GLU A 1028 -36.36 17.40 26.85
C GLU A 1028 -36.77 18.78 26.33
N TRP A 1029 -36.82 18.90 25.00
CA TRP A 1029 -37.25 20.13 24.34
C TRP A 1029 -38.64 19.97 23.74
N PHE A 1030 -38.78 19.07 22.78
CA PHE A 1030 -40.05 18.80 22.13
C PHE A 1030 -40.88 17.86 22.99
N ASP A 1031 -42.15 17.71 22.61
CA ASP A 1031 -43.01 16.71 23.23
C ASP A 1031 -42.95 15.37 22.52
N ASP A 1032 -42.76 15.35 21.20
CA ASP A 1032 -42.53 14.12 20.46
C ASP A 1032 -41.07 13.66 20.52
N ASP A 1033 -40.37 13.98 21.61
CA ASP A 1033 -39.01 13.50 21.82
C ASP A 1033 -39.02 11.98 22.06
N VAL A 1034 -37.89 11.35 21.78
CA VAL A 1034 -37.79 9.89 21.87
C VAL A 1034 -37.95 9.44 23.31
N THR A 1035 -37.10 9.95 24.21
CA THR A 1035 -37.20 9.58 25.62
C THR A 1035 -38.56 9.93 26.19
N SER A 1036 -39.25 10.93 25.62
CA SER A 1036 -40.59 11.27 26.06
C SER A 1036 -41.59 10.18 25.70
N ARG A 1037 -41.66 9.82 24.41
CA ARG A 1037 -42.64 8.85 23.96
C ARG A 1037 -42.37 7.46 24.53
N VAL A 1038 -41.12 7.17 24.90
CA VAL A 1038 -40.79 5.88 25.52
C VAL A 1038 -41.57 5.72 26.83
N LYS A 1039 -41.56 6.75 27.68
CA LYS A 1039 -42.36 6.71 28.89
C LYS A 1039 -43.84 6.56 28.55
N GLU A 1040 -44.30 7.27 27.51
CA GLU A 1040 -45.67 7.07 27.04
C GLU A 1040 -45.91 5.64 26.59
N PHE A 1041 -44.86 4.96 26.13
CA PHE A 1041 -45.00 3.55 25.75
C PHE A 1041 -45.13 2.66 26.97
N VAL A 1042 -44.14 2.73 27.87
CA VAL A 1042 -44.16 1.90 29.07
C VAL A 1042 -45.45 2.13 29.86
N ARG A 1043 -45.86 3.40 29.95
CA ARG A 1043 -47.12 3.73 30.63
C ARG A 1043 -48.31 3.10 29.93
N THR A 1044 -48.36 3.20 28.59
CA THR A 1044 -49.47 2.64 27.83
C THR A 1044 -49.48 1.12 27.85
N VAL A 1045 -48.35 0.48 28.17
CA VAL A 1045 -48.29 -0.97 28.13
C VAL A 1045 -48.47 -1.59 29.51
N TRP A 1046 -47.60 -1.22 30.45
CA TRP A 1046 -47.53 -1.94 31.73
C TRP A 1046 -48.29 -1.25 32.85
N GLY A 1047 -48.56 0.04 32.73
CA GLY A 1047 -49.39 0.69 33.74
C GLY A 1047 -48.70 1.86 34.42
N GLU A 1048 -49.41 2.98 34.51
CA GLU A 1048 -49.00 4.09 35.37
C GLU A 1048 -48.69 3.59 36.78
N GLU A 1049 -49.32 2.48 37.17
CA GLU A 1049 -49.03 1.82 38.44
C GLU A 1049 -47.55 1.47 38.56
N HIS A 1050 -47.01 0.81 37.54
CA HIS A 1050 -45.65 0.27 37.56
C HIS A 1050 -44.62 1.18 36.92
N LEU A 1051 -45.04 2.36 36.45
CA LEU A 1051 -44.18 3.16 35.58
C LEU A 1051 -42.79 3.37 36.18
N GLN A 1052 -42.71 3.68 37.47
CA GLN A 1052 -41.45 4.12 38.05
C GLN A 1052 -40.49 2.95 38.29
N GLU A 1053 -40.98 1.80 38.73
CA GLU A 1053 -40.08 0.65 38.89
C GLU A 1053 -39.68 0.04 37.55
N ASN A 1054 -40.60 0.00 36.59
CA ASN A 1054 -40.22 -0.45 35.26
C ASN A 1054 -39.18 0.48 34.65
N LEU A 1055 -39.29 1.78 34.93
CA LEU A 1055 -38.30 2.73 34.42
C LEU A 1055 -37.00 2.66 35.19
N GLU A 1056 -37.05 2.54 36.52
CA GLU A 1056 -35.82 2.37 37.28
C GLU A 1056 -35.13 1.06 36.91
N PHE A 1057 -35.89 0.02 36.59
CA PHE A 1057 -35.29 -1.23 36.17
C PHE A 1057 -34.67 -1.11 34.79
N ILE A 1058 -35.25 -0.30 33.91
CA ILE A 1058 -34.61 -0.02 32.63
C ILE A 1058 -33.31 0.74 32.85
N ALA A 1059 -33.34 1.74 33.74
CA ALA A 1059 -32.12 2.43 34.13
C ALA A 1059 -31.08 1.46 34.67
N GLU A 1060 -31.51 0.57 35.57
CA GLU A 1060 -30.61 -0.45 36.11
C GLU A 1060 -29.93 -1.25 35.00
N SER A 1061 -30.68 -1.59 33.95
CA SER A 1061 -30.24 -2.55 32.96
C SER A 1061 -29.42 -1.93 31.83
N LEU A 1062 -29.78 -0.71 31.38
CA LEU A 1062 -28.91 -0.01 30.44
C LEU A 1062 -27.53 0.19 31.05
N CYS A 1063 -27.47 0.63 32.30
CA CYS A 1063 -26.22 0.84 32.99
C CYS A 1063 -25.33 -0.40 33.07
N LEU A 1064 -25.85 -1.57 32.67
CA LEU A 1064 -25.22 -2.86 32.95
C LEU A 1064 -23.99 -2.99 32.04
N TYR A 1065 -24.24 -3.09 30.76
CA TYR A 1065 -23.11 -3.10 29.82
C TYR A 1065 -23.25 -1.93 28.85
N ALA A 1066 -24.49 -1.53 28.55
CA ALA A 1066 -24.50 -0.47 27.55
C ALA A 1066 -23.79 0.85 27.72
N ILE A 1067 -23.99 1.50 28.86
CA ILE A 1067 -23.46 2.82 29.14
C ILE A 1067 -23.00 2.86 30.59
N LYS A 1068 -22.35 3.97 30.96
CA LYS A 1068 -21.77 4.11 32.29
C LYS A 1068 -22.74 4.81 33.21
N PRO A 1069 -23.10 4.22 34.35
CA PRO A 1069 -24.11 4.82 35.23
C PRO A 1069 -23.59 6.09 35.89
N LYS A 1070 -24.52 6.81 36.51
CA LYS A 1070 -24.21 8.01 37.27
C LYS A 1070 -25.09 8.00 38.52
N LYS A 1071 -24.50 8.35 39.66
CA LYS A 1071 -25.25 8.39 40.90
C LYS A 1071 -26.33 9.47 40.81
N GLY A 1072 -27.41 9.27 41.55
CA GLY A 1072 -28.50 10.22 41.61
C GLY A 1072 -29.19 10.46 40.28
N GLU A 1073 -28.71 9.81 39.22
CA GLU A 1073 -29.33 9.93 37.91
C GLU A 1073 -30.67 9.20 37.94
N SER A 1074 -31.75 9.95 37.74
CA SER A 1074 -33.08 9.38 37.70
C SER A 1074 -33.15 8.29 36.63
N ALA A 1075 -34.14 7.42 36.73
CA ALA A 1075 -34.39 6.47 35.65
C ALA A 1075 -34.59 7.21 34.33
N LEU A 1076 -35.23 8.37 34.39
CA LEU A 1076 -35.58 9.11 33.17
C LEU A 1076 -34.34 9.70 32.52
N ASP A 1077 -33.50 10.39 33.31
CA ASP A 1077 -32.23 10.89 32.78
C ASP A 1077 -31.36 9.76 32.27
N THR A 1078 -31.32 8.65 33.02
CA THR A 1078 -30.49 7.50 32.64
C THR A 1078 -30.79 7.04 31.23
N ILE A 1079 -32.08 7.02 30.87
CA ILE A 1079 -32.48 6.53 29.55
C ILE A 1079 -32.12 7.54 28.48
N ARG A 1080 -32.49 8.81 28.69
CA ARG A 1080 -32.22 9.87 27.74
C ARG A 1080 -30.75 9.90 27.33
N ARG A 1081 -29.85 9.67 28.28
CA ARG A 1081 -28.42 9.68 27.99
C ARG A 1081 -28.06 8.65 26.92
N TYR A 1082 -28.51 7.41 27.10
CA TYR A 1082 -28.23 6.34 26.15
C TYR A 1082 -28.62 6.74 24.73
N LEU A 1083 -29.88 7.15 24.56
CA LEU A 1083 -30.43 7.34 23.23
C LEU A 1083 -29.62 8.37 22.44
N SER A 1084 -29.33 9.52 23.07
CA SER A 1084 -28.65 10.59 22.36
C SER A 1084 -27.22 10.23 21.97
N THR A 1085 -26.63 9.22 22.58
CA THR A 1085 -25.20 8.96 22.48
C THR A 1085 -24.88 7.59 21.91
N GLN A 1086 -25.48 6.53 22.46
CA GLN A 1086 -25.08 5.17 22.17
C GLN A 1086 -26.01 4.45 21.21
N PHE A 1087 -27.28 4.86 21.14
CA PHE A 1087 -28.25 4.13 20.34
C PHE A 1087 -27.88 4.12 18.87
N TRP A 1088 -27.44 5.27 18.34
CA TRP A 1088 -27.00 5.34 16.95
C TRP A 1088 -26.01 4.23 16.63
N LYS A 1089 -25.01 4.06 17.50
CA LYS A 1089 -23.96 3.07 17.26
C LYS A 1089 -24.53 1.65 17.30
N ASP A 1090 -25.36 1.35 18.30
CA ASP A 1090 -25.96 0.02 18.39
C ASP A 1090 -26.85 -0.24 17.18
N HIS A 1091 -27.54 0.79 16.68
CA HIS A 1091 -28.37 0.61 15.50
C HIS A 1091 -27.52 0.46 14.24
N MET A 1092 -26.37 1.13 14.18
CA MET A 1092 -25.36 0.82 13.18
C MET A 1092 -25.06 -0.67 13.16
N LYS A 1093 -24.54 -1.18 14.29
CA LYS A 1093 -24.22 -2.59 14.45
C LYS A 1093 -25.44 -3.47 14.15
N MET A 1094 -26.61 -3.08 14.67
CA MET A 1094 -27.80 -3.91 14.56
C MET A 1094 -28.20 -4.12 13.10
N TYR A 1095 -27.94 -3.16 12.23
CA TYR A 1095 -28.27 -3.27 10.82
C TYR A 1095 -27.04 -3.36 9.94
N LYS A 1096 -25.88 -3.66 10.53
CA LYS A 1096 -24.64 -3.92 9.77
C LYS A 1096 -24.26 -2.71 8.91
N LYS A 1097 -24.22 -1.53 9.55
CA LYS A 1097 -23.88 -0.26 8.90
C LYS A 1097 -24.89 0.15 7.82
N ARG A 1098 -26.11 -0.41 7.85
CA ARG A 1098 -27.16 -0.10 6.88
C ARG A 1098 -28.39 0.42 7.63
N PRO A 1099 -28.36 1.68 8.06
CA PRO A 1099 -29.42 2.18 8.95
C PRO A 1099 -30.71 2.50 8.21
N ILE A 1100 -31.84 2.05 8.78
CA ILE A 1100 -33.14 2.50 8.31
C ILE A 1100 -33.57 3.77 9.01
N TYR A 1101 -33.05 4.05 10.20
CA TYR A 1101 -33.24 5.33 10.87
C TYR A 1101 -31.97 6.14 10.70
N TRP A 1102 -32.09 7.32 10.12
CA TRP A 1102 -30.92 8.13 9.80
C TRP A 1102 -30.76 9.24 10.82
N LEU A 1103 -29.56 9.33 11.40
CA LEU A 1103 -29.25 10.35 12.39
C LEU A 1103 -28.72 11.57 11.65
N PHE A 1104 -29.60 12.52 11.35
CA PHE A 1104 -29.14 13.85 10.97
C PHE A 1104 -28.49 14.50 12.17
N SER A 1105 -27.24 14.92 12.03
CA SER A 1105 -26.47 15.51 13.13
C SER A 1105 -25.99 16.89 12.71
N SER A 1106 -26.17 17.86 13.62
CA SER A 1106 -25.61 19.19 13.38
C SER A 1106 -24.08 19.14 13.32
N GLY A 1107 -23.47 18.41 14.26
CA GLY A 1107 -22.02 18.29 14.27
C GLY A 1107 -21.50 17.63 15.51
N LYS A 1108 -20.40 18.17 16.05
CA LYS A 1108 -19.68 17.54 17.15
C LYS A 1108 -20.13 18.03 18.51
N GLU A 1109 -20.86 19.13 18.60
CA GLU A 1109 -21.46 19.57 19.86
C GLU A 1109 -22.80 18.88 20.14
N LYS A 1110 -23.28 18.05 19.21
CA LYS A 1110 -24.62 17.46 19.26
C LYS A 1110 -25.66 18.53 19.61
N ALA A 1111 -25.72 19.55 18.76
CA ALA A 1111 -26.66 20.65 18.94
C ALA A 1111 -28.06 20.28 18.45
N PHE A 1112 -28.15 19.46 17.41
CA PHE A 1112 -29.44 18.92 16.98
C PHE A 1112 -29.20 17.58 16.29
N GLU A 1113 -29.71 16.51 16.89
CA GLU A 1113 -29.75 15.20 16.27
C GLU A 1113 -31.19 14.76 16.15
N CYS A 1114 -31.56 14.23 14.98
CA CYS A 1114 -32.89 13.70 14.77
C CYS A 1114 -32.78 12.39 14.00
N LEU A 1115 -33.62 11.43 14.37
CA LEU A 1115 -33.78 10.21 13.59
C LEU A 1115 -34.85 10.43 12.54
N VAL A 1116 -34.63 9.84 11.37
CA VAL A 1116 -35.57 9.89 10.26
C VAL A 1116 -35.70 8.49 9.69
N TYR A 1117 -36.93 8.01 9.58
CA TYR A 1117 -37.18 6.67 9.06
C TYR A 1117 -37.03 6.69 7.53
N LEU A 1118 -36.29 5.71 7.02
CA LEU A 1118 -35.89 5.74 5.61
C LEU A 1118 -37.10 5.70 4.68
N HIS A 1119 -38.04 4.81 4.96
CA HIS A 1119 -39.13 4.58 4.01
C HIS A 1119 -40.04 5.80 3.89
N ARG A 1120 -40.32 6.47 5.00
CA ARG A 1120 -41.24 7.60 5.07
C ARG A 1120 -40.68 8.87 4.45
N TYR A 1121 -39.55 8.86 3.74
CA TYR A 1121 -38.91 10.08 3.31
C TYR A 1121 -39.47 10.53 1.97
N ASN A 1122 -39.65 11.84 1.83
CA ASN A 1122 -40.14 12.47 0.61
C ASN A 1122 -39.36 13.75 0.37
N ASP A 1123 -39.82 14.54 -0.60
CA ASP A 1123 -39.16 15.81 -0.89
C ASP A 1123 -39.27 16.78 0.29
N ALA A 1124 -40.49 17.04 0.76
CA ALA A 1124 -40.74 18.07 1.76
C ALA A 1124 -40.17 17.76 3.15
N THR A 1125 -39.38 16.71 3.37
CA THR A 1125 -38.92 16.39 4.71
C THR A 1125 -37.92 17.43 5.23
N LEU A 1126 -36.77 17.56 4.55
CA LEU A 1126 -35.77 18.52 4.99
C LEU A 1126 -36.31 19.93 5.06
N ALA A 1127 -37.36 20.24 4.29
CA ALA A 1127 -38.06 21.50 4.46
C ALA A 1127 -38.88 21.50 5.75
N ARG A 1128 -39.56 20.40 6.04
CA ARG A 1128 -40.28 20.26 7.31
C ARG A 1128 -39.30 20.11 8.47
N MET A 1129 -38.22 19.35 8.28
CA MET A 1129 -37.20 19.21 9.31
C MET A 1129 -36.65 20.57 9.71
N ARG A 1130 -36.53 21.47 8.75
CA ARG A 1130 -36.06 22.82 9.03
C ARG A 1130 -37.18 23.70 9.58
N THR A 1131 -38.40 23.53 9.07
CA THR A 1131 -39.53 24.34 9.51
C THR A 1131 -39.86 24.12 10.98
N GLU A 1132 -39.99 22.85 11.38
CA GLU A 1132 -40.62 22.49 12.64
C GLU A 1132 -39.64 22.04 13.72
N TYR A 1133 -38.33 22.08 13.45
CA TYR A 1133 -37.36 21.57 14.39
C TYR A 1133 -36.09 22.44 14.46
N VAL A 1134 -35.45 22.67 13.32
CA VAL A 1134 -34.21 23.44 13.34
C VAL A 1134 -34.48 24.93 13.52
N VAL A 1135 -35.64 25.41 13.06
CA VAL A 1135 -35.96 26.83 13.18
C VAL A 1135 -36.49 27.17 14.57
N PRO A 1136 -37.49 26.44 15.12
CA PRO A 1136 -37.96 26.79 16.48
C PRO A 1136 -36.93 26.57 17.57
N LEU A 1137 -35.93 25.70 17.35
CA LEU A 1137 -34.95 25.41 18.39
C LEU A 1137 -33.89 26.50 18.50
N LEU A 1138 -33.47 27.07 17.36
CA LEU A 1138 -32.57 28.21 17.37
C LEU A 1138 -33.21 29.47 17.94
N ALA A 1139 -34.52 29.43 18.22
CA ALA A 1139 -35.21 30.54 18.88
C ALA A 1139 -35.25 30.37 20.40
N ARG A 1140 -35.31 29.13 20.87
CA ARG A 1140 -35.32 28.88 22.31
C ARG A 1140 -33.92 29.00 22.90
N TYR A 1141 -32.89 28.57 22.15
CA TYR A 1141 -31.51 28.78 22.57
C TYR A 1141 -31.22 30.24 22.90
N GLN A 1142 -31.89 31.17 22.21
CA GLN A 1142 -31.61 32.58 22.37
C GLN A 1142 -32.37 33.19 23.55
N ALA A 1143 -33.63 32.79 23.77
CA ALA A 1143 -34.44 33.33 24.85
C ALA A 1143 -33.91 32.89 26.21
N ASN A 1144 -32.90 32.03 26.20
CA ASN A 1144 -32.28 31.56 27.43
C ASN A 1144 -30.82 31.92 27.58
N ILE A 1145 -30.05 31.98 26.48
CA ILE A 1145 -28.75 32.68 26.54
C ILE A 1145 -28.96 34.10 27.04
N ASP A 1146 -30.12 34.68 26.73
CA ASP A 1146 -30.47 36.00 27.25
C ASP A 1146 -31.00 35.92 28.68
N ARG A 1147 -31.71 34.85 29.01
CA ARG A 1147 -32.12 34.66 30.40
C ARG A 1147 -30.94 34.24 31.26
N LEU A 1148 -30.03 33.41 30.72
CA LEU A 1148 -28.81 33.06 31.45
C LEU A 1148 -27.87 34.23 31.60
N ASN A 1149 -27.96 35.25 30.73
CA ASN A 1149 -27.18 36.46 30.93
C ASN A 1149 -27.86 37.46 31.85
N GLU A 1150 -29.16 37.30 32.10
CA GLU A 1150 -29.82 38.07 33.15
C GLU A 1150 -29.46 37.55 34.54
N GLN A 1151 -28.92 36.34 34.65
CA GLN A 1151 -28.57 35.73 35.92
C GLN A 1151 -27.08 35.79 36.22
N VAL A 1152 -26.22 35.60 35.20
CA VAL A 1152 -24.78 35.73 35.40
C VAL A 1152 -24.45 37.12 35.97
N ASP A 1153 -25.14 38.15 35.49
CA ASP A 1153 -24.97 39.48 36.06
C ASP A 1153 -25.66 39.61 37.42
N GLY A 1154 -26.70 38.82 37.66
CA GLY A 1154 -27.41 38.79 38.92
C GLY A 1154 -26.99 37.71 39.89
N ALA A 1155 -25.95 36.95 39.58
CA ALA A 1155 -25.38 35.93 40.45
C ALA A 1155 -23.91 36.24 40.70
N SER A 1156 -23.28 35.42 41.55
CA SER A 1156 -21.88 35.63 41.88
C SER A 1156 -21.31 34.37 42.51
N GLY A 1157 -19.98 34.28 42.50
CA GLY A 1157 -19.30 33.21 43.23
C GLY A 1157 -19.39 31.89 42.49
N GLY A 1158 -19.75 30.84 43.23
CA GLY A 1158 -19.83 29.51 42.66
C GLY A 1158 -20.99 29.27 41.73
N GLU A 1159 -22.04 30.09 41.82
CA GLU A 1159 -23.18 29.93 40.93
C GLU A 1159 -23.05 30.72 39.64
N ALA A 1160 -22.39 31.87 39.67
CA ALA A 1160 -22.13 32.62 38.43
C ALA A 1160 -21.12 31.92 37.53
N THR A 1161 -20.14 31.22 38.11
CA THR A 1161 -19.25 30.38 37.33
C THR A 1161 -19.97 29.13 36.80
N ARG A 1162 -21.09 28.77 37.42
CA ARG A 1162 -21.91 27.66 36.94
C ARG A 1162 -22.90 28.09 35.86
N LEU A 1163 -23.35 29.35 35.88
CA LEU A 1163 -24.24 29.85 34.84
C LEU A 1163 -23.49 30.28 33.58
N LYS A 1164 -22.19 30.58 33.69
CA LYS A 1164 -21.39 30.89 32.51
C LYS A 1164 -21.08 29.62 31.71
N ARG A 1165 -20.60 28.57 32.38
CA ARG A 1165 -20.40 27.29 31.70
C ARG A 1165 -21.70 26.72 31.16
N GLU A 1166 -22.83 27.10 31.73
CA GLU A 1166 -24.13 26.79 31.15
C GLU A 1166 -24.50 27.75 30.03
N ARG A 1167 -23.95 28.97 30.04
CA ARG A 1167 -24.11 29.91 28.95
C ARG A 1167 -23.05 29.71 27.87
N ASP A 1168 -21.83 29.35 28.28
CA ASP A 1168 -20.78 29.01 27.31
C ASP A 1168 -21.16 27.77 26.51
N SER A 1169 -21.62 26.72 27.20
CA SER A 1169 -22.02 25.49 26.51
C SER A 1169 -23.21 25.71 25.59
N LEU A 1170 -24.14 26.59 25.99
CA LEU A 1170 -25.34 26.81 25.17
C LEU A 1170 -25.05 27.64 23.92
N SER A 1171 -24.03 28.49 23.97
CA SER A 1171 -23.68 29.29 22.80
C SER A 1171 -22.95 28.49 21.74
N LYS A 1172 -22.16 27.49 22.15
CA LYS A 1172 -21.51 26.61 21.17
C LYS A 1172 -22.54 25.83 20.37
N LYS A 1173 -23.61 25.39 21.01
CA LYS A 1173 -24.70 24.69 20.32
C LYS A 1173 -25.55 25.65 19.49
N PHE A 1174 -25.33 26.95 19.62
CA PHE A 1174 -26.06 27.94 18.83
C PHE A 1174 -25.34 28.31 17.55
N ASN A 1175 -24.00 28.31 17.55
CA ASN A 1175 -23.24 28.55 16.33
C ASN A 1175 -23.19 27.32 15.45
N GLU A 1176 -23.06 26.14 16.06
CA GLU A 1176 -23.04 24.90 15.30
C GLU A 1176 -24.37 24.65 14.61
N LEU A 1177 -25.49 24.86 15.32
CA LEU A 1177 -26.81 24.74 14.71
C LEU A 1177 -27.13 25.94 13.84
N ARG A 1178 -26.30 26.98 13.86
CA ARG A 1178 -26.43 28.07 12.90
C ARG A 1178 -25.84 27.69 11.54
N SER A 1179 -24.71 26.97 11.53
CA SER A 1179 -24.11 26.51 10.29
C SER A 1179 -24.68 25.17 9.82
N PHE A 1180 -25.25 24.38 10.71
CA PHE A 1180 -26.08 23.26 10.28
C PHE A 1180 -27.39 23.74 9.69
N ASP A 1181 -27.86 24.92 10.10
CA ASP A 1181 -29.00 25.53 9.44
C ASP A 1181 -28.60 26.13 8.08
N ASP A 1182 -27.46 26.81 8.03
CA ASP A 1182 -26.95 27.30 6.75
C ASP A 1182 -26.69 26.17 5.77
N ARG A 1183 -26.44 24.96 6.29
CA ARG A 1183 -26.22 23.80 5.44
C ARG A 1183 -27.47 22.93 5.26
N LEU A 1184 -28.43 22.97 6.19
CA LEU A 1184 -29.68 22.24 5.99
C LEU A 1184 -30.61 22.99 5.03
N ARG A 1185 -30.65 24.32 5.14
CA ARG A 1185 -31.34 25.12 4.13
C ARG A 1185 -30.82 24.80 2.74
N HIS A 1186 -29.51 24.58 2.64
CA HIS A 1186 -28.88 24.20 1.38
C HIS A 1186 -29.49 22.91 0.83
N TYR A 1187 -29.55 21.86 1.65
CA TYR A 1187 -30.03 20.56 1.20
C TYR A 1187 -31.55 20.44 1.22
N ALA A 1188 -32.26 21.36 1.88
CA ALA A 1188 -33.71 21.30 1.91
C ALA A 1188 -34.33 21.93 0.67
N ASP A 1189 -33.68 22.95 0.09
CA ASP A 1189 -34.14 23.49 -1.18
C ASP A 1189 -34.06 22.46 -2.28
N MET A 1190 -33.03 21.61 -2.24
CA MET A 1190 -32.79 20.63 -3.29
C MET A 1190 -33.94 19.63 -3.46
N ARG A 1191 -34.94 19.66 -2.57
CA ARG A 1191 -36.07 18.72 -2.58
C ARG A 1191 -35.63 17.31 -2.92
N ILE A 1192 -34.52 16.86 -2.34
CA ILE A 1192 -33.97 15.53 -2.60
C ILE A 1192 -35.06 14.50 -2.35
N SER A 1193 -35.42 13.75 -3.40
CA SER A 1193 -36.38 12.66 -3.30
C SER A 1193 -35.65 11.37 -3.60
N ILE A 1194 -35.80 10.38 -2.71
CA ILE A 1194 -34.99 9.18 -2.75
C ILE A 1194 -35.64 8.09 -3.59
N ASP A 1195 -34.84 7.08 -3.95
CA ASP A 1195 -35.34 5.84 -4.52
C ASP A 1195 -34.86 4.71 -3.63
N LEU A 1196 -35.79 3.87 -3.17
CA LEU A 1196 -35.46 2.85 -2.18
C LEU A 1196 -34.70 1.67 -2.77
N ASP A 1197 -34.88 1.40 -4.07
CA ASP A 1197 -34.15 0.31 -4.72
C ASP A 1197 -32.66 0.59 -4.85
N ASP A 1198 -32.22 1.83 -4.56
CA ASP A 1198 -30.84 2.21 -4.83
C ASP A 1198 -29.89 1.62 -3.79
N GLY A 1199 -30.30 1.58 -2.54
CA GLY A 1199 -29.46 1.08 -1.46
C GLY A 1199 -29.19 2.15 -0.40
N VAL A 1200 -28.63 1.69 0.71
CA VAL A 1200 -28.35 2.58 1.83
C VAL A 1200 -27.00 3.27 1.69
N LYS A 1201 -26.00 2.61 1.13
CA LYS A 1201 -24.67 3.21 0.97
C LYS A 1201 -24.66 4.35 -0.04
N VAL A 1202 -25.71 4.51 -0.82
CA VAL A 1202 -25.73 5.49 -1.91
C VAL A 1202 -26.45 6.74 -1.47
N ASN A 1203 -27.71 6.58 -1.03
CA ASN A 1203 -28.51 7.72 -0.58
C ASN A 1203 -27.83 8.48 0.55
N TYR A 1204 -27.10 7.77 1.41
CA TYR A 1204 -26.50 8.40 2.59
C TYR A 1204 -25.39 9.37 2.21
N GLY A 1205 -24.82 9.24 1.00
CA GLY A 1205 -23.89 10.23 0.52
C GLY A 1205 -24.53 11.42 -0.15
N LYS A 1206 -25.81 11.30 -0.54
CA LYS A 1206 -26.51 12.40 -1.19
C LYS A 1206 -26.66 13.62 -0.30
N PHE A 1207 -26.48 13.46 1.01
CA PHE A 1207 -26.72 14.56 1.94
C PHE A 1207 -25.42 15.11 2.51
N GLY A 1208 -24.29 14.73 1.95
CA GLY A 1208 -23.02 15.30 2.36
C GLY A 1208 -22.72 14.98 3.81
N ASP A 1209 -22.61 16.03 4.63
CA ASP A 1209 -22.24 15.89 6.03
C ASP A 1209 -23.39 16.14 6.99
N LEU A 1210 -24.61 16.38 6.48
CA LEU A 1210 -25.76 16.56 7.37
C LEU A 1210 -25.96 15.35 8.26
N LEU A 1211 -25.66 14.16 7.77
CA LEU A 1211 -25.82 12.94 8.52
C LEU A 1211 -24.53 12.60 9.26
N ALA A 1212 -24.64 11.70 10.24
CA ALA A 1212 -23.49 11.28 11.01
C ALA A 1212 -22.85 10.03 10.40
N ASP A 1213 -21.55 9.87 10.63
CA ASP A 1213 -20.81 8.70 10.18
C ASP A 1213 -20.90 8.53 8.67
N VAL A 1214 -20.78 9.64 7.93
CA VAL A 1214 -20.96 9.56 6.49
C VAL A 1214 -19.80 8.82 5.84
N LYS A 1215 -18.60 8.86 6.44
CA LYS A 1215 -17.48 8.14 5.86
C LYS A 1215 -17.40 6.69 6.32
N ALA A 1216 -18.09 6.33 7.40
CA ALA A 1216 -18.15 4.93 7.83
C ALA A 1216 -19.27 4.15 7.16
N ILE A 1217 -20.31 4.84 6.66
CA ILE A 1217 -21.38 4.18 5.94
C ILE A 1217 -21.06 4.19 4.45
N THR A 1218 -20.95 5.38 3.86
CA THR A 1218 -20.68 5.50 2.43
C THR A 1218 -19.26 5.09 2.06
N GLY A 1219 -18.34 5.12 3.01
CA GLY A 1219 -16.92 4.90 2.71
C GLY A 1219 -16.19 6.17 2.35
N ASN A 1220 -16.79 7.00 1.50
CA ASN A 1220 -16.21 8.27 1.13
C ASN A 1220 -16.46 9.31 2.23
N ALA A 1221 -15.46 10.15 2.47
CA ALA A 1221 -15.63 11.30 3.35
C ALA A 1221 -16.81 12.14 2.85
N PRO A 1222 -17.57 12.79 3.73
CA PRO A 1222 -18.77 13.48 3.28
C PRO A 1222 -18.45 14.64 2.35
N GLU A 1223 -19.03 14.60 1.15
CA GLU A 1223 -18.78 15.63 0.14
C GLU A 1223 -19.33 16.96 0.64
N ILE A 1224 -18.43 17.81 1.13
CA ILE A 1224 -18.79 19.10 1.72
C ILE A 1224 -19.17 20.06 0.61
N ILE A 1225 -20.47 20.17 0.33
CA ILE A 1225 -20.95 21.12 -0.65
C ILE A 1225 -21.03 22.49 0.01
N THR B 3 -23.41 27.18 -11.12
CA THR B 3 -22.52 26.27 -11.82
C THR B 3 -22.53 24.87 -11.20
N ASN B 4 -23.13 24.74 -10.01
CA ASN B 4 -23.37 23.42 -9.45
C ASN B 4 -24.16 22.56 -10.42
N ASN B 5 -24.97 23.18 -11.26
CA ASN B 5 -25.78 22.46 -12.24
C ASN B 5 -24.97 22.04 -13.45
N ILE B 6 -23.91 22.78 -13.77
CA ILE B 6 -23.04 22.42 -14.89
C ILE B 6 -21.93 21.48 -14.46
N LYS B 7 -21.28 21.77 -13.32
CA LYS B 7 -20.28 20.86 -12.78
C LYS B 7 -20.82 19.45 -12.64
N LYS B 8 -22.14 19.30 -12.54
CA LYS B 8 -22.77 18.01 -12.38
C LYS B 8 -23.21 17.40 -13.72
N TYR B 9 -23.56 18.23 -14.71
CA TYR B 9 -23.97 17.70 -16.00
C TYR B 9 -22.82 17.51 -16.98
N ALA B 10 -21.79 18.36 -16.91
CA ALA B 10 -20.78 18.36 -17.97
C ALA B 10 -19.94 17.10 -18.00
N PRO B 11 -19.36 16.61 -16.89
CA PRO B 11 -18.59 15.35 -16.98
C PRO B 11 -19.44 14.18 -17.47
N GLN B 12 -20.70 14.10 -17.05
CA GLN B 12 -21.58 13.06 -17.55
C GLN B 12 -21.89 13.28 -19.02
N ALA B 13 -22.10 14.52 -19.43
CA ALA B 13 -22.33 14.82 -20.84
C ALA B 13 -21.15 14.38 -21.69
N ARG B 14 -19.92 14.52 -21.17
CA ARG B 14 -18.76 13.97 -21.86
C ARG B 14 -18.94 12.48 -22.10
N ASN B 15 -19.19 11.73 -21.02
CA ASN B 15 -19.28 10.28 -21.12
C ASN B 15 -20.53 9.84 -21.88
N GLN B 16 -21.64 10.59 -21.76
CA GLN B 16 -22.82 10.26 -22.55
C GLN B 16 -22.59 10.49 -24.04
N PHE B 17 -21.86 11.54 -24.39
CA PHE B 17 -21.56 11.78 -25.79
C PHE B 17 -20.47 10.87 -26.33
N ARG B 18 -19.60 10.34 -25.47
CA ARG B 18 -18.52 9.47 -25.92
C ARG B 18 -19.03 8.10 -26.33
N ASP B 19 -19.78 7.43 -25.44
CA ASP B 19 -20.37 6.15 -25.80
C ASP B 19 -21.40 6.27 -26.91
N ALA B 20 -22.03 7.44 -27.08
CA ALA B 20 -22.94 7.68 -28.19
C ALA B 20 -22.21 7.83 -29.52
N VAL B 21 -20.89 7.92 -29.51
CA VAL B 21 -20.10 7.83 -30.72
C VAL B 21 -19.41 6.47 -30.86
N ILE B 22 -19.02 5.84 -29.73
CA ILE B 22 -18.53 4.47 -29.78
C ILE B 22 -19.60 3.54 -30.34
N GLN B 23 -20.83 3.66 -29.82
CA GLN B 23 -21.93 2.87 -30.36
C GLN B 23 -22.24 3.23 -31.79
N LYS B 24 -22.08 4.51 -32.17
CA LYS B 24 -22.25 4.94 -33.55
C LYS B 24 -21.08 4.56 -34.43
N LEU B 25 -19.93 4.22 -33.84
CA LEU B 25 -18.79 3.72 -34.60
C LEU B 25 -18.76 2.20 -34.68
N THR B 26 -19.29 1.49 -33.68
CA THR B 26 -19.42 0.04 -33.77
C THR B 26 -20.44 -0.36 -34.83
N THR B 27 -21.50 0.45 -34.99
CA THR B 27 -22.44 0.23 -36.09
C THR B 27 -21.76 0.47 -37.43
N LEU B 28 -20.97 1.55 -37.54
CA LEU B 28 -20.10 1.76 -38.70
C LEU B 28 -18.96 0.78 -38.75
N GLY B 29 -18.95 -0.18 -37.83
CA GLY B 29 -17.94 -1.21 -37.79
C GLY B 29 -16.54 -0.65 -37.59
N ILE B 30 -16.41 0.31 -36.69
CA ILE B 30 -15.11 0.92 -36.39
C ILE B 30 -14.96 1.05 -34.88
N SER B 31 -14.40 0.01 -34.24
CA SER B 31 -14.13 0.08 -32.82
C SER B 31 -12.66 -0.20 -32.56
N ALA B 32 -12.28 -0.35 -31.29
CA ALA B 32 -10.93 -0.73 -30.94
C ALA B 32 -10.98 -1.67 -29.75
N ASP B 33 -9.98 -2.54 -29.67
CA ASP B 33 -9.89 -3.48 -28.57
C ASP B 33 -9.39 -2.79 -27.31
N LYS B 34 -8.87 -3.58 -26.38
CA LYS B 34 -8.43 -3.02 -25.10
C LYS B 34 -7.00 -2.48 -25.20
N LYS B 35 -6.14 -3.17 -25.95
CA LYS B 35 -4.75 -2.77 -26.08
C LYS B 35 -4.57 -1.54 -26.95
N GLY B 36 -5.62 -1.05 -27.59
CA GLY B 36 -5.47 0.11 -28.46
C GLY B 36 -5.03 -0.25 -29.85
N ASN B 37 -5.77 -1.16 -30.50
CA ASN B 37 -5.57 -1.50 -31.90
C ASN B 37 -6.91 -1.42 -32.62
N LEU B 38 -6.86 -1.19 -33.92
CA LEU B 38 -8.06 -0.87 -34.68
C LEU B 38 -8.68 -2.10 -35.31
N GLN B 39 -9.98 -2.29 -35.07
CA GLN B 39 -10.79 -3.29 -35.75
C GLN B 39 -11.62 -2.61 -36.83
N ILE B 40 -11.85 -3.33 -37.92
CA ILE B 40 -12.51 -2.77 -39.10
C ILE B 40 -13.53 -3.75 -39.67
N ALA B 41 -14.81 -3.53 -39.38
CA ALA B 41 -15.85 -4.43 -39.84
C ALA B 41 -16.20 -4.18 -41.30
N ASP B 42 -16.49 -5.25 -42.03
CA ASP B 42 -16.50 -5.26 -43.48
C ASP B 42 -17.74 -4.55 -44.03
N ALA B 43 -17.75 -4.39 -45.35
CA ALA B 43 -18.78 -3.65 -46.09
C ALA B 43 -19.47 -4.62 -47.07
N GLU B 44 -20.60 -5.16 -46.64
CA GLU B 44 -21.35 -6.13 -47.43
C GLU B 44 -22.44 -5.42 -48.23
N LEU B 45 -22.67 -5.89 -49.46
CA LEU B 45 -23.62 -5.27 -50.38
C LEU B 45 -24.86 -6.15 -50.55
N VAL B 46 -26.03 -5.56 -50.31
CA VAL B 46 -27.30 -6.20 -50.63
C VAL B 46 -28.17 -5.19 -51.37
N GLY B 47 -27.87 -4.95 -52.64
CA GLY B 47 -28.68 -4.07 -53.47
C GLY B 47 -28.21 -2.61 -53.41
N GLU B 48 -29.05 -1.74 -52.86
CA GLU B 48 -28.81 -0.31 -52.84
C GLU B 48 -28.28 0.20 -51.50
N THR B 49 -27.92 -0.70 -50.59
CA THR B 49 -27.36 -0.33 -49.30
C THR B 49 -26.07 -1.12 -49.08
N MET B 50 -25.46 -0.94 -47.91
CA MET B 50 -24.33 -1.76 -47.50
C MET B 50 -24.61 -2.25 -46.09
N ARG B 51 -24.01 -3.39 -45.73
CA ARG B 51 -24.27 -4.01 -44.44
C ARG B 51 -22.96 -4.18 -43.68
N TYR B 52 -22.91 -3.65 -42.46
CA TYR B 52 -21.70 -3.70 -41.63
C TYR B 52 -21.96 -4.53 -40.37
N GLY B 53 -22.45 -5.75 -40.54
CA GLY B 53 -22.78 -6.59 -39.42
C GLY B 53 -24.26 -6.92 -39.38
N GLN B 54 -24.97 -6.37 -38.39
CA GLN B 54 -26.40 -6.60 -38.27
C GLN B 54 -27.19 -5.42 -38.83
N TYR B 57 -25.70 0.54 -43.65
CA TYR B 57 -25.66 1.92 -44.13
C TYR B 57 -25.68 1.90 -45.66
N PRO B 58 -26.07 3.01 -46.31
CA PRO B 58 -26.05 3.05 -47.77
C PRO B 58 -24.65 2.86 -48.34
N LYS B 59 -24.58 2.66 -49.65
CA LYS B 59 -23.29 2.49 -50.30
C LYS B 59 -22.53 3.80 -50.39
N SER B 60 -23.21 4.94 -50.23
CA SER B 60 -22.55 6.23 -50.12
C SER B 60 -21.81 6.37 -48.80
N THR B 61 -22.26 5.66 -47.75
CA THR B 61 -21.55 5.63 -46.47
C THR B 61 -20.16 5.05 -46.61
N LEU B 62 -19.84 4.42 -47.75
CA LEU B 62 -18.50 3.87 -47.92
C LEU B 62 -17.45 4.98 -48.02
N THR B 63 -17.75 6.05 -48.77
CA THR B 63 -16.80 7.16 -48.87
C THR B 63 -16.69 7.91 -47.54
N ARG B 64 -17.81 8.10 -46.84
CA ARG B 64 -17.78 8.78 -45.55
C ARG B 64 -17.00 7.97 -44.52
N ARG B 65 -17.21 6.65 -44.49
CA ARG B 65 -16.58 5.76 -43.52
C ARG B 65 -15.10 5.53 -43.82
N ASP B 66 -14.61 5.92 -45.00
CA ASP B 66 -13.20 5.75 -45.33
C ASP B 66 -12.32 6.88 -44.79
N ARG B 67 -12.91 8.03 -44.48
CA ARG B 67 -12.15 9.09 -43.80
C ARG B 67 -12.16 8.92 -42.29
N LEU B 68 -13.17 8.24 -41.75
CA LEU B 68 -13.17 7.91 -40.33
C LEU B 68 -12.07 6.90 -40.01
N VAL B 69 -12.05 5.78 -40.75
CA VAL B 69 -10.98 4.80 -40.60
C VAL B 69 -9.63 5.44 -40.88
N LYS B 70 -9.59 6.50 -41.68
CA LYS B 70 -8.35 7.25 -41.90
C LYS B 70 -7.87 7.88 -40.61
N ARG B 71 -8.69 8.75 -40.00
CA ARG B 71 -8.27 9.47 -38.81
C ARG B 71 -7.90 8.53 -37.68
N ALA B 72 -8.57 7.38 -37.58
CA ALA B 72 -8.33 6.44 -36.48
C ALA B 72 -6.94 5.84 -36.55
N ARG B 73 -6.32 5.78 -37.72
CA ARG B 73 -4.95 5.32 -37.85
C ARG B 73 -3.95 6.46 -37.89
N GLU B 74 -4.42 7.71 -37.85
CA GLU B 74 -3.55 8.88 -37.75
C GLU B 74 -3.45 9.42 -36.33
N GLN B 75 -4.48 9.22 -35.53
CA GLN B 75 -4.74 10.04 -34.35
C GLN B 75 -4.91 9.23 -33.08
N GLY B 76 -5.58 8.09 -33.15
CA GLY B 76 -5.78 7.25 -31.97
C GLY B 76 -7.27 7.15 -31.69
N PHE B 77 -7.74 5.91 -31.54
CA PHE B 77 -9.17 5.67 -31.36
C PHE B 77 -9.71 6.37 -30.12
N ASP B 78 -8.87 6.55 -29.09
CA ASP B 78 -9.28 7.30 -27.92
C ASP B 78 -9.38 8.80 -28.18
N VAL B 79 -8.72 9.29 -29.22
CA VAL B 79 -8.72 10.73 -29.46
C VAL B 79 -9.86 11.14 -30.38
N LEU B 80 -10.31 10.25 -31.27
CA LEU B 80 -11.45 10.55 -32.13
C LEU B 80 -12.70 10.81 -31.32
N VAL B 81 -13.16 9.79 -30.60
CA VAL B 81 -14.44 9.84 -29.92
C VAL B 81 -14.52 11.04 -28.99
N GLU B 82 -13.42 11.31 -28.27
CA GLU B 82 -13.40 12.46 -27.37
C GLU B 82 -13.48 13.78 -28.12
N HIS B 83 -13.04 13.80 -29.38
CA HIS B 83 -13.12 15.03 -30.17
C HIS B 83 -14.50 15.21 -30.80
N CYS B 84 -15.09 14.12 -31.29
CA CYS B 84 -16.43 14.19 -31.88
C CYS B 84 -17.49 14.41 -30.81
N ALA B 85 -17.51 13.55 -29.78
CA ALA B 85 -18.42 13.73 -28.64
C ALA B 85 -18.35 15.15 -28.10
N TYR B 86 -17.18 15.77 -28.17
CA TYR B 86 -16.99 17.15 -27.75
C TYR B 86 -17.55 18.12 -28.80
N THR B 87 -17.05 18.01 -30.04
CA THR B 87 -17.40 18.99 -31.07
C THR B 87 -18.90 19.06 -31.32
N TRP B 88 -19.61 17.94 -31.19
CA TRP B 88 -21.07 17.99 -31.23
C TRP B 88 -21.62 18.63 -29.96
N PHE B 89 -21.12 18.20 -28.79
CA PHE B 89 -21.50 18.84 -27.54
C PHE B 89 -21.18 20.33 -27.53
N ASN B 90 -20.23 20.76 -28.37
CA ASN B 90 -19.99 22.18 -28.56
C ASN B 90 -21.07 22.80 -29.43
N ARG B 91 -21.35 22.19 -30.57
CA ARG B 91 -22.35 22.72 -31.50
C ARG B 91 -23.73 22.79 -30.86
N LEU B 92 -24.11 21.75 -30.12
CA LEU B 92 -25.38 21.75 -29.41
C LEU B 92 -25.41 22.83 -28.34
N CYS B 93 -24.34 22.92 -27.53
CA CYS B 93 -24.21 24.01 -26.58
C CYS B 93 -24.17 25.36 -27.30
N ALA B 94 -23.60 25.40 -28.50
CA ALA B 94 -23.62 26.63 -29.28
C ALA B 94 -24.99 26.93 -29.87
N ILE B 95 -25.86 25.92 -29.95
CA ILE B 95 -27.24 26.17 -30.38
C ILE B 95 -28.15 26.44 -29.19
N ARG B 96 -27.91 25.78 -28.05
CA ARG B 96 -28.68 26.07 -26.84
C ARG B 96 -28.49 27.51 -26.38
N TYR B 97 -27.31 28.08 -26.60
CA TYR B 97 -27.11 29.50 -26.32
C TYR B 97 -27.76 30.38 -27.38
N MET B 98 -27.61 30.01 -28.66
CA MET B 98 -28.16 30.82 -29.74
C MET B 98 -29.68 30.77 -29.82
N GLU B 99 -30.32 29.77 -29.21
CA GLU B 99 -31.77 29.72 -29.26
C GLU B 99 -32.41 30.54 -28.14
N ILE B 100 -31.78 30.58 -26.97
CA ILE B 100 -32.30 31.43 -25.90
C ILE B 100 -32.17 32.91 -26.28
N HIS B 101 -31.01 33.29 -26.82
CA HIS B 101 -30.80 34.67 -27.25
C HIS B 101 -31.54 35.00 -28.54
N GLY B 102 -31.97 34.00 -29.31
CA GLY B 102 -32.73 34.23 -30.52
C GLY B 102 -31.92 34.56 -31.75
N TYR B 103 -30.59 34.43 -31.70
CA TYR B 103 -29.75 34.75 -32.85
C TYR B 103 -30.08 33.90 -34.07
N LEU B 104 -30.70 32.74 -33.87
CA LEU B 104 -31.20 31.94 -34.99
C LEU B 104 -32.09 32.79 -35.87
N ASP B 105 -31.70 32.91 -37.14
CA ASP B 105 -32.36 33.85 -38.05
C ASP B 105 -33.85 33.56 -38.18
N HIS B 106 -34.24 32.31 -37.97
CA HIS B 106 -35.66 31.96 -37.96
C HIS B 106 -36.33 32.31 -36.64
N GLY B 107 -35.58 32.28 -35.53
CA GLY B 107 -36.09 32.71 -34.25
C GLY B 107 -36.82 31.67 -33.45
N PHE B 108 -36.88 30.43 -33.91
CA PHE B 108 -37.58 29.36 -33.20
C PHE B 108 -36.61 28.61 -32.29
N HIS B 109 -37.10 28.20 -31.13
CA HIS B 109 -36.26 27.45 -30.20
C HIS B 109 -35.95 26.08 -30.76
N MET B 110 -34.65 25.75 -30.84
CA MET B 110 -34.20 24.59 -31.59
C MET B 110 -34.25 23.31 -30.76
N LEU B 111 -33.69 23.32 -29.56
CA LEU B 111 -33.59 22.12 -28.74
C LEU B 111 -34.67 22.00 -27.69
N SER B 112 -35.62 22.92 -27.64
CA SER B 112 -36.61 22.90 -26.56
C SER B 112 -37.91 23.53 -27.07
N HIS B 113 -38.88 23.66 -26.15
CA HIS B 113 -40.16 24.27 -26.42
C HIS B 113 -40.59 25.14 -25.23
N PRO B 114 -41.11 26.32 -25.49
CA PRO B 114 -41.44 27.25 -24.40
C PRO B 114 -42.71 26.90 -23.62
N ASP B 115 -43.82 26.60 -24.31
CA ASP B 115 -45.05 26.22 -23.62
C ASP B 115 -45.01 24.81 -23.08
N ASN B 116 -44.09 23.98 -23.56
CA ASN B 116 -44.08 22.55 -23.25
C ASN B 116 -42.66 22.16 -22.85
N PRO B 117 -42.42 21.80 -21.59
CA PRO B 117 -41.06 21.42 -21.19
C PRO B 117 -40.49 20.26 -21.98
N THR B 118 -41.33 19.29 -22.34
CA THR B 118 -40.85 18.08 -22.99
C THR B 118 -40.74 18.20 -24.50
N GLY B 119 -41.45 19.14 -25.12
CA GLY B 119 -41.53 19.24 -26.55
C GLY B 119 -40.37 20.00 -27.17
N PHE B 120 -40.55 20.35 -28.45
CA PHE B 120 -39.50 21.02 -29.23
C PHE B 120 -40.16 22.02 -30.17
N GLU B 121 -39.78 23.29 -30.05
CA GLU B 121 -40.48 24.35 -30.78
C GLU B 121 -40.28 24.23 -32.29
N VAL B 122 -39.16 23.69 -32.74
CA VAL B 122 -38.93 23.53 -34.17
C VAL B 122 -39.80 22.44 -34.79
N LEU B 123 -40.52 21.69 -33.97
CA LEU B 123 -41.38 20.63 -34.50
C LEU B 123 -42.69 21.20 -35.03
N ASP B 124 -43.25 22.19 -34.34
CA ASP B 124 -44.53 22.76 -34.72
C ASP B 124 -44.48 23.64 -35.97
N HIS B 125 -43.33 23.79 -36.64
CA HIS B 125 -43.21 24.70 -37.78
C HIS B 125 -42.18 24.17 -38.78
N VAL B 126 -42.39 22.96 -39.29
CA VAL B 126 -41.46 22.39 -40.25
C VAL B 126 -41.51 23.15 -41.58
N PRO B 127 -42.67 23.36 -42.21
CA PRO B 127 -42.65 23.99 -43.54
C PRO B 127 -41.98 25.34 -43.56
N GLU B 128 -42.22 26.18 -42.55
CA GLU B 128 -41.54 27.46 -42.47
C GLU B 128 -40.02 27.27 -42.34
N VAL B 129 -39.60 26.45 -41.38
CA VAL B 129 -38.18 26.21 -41.19
C VAL B 129 -37.56 25.58 -42.43
N ALA B 130 -38.35 24.79 -43.16
CA ALA B 130 -37.85 24.22 -44.42
C ALA B 130 -37.61 25.31 -45.45
N GLU B 131 -38.59 26.21 -45.64
CA GLU B 131 -38.50 27.26 -46.66
C GLU B 131 -37.19 28.05 -46.55
N ALA B 132 -36.77 28.37 -45.33
CA ALA B 132 -35.57 29.19 -45.16
C ALA B 132 -34.31 28.39 -45.45
N LEU B 133 -34.25 27.16 -44.92
CA LEU B 133 -33.01 26.38 -44.95
C LEU B 133 -32.97 25.42 -46.14
N LEU B 134 -34.04 24.68 -46.36
CA LEU B 134 -34.11 23.67 -47.41
C LEU B 134 -35.33 23.91 -48.30
N PRO B 135 -35.36 25.04 -49.04
CA PRO B 135 -36.56 25.37 -49.82
C PRO B 135 -36.90 24.30 -50.85
N GLU B 136 -35.89 23.57 -51.33
CA GLU B 136 -36.09 22.61 -52.41
C GLU B 136 -36.82 21.36 -51.89
N LYS B 137 -36.37 20.84 -50.75
CA LYS B 137 -36.88 19.58 -50.22
C LYS B 137 -38.19 19.77 -49.48
N LYS B 138 -38.69 21.01 -49.43
CA LYS B 138 -39.87 21.33 -48.65
C LYS B 138 -41.02 20.39 -48.94
N ALA B 139 -41.30 20.16 -50.23
CA ALA B 139 -42.35 19.22 -50.62
C ALA B 139 -42.13 17.86 -49.97
N GLN B 140 -40.92 17.32 -50.09
CA GLN B 140 -40.60 16.06 -49.43
C GLN B 140 -40.77 16.17 -47.93
N LEU B 141 -40.15 17.19 -47.32
CA LEU B 141 -40.22 17.33 -45.86
C LEU B 141 -41.66 17.50 -45.39
N VAL B 142 -42.40 18.41 -46.03
CA VAL B 142 -43.80 18.60 -45.67
C VAL B 142 -44.59 17.32 -45.84
N GLU B 143 -44.26 16.51 -46.85
CA GLU B 143 -44.89 15.21 -47.00
C GLU B 143 -44.45 14.26 -45.90
N MET B 144 -43.18 14.33 -45.49
CA MET B 144 -42.68 13.43 -44.46
C MET B 144 -43.32 13.69 -43.11
N LYS B 145 -43.76 14.93 -42.85
CA LYS B 145 -44.46 15.23 -41.61
C LYS B 145 -45.91 14.74 -41.66
N LEU B 146 -46.57 14.93 -42.81
CA LEU B 146 -47.93 14.44 -42.98
C LEU B 146 -48.02 12.93 -42.80
N SER B 147 -46.88 12.23 -42.80
CA SER B 147 -46.86 10.82 -42.46
C SER B 147 -46.95 10.58 -40.97
N GLY B 148 -46.59 11.56 -40.15
CA GLY B 148 -46.75 11.42 -38.71
C GLY B 148 -45.85 10.40 -38.07
N ASN B 149 -44.71 10.07 -38.68
CA ASN B 149 -43.81 9.08 -38.09
C ASN B 149 -42.38 9.21 -38.58
N GLN B 150 -41.97 10.33 -39.17
CA GLN B 150 -40.60 10.54 -39.62
C GLN B 150 -40.02 11.78 -38.97
N GLU B 152 -38.89 12.24 -35.85
CA GLU B 152 -37.48 12.00 -35.58
C GLU B 152 -36.60 12.01 -36.82
N ALA B 153 -37.17 11.80 -38.00
CA ALA B 153 -36.43 11.92 -39.25
C ALA B 153 -36.56 13.30 -39.87
N ILE B 154 -37.32 14.21 -39.25
CA ILE B 154 -37.39 15.60 -39.69
C ILE B 154 -36.56 16.51 -38.79
N TYR B 155 -36.73 16.37 -37.47
CA TYR B 155 -35.87 17.06 -36.52
C TYR B 155 -34.41 16.76 -36.82
N ARG B 156 -34.12 15.54 -37.29
CA ARG B 156 -32.77 15.23 -37.73
C ARG B 156 -32.41 16.02 -38.99
N GLU B 157 -33.37 16.18 -39.91
CA GLU B 157 -33.10 16.98 -41.09
C GLU B 157 -33.00 18.46 -40.76
N LEU B 158 -33.86 18.96 -39.88
CA LEU B 158 -33.79 20.36 -39.48
C LEU B 158 -32.50 20.64 -38.72
N LEU B 159 -32.21 19.84 -37.69
CA LEU B 159 -31.04 20.09 -36.85
C LEU B 159 -29.74 19.93 -37.62
N LEU B 160 -29.72 19.08 -38.65
CA LEU B 160 -28.55 19.05 -39.52
C LEU B 160 -28.46 20.32 -40.35
N ALA B 161 -29.60 20.81 -40.86
CA ALA B 161 -29.60 22.00 -41.70
C ALA B 161 -29.12 23.23 -40.93
N GLN B 162 -29.49 23.34 -39.65
CA GLN B 162 -29.01 24.46 -38.85
C GLN B 162 -27.51 24.37 -38.62
N CYS B 163 -26.94 23.17 -38.52
CA CYS B 163 -25.49 23.04 -38.49
C CYS B 163 -24.83 23.45 -39.79
N HIS B 164 -25.61 23.62 -40.85
CA HIS B 164 -25.10 23.96 -42.17
C HIS B 164 -25.33 25.42 -42.51
N ALA B 165 -26.48 25.97 -42.09
CA ALA B 165 -26.65 27.41 -42.11
C ALA B 165 -25.65 28.08 -41.16
N LEU B 166 -25.52 27.55 -39.95
CA LEU B 166 -24.59 28.09 -38.95
C LEU B 166 -23.14 27.85 -39.36
N HIS B 167 -22.92 27.25 -40.53
CA HIS B 167 -21.56 27.13 -41.02
C HIS B 167 -21.09 28.40 -41.71
N ARG B 168 -22.01 29.22 -42.21
CA ARG B 168 -21.65 30.41 -42.97
C ARG B 168 -20.74 31.33 -42.17
N ALA B 169 -21.11 31.64 -40.92
CA ALA B 169 -20.39 32.60 -40.12
C ALA B 169 -19.44 31.98 -39.11
N MET B 170 -19.73 30.78 -38.63
CA MET B 170 -18.93 30.10 -37.61
C MET B 170 -18.36 28.80 -38.19
N PRO B 171 -17.38 28.90 -39.09
CA PRO B 171 -16.85 27.66 -39.69
C PRO B 171 -16.15 26.78 -38.68
N PHE B 172 -15.24 27.36 -37.89
CA PHE B 172 -14.38 26.60 -36.98
C PHE B 172 -15.14 25.64 -36.09
N LEU B 173 -16.39 25.95 -35.74
CA LEU B 173 -17.15 25.03 -34.91
C LEU B 173 -18.18 24.27 -35.75
N PHE B 174 -19.20 24.97 -36.22
CA PHE B 174 -20.18 24.40 -37.15
C PHE B 174 -19.56 24.30 -38.54
N GLU B 175 -18.58 23.41 -38.65
CA GLU B 175 -17.98 23.15 -39.95
C GLU B 175 -19.06 22.64 -40.92
N ALA B 176 -18.78 22.73 -42.22
CA ALA B 176 -19.78 22.37 -43.23
C ALA B 176 -19.35 21.01 -42.70
N VAL B 177 -20.34 20.20 -42.33
CA VAL B 177 -20.29 19.06 -41.42
C VAL B 177 -19.66 18.12 -42.44
N ASP B 178 -18.40 17.76 -42.23
CA ASP B 178 -17.86 16.59 -42.90
C ASP B 178 -18.79 15.41 -42.69
N ASP B 179 -19.03 14.68 -43.78
CA ASP B 179 -20.11 13.70 -43.84
C ASP B 179 -20.07 12.70 -42.69
N GLU B 180 -18.91 12.48 -42.08
CA GLU B 180 -18.80 11.47 -41.04
C GLU B 180 -19.51 11.88 -39.75
N ALA B 181 -19.56 13.19 -39.46
CA ALA B 181 -20.16 13.63 -38.22
C ALA B 181 -21.66 13.36 -38.20
N GLU B 182 -22.34 13.60 -39.32
CA GLU B 182 -23.79 13.41 -39.38
C GLU B 182 -24.19 11.99 -39.00
N LEU B 183 -23.39 10.99 -39.41
CA LEU B 183 -23.70 9.63 -39.06
C LEU B 183 -23.55 9.38 -37.56
N LEU B 184 -22.61 10.06 -36.92
CA LEU B 184 -22.39 9.90 -35.49
C LEU B 184 -23.37 10.69 -34.64
N LEU B 185 -24.40 11.26 -35.25
CA LEU B 185 -25.43 11.99 -34.53
C LEU B 185 -26.27 11.04 -33.68
N PRO B 186 -26.21 11.12 -32.36
CA PRO B 186 -27.04 10.24 -31.53
C PRO B 186 -28.52 10.42 -31.86
N ASP B 187 -29.26 9.33 -31.71
CA ASP B 187 -30.68 9.31 -32.03
C ASP B 187 -31.49 9.32 -30.74
N ASN B 188 -32.81 9.28 -30.89
CA ASN B 188 -33.73 9.52 -29.80
C ASN B 188 -33.43 10.85 -29.13
N LEU B 189 -33.44 11.91 -29.96
CA LEU B 189 -33.19 13.26 -29.49
C LEU B 189 -34.48 14.00 -29.12
N THR B 190 -35.59 13.66 -29.76
CA THR B 190 -36.88 14.22 -29.37
C THR B 190 -37.46 13.53 -28.14
N ARG B 191 -36.98 12.34 -27.82
CA ARG B 191 -37.49 11.59 -26.68
C ARG B 191 -37.12 12.29 -25.37
N THR B 192 -37.86 11.94 -24.32
CA THR B 192 -37.58 12.50 -23.01
C THR B 192 -36.31 11.93 -22.37
N ASP B 193 -35.64 11.00 -23.05
CA ASP B 193 -34.41 10.38 -22.54
C ASP B 193 -33.16 10.81 -23.31
N SER B 194 -33.26 11.87 -24.11
CA SER B 194 -32.19 12.23 -25.01
C SER B 194 -30.95 12.70 -24.25
N ILE B 195 -29.86 12.86 -24.99
CA ILE B 195 -28.72 13.61 -24.50
C ILE B 195 -29.02 15.09 -24.43
N LEU B 196 -30.09 15.54 -25.10
CA LEU B 196 -30.38 16.96 -25.19
C LEU B 196 -31.18 17.46 -24.00
N ARG B 197 -32.14 16.65 -23.50
CA ARG B 197 -32.86 17.04 -22.31
C ARG B 197 -31.91 17.35 -21.16
N GLY B 198 -30.90 16.50 -20.97
CA GLY B 198 -29.86 16.80 -19.99
C GLY B 198 -29.13 18.10 -20.28
N LEU B 199 -28.96 18.43 -21.56
CA LEU B 199 -28.43 19.74 -21.92
C LEU B 199 -29.44 20.84 -21.60
N VAL B 200 -30.72 20.56 -21.80
CA VAL B 200 -31.78 21.55 -21.59
C VAL B 200 -32.26 21.56 -20.14
N ASP B 201 -32.58 20.38 -19.59
CA ASP B 201 -33.16 20.29 -18.24
C ASP B 201 -32.11 20.26 -17.14
N GLY B 202 -30.84 20.05 -17.47
CA GLY B 202 -29.76 20.03 -16.51
C GLY B 202 -29.05 21.35 -16.32
N ILE B 203 -29.47 22.39 -17.03
CA ILE B 203 -28.88 23.72 -16.89
C ILE B 203 -30.02 24.74 -16.95
N PRO B 204 -30.33 25.45 -15.86
CA PRO B 204 -31.37 26.47 -15.92
C PRO B 204 -31.03 27.55 -16.93
N GLU B 205 -32.07 28.26 -17.38
CA GLU B 205 -31.89 29.25 -18.43
C GLU B 205 -31.22 30.52 -17.94
N GLU B 206 -31.35 30.85 -16.65
CA GLU B 206 -30.58 31.96 -16.09
C GLU B 206 -29.08 31.66 -16.05
N ASP B 207 -28.67 30.41 -16.28
CA ASP B 207 -27.26 30.07 -16.42
C ASP B 207 -26.74 30.28 -17.84
N TRP B 208 -27.62 30.57 -18.80
CA TRP B 208 -27.24 30.73 -20.20
C TRP B 208 -27.20 32.20 -20.62
N GLN B 209 -27.40 33.14 -19.68
CA GLN B 209 -27.37 34.56 -20.01
C GLN B 209 -25.95 35.11 -20.05
N GLU B 210 -25.11 34.70 -19.10
CA GLU B 210 -23.70 35.05 -19.12
C GLU B 210 -22.98 34.09 -20.06
N VAL B 211 -22.21 34.62 -21.01
CA VAL B 211 -21.38 33.77 -21.84
C VAL B 211 -20.38 32.98 -21.00
N GLU B 212 -20.20 33.37 -19.74
CA GLU B 212 -19.41 32.60 -18.78
C GLU B 212 -19.83 31.14 -18.74
N VAL B 213 -21.07 30.82 -19.12
CA VAL B 213 -21.48 29.42 -19.20
C VAL B 213 -20.58 28.65 -20.15
N ILE B 214 -20.08 29.31 -21.21
CA ILE B 214 -19.11 28.68 -22.11
C ILE B 214 -17.89 28.25 -21.32
N GLY B 215 -17.38 29.13 -20.45
CA GLY B 215 -16.12 28.87 -19.77
C GLY B 215 -16.19 27.77 -18.74
N TRP B 216 -17.37 27.50 -18.18
CA TRP B 216 -17.41 26.42 -17.21
C TRP B 216 -17.64 25.07 -17.88
N LEU B 217 -18.48 25.04 -18.91
CA LEU B 217 -18.54 23.88 -19.80
C LEU B 217 -17.14 23.48 -20.23
N TYR B 218 -16.30 24.48 -20.48
CA TYR B 218 -14.89 24.29 -20.73
C TYR B 218 -14.22 23.47 -19.62
N GLN B 219 -14.43 23.82 -18.36
CA GLN B 219 -13.67 23.22 -17.27
C GLN B 219 -14.45 22.14 -16.51
N PHE B 220 -15.53 21.62 -17.08
CA PHE B 220 -16.20 20.53 -16.35
C PHE B 220 -16.42 19.30 -17.20
N TYR B 221 -16.68 19.48 -18.50
CA TYR B 221 -16.62 18.37 -19.44
C TYR B 221 -15.33 17.58 -19.22
N ILE B 222 -14.23 18.29 -19.00
CA ILE B 222 -12.90 17.69 -18.96
C ILE B 222 -12.43 17.47 -17.52
N SER B 223 -13.31 17.68 -16.53
CA SER B 223 -12.92 17.57 -15.13
C SER B 223 -12.54 16.14 -14.74
N GLU B 224 -13.20 15.14 -15.33
CA GLU B 224 -12.90 13.76 -14.97
C GLU B 224 -11.57 13.30 -15.56
N LYS B 225 -11.40 13.49 -16.86
CA LYS B 225 -10.15 13.12 -17.54
C LYS B 225 -8.95 13.88 -16.99
N LYS B 226 -9.19 14.87 -16.12
CA LYS B 226 -8.10 15.57 -15.46
C LYS B 226 -7.61 14.82 -14.23
N ASP B 227 -8.55 14.45 -13.33
CA ASP B 227 -8.17 13.75 -12.09
C ASP B 227 -7.34 12.51 -12.36
N ALA B 228 -7.54 11.86 -13.51
CA ALA B 228 -6.81 10.64 -13.84
C ALA B 228 -5.35 10.96 -14.15
N VAL B 229 -5.10 11.72 -15.21
CA VAL B 229 -3.74 12.00 -15.66
C VAL B 229 -2.94 12.82 -14.66
N ILE B 230 -3.57 13.28 -13.58
CA ILE B 230 -2.86 13.95 -12.51
C ILE B 230 -1.93 12.97 -11.82
N GLY B 231 -0.66 13.36 -11.68
CA GLY B 231 0.32 12.54 -11.00
C GLY B 231 1.08 11.57 -11.87
N LYS B 232 1.09 11.79 -13.19
CA LYS B 232 1.76 10.89 -14.12
C LYS B 232 2.36 11.71 -15.25
N VAL B 233 3.16 11.04 -16.08
CA VAL B 233 3.55 11.63 -17.36
C VAL B 233 2.32 11.76 -18.22
N VAL B 234 2.14 12.93 -18.81
CA VAL B 234 0.93 13.25 -19.57
C VAL B 234 1.26 13.16 -21.06
N LYS B 235 0.42 12.44 -21.80
CA LYS B 235 0.59 12.35 -23.24
C LYS B 235 0.29 13.69 -23.89
N SER B 236 0.84 13.88 -25.09
CA SER B 236 0.56 15.10 -25.85
C SER B 236 -0.92 15.24 -26.19
N GLU B 237 -1.69 14.15 -26.09
CA GLU B 237 -3.13 14.19 -26.27
C GLU B 237 -3.87 14.49 -24.98
N ASP B 238 -3.23 14.30 -23.83
CA ASP B 238 -3.86 14.46 -22.53
C ASP B 238 -3.52 15.80 -21.87
N ILE B 239 -2.91 16.72 -22.61
CA ILE B 239 -2.44 17.99 -22.05
C ILE B 239 -3.59 19.00 -21.90
N PRO B 240 -4.41 19.26 -22.93
CA PRO B 240 -5.52 20.22 -22.74
C PRO B 240 -6.43 19.85 -21.60
N ALA B 241 -6.39 18.61 -21.12
CA ALA B 241 -7.08 18.19 -19.92
C ALA B 241 -6.27 18.47 -18.66
N ALA B 242 -5.02 17.99 -18.63
CA ALA B 242 -4.24 18.04 -17.39
C ALA B 242 -3.94 19.47 -16.98
N THR B 243 -3.73 20.35 -17.95
CA THR B 243 -3.40 21.74 -17.65
C THR B 243 -4.63 22.63 -17.50
N GLN B 244 -5.80 22.14 -17.88
CA GLN B 244 -6.92 23.04 -18.13
C GLN B 244 -7.48 23.61 -16.83
N LEU B 245 -7.43 24.93 -16.72
CA LEU B 245 -7.99 25.68 -15.61
C LEU B 245 -8.97 26.70 -16.16
N PHE B 246 -9.55 27.48 -15.25
CA PHE B 246 -10.32 28.65 -15.60
C PHE B 246 -10.03 29.71 -14.56
N THR B 247 -9.94 30.96 -14.99
CA THR B 247 -9.55 32.05 -14.12
C THR B 247 -10.78 32.86 -13.74
N PRO B 248 -10.98 33.13 -12.44
CA PRO B 248 -12.10 34.00 -12.03
C PRO B 248 -12.02 35.35 -12.73
N ASN B 249 -13.16 36.00 -12.83
CA ASN B 249 -13.25 37.21 -13.66
C ASN B 249 -12.39 38.34 -13.10
N TRP B 250 -12.50 38.61 -11.80
CA TRP B 250 -11.85 39.79 -11.23
C TRP B 250 -10.34 39.77 -11.41
N ILE B 251 -9.74 38.62 -11.69
CA ILE B 251 -8.31 38.56 -11.96
C ILE B 251 -8.02 38.99 -13.39
N VAL B 252 -8.78 38.47 -14.36
CA VAL B 252 -8.56 38.80 -15.75
C VAL B 252 -8.62 40.31 -15.94
N GLN B 253 -9.61 40.96 -15.32
CA GLN B 253 -9.64 42.41 -15.32
C GLN B 253 -8.34 42.98 -14.77
N TYR B 254 -7.89 42.47 -13.61
CA TYR B 254 -6.63 42.96 -13.07
C TYR B 254 -5.49 42.76 -14.06
N LEU B 255 -5.51 41.66 -14.80
CA LEU B 255 -4.49 41.45 -15.83
C LEU B 255 -4.71 42.36 -17.02
N VAL B 256 -5.94 42.40 -17.54
CA VAL B 256 -6.23 43.18 -18.74
C VAL B 256 -6.19 44.68 -18.45
N GLN B 257 -6.84 45.09 -17.36
CA GLN B 257 -6.94 46.52 -17.06
C GLN B 257 -5.58 47.15 -16.80
N ASN B 258 -4.65 46.39 -16.22
CA ASN B 258 -3.32 46.90 -15.93
C ASN B 258 -2.32 46.62 -17.06
N SER B 259 -2.82 46.29 -18.25
CA SER B 259 -1.95 46.02 -19.39
C SER B 259 -2.46 46.77 -20.62
N VAL B 260 -3.49 46.22 -21.26
CA VAL B 260 -4.14 46.91 -22.38
C VAL B 260 -4.68 48.26 -21.92
N GLY B 261 -5.43 48.25 -20.81
CA GLY B 261 -5.91 49.51 -20.25
C GLY B 261 -4.78 50.41 -19.79
N ARG B 262 -3.65 49.83 -19.38
CA ARG B 262 -2.52 50.64 -18.95
C ARG B 262 -1.89 51.38 -20.12
N GLN B 263 -1.97 50.83 -21.33
CA GLN B 263 -1.30 51.43 -22.48
C GLN B 263 -2.10 52.59 -23.07
N TRP B 264 -3.44 52.53 -22.99
CA TRP B 264 -4.25 53.66 -23.43
C TRP B 264 -4.34 54.75 -22.36
N LEU B 265 -4.16 54.37 -21.09
CA LEU B 265 -4.07 55.35 -20.00
C LEU B 265 -2.67 55.96 -19.87
N GLN B 266 -1.65 55.34 -20.46
CA GLN B 266 -0.33 55.95 -20.47
C GLN B 266 -0.22 57.03 -21.53
N THR B 267 -1.09 56.99 -22.55
CA THR B 267 -1.11 57.98 -23.62
C THR B 267 -2.22 59.01 -23.46
N TYR B 268 -3.29 58.69 -22.74
CA TYR B 268 -4.41 59.60 -22.52
C TYR B 268 -4.80 59.55 -21.03
N PRO B 269 -3.96 60.11 -20.15
CA PRO B 269 -4.16 59.90 -18.70
C PRO B 269 -5.45 60.49 -18.15
N ASP B 270 -6.16 61.34 -18.89
CA ASP B 270 -7.43 61.89 -18.45
C ASP B 270 -8.63 61.21 -19.11
N SER B 271 -8.45 59.95 -19.54
CA SER B 271 -9.50 59.20 -20.23
C SER B 271 -10.50 58.66 -19.22
N PRO B 272 -11.79 58.61 -19.58
CA PRO B 272 -12.82 58.20 -18.61
C PRO B 272 -12.90 56.71 -18.33
N LEU B 273 -11.94 55.93 -18.82
CA LEU B 273 -11.98 54.48 -18.64
C LEU B 273 -11.51 54.05 -17.25
N LYS B 274 -10.96 54.97 -16.45
CA LYS B 274 -10.37 54.60 -15.18
C LYS B 274 -11.44 54.29 -14.13
N GLY B 275 -12.54 55.03 -14.15
CA GLY B 275 -13.68 54.70 -13.31
C GLY B 275 -14.35 53.40 -13.72
N LYS B 276 -14.25 53.04 -15.00
CA LYS B 276 -14.72 51.75 -15.50
C LYS B 276 -13.78 50.60 -15.18
N MET B 277 -12.55 50.89 -14.78
CA MET B 277 -11.57 49.87 -14.40
C MET B 277 -11.32 50.01 -12.90
N ASP B 278 -12.15 49.33 -12.10
CA ASP B 278 -11.99 49.34 -10.65
C ASP B 278 -10.84 48.46 -10.18
N TYR B 279 -10.24 47.69 -11.07
CA TYR B 279 -9.04 46.91 -10.77
C TYR B 279 -7.78 47.50 -11.39
N TYR B 280 -7.86 48.73 -11.89
CA TYR B 280 -6.66 49.43 -12.32
C TYR B 280 -5.89 49.93 -11.12
N ILE B 281 -4.59 49.70 -11.12
CA ILE B 281 -3.71 50.12 -10.04
C ILE B 281 -3.02 51.40 -10.46
N GLU B 282 -3.11 52.43 -9.61
CA GLU B 282 -2.60 53.76 -9.94
C GLU B 282 -1.10 53.83 -9.66
N PRO B 283 -0.29 54.29 -10.61
CA PRO B 283 1.17 54.21 -10.46
C PRO B 283 1.68 54.93 -9.22
N ALA B 284 2.76 54.40 -8.65
CA ALA B 284 3.36 54.96 -7.46
C ALA B 284 4.12 56.23 -7.82
N GLU B 285 4.65 56.89 -6.79
CA GLU B 285 5.44 58.10 -6.99
C GLU B 285 6.81 57.73 -7.56
N GLN B 286 7.04 58.10 -8.81
CA GLN B 286 8.33 57.89 -9.43
C GLN B 286 9.23 59.09 -9.16
N THR B 287 10.48 59.00 -9.57
CA THR B 287 11.47 60.03 -9.32
C THR B 287 11.65 60.92 -10.54
N PRO B 288 12.26 62.10 -10.39
CA PRO B 288 12.47 62.98 -11.55
C PRO B 288 13.04 62.30 -12.79
N GLU B 289 13.83 61.24 -12.60
CA GLU B 289 14.42 60.51 -13.72
C GLU B 289 13.46 59.49 -14.34
N VAL B 290 12.94 58.53 -13.56
CA VAL B 290 12.05 57.52 -14.14
C VAL B 290 10.87 58.18 -14.84
N GLN B 291 10.42 59.34 -14.36
CA GLN B 291 9.27 60.00 -14.94
C GLN B 291 9.54 60.43 -16.39
N ALA B 292 10.74 60.94 -16.66
CA ALA B 292 11.06 61.41 -18.01
C ALA B 292 11.19 60.25 -18.98
N GLN B 293 11.80 59.15 -18.53
CA GLN B 293 11.91 57.92 -19.33
C GLN B 293 10.58 57.55 -19.97
N LEU B 294 9.54 57.43 -19.14
CA LEU B 294 8.24 57.03 -19.64
C LEU B 294 7.66 58.06 -20.60
N ALA B 295 7.98 59.35 -20.39
CA ALA B 295 7.48 60.40 -21.25
C ALA B 295 8.10 60.33 -22.64
N ALA B 296 9.35 59.85 -22.73
CA ALA B 296 10.02 59.78 -24.02
C ALA B 296 9.55 58.60 -24.86
N ILE B 297 9.10 57.52 -24.23
CA ILE B 297 8.68 56.34 -24.96
C ILE B 297 7.17 56.30 -25.22
N THR B 298 6.39 57.01 -24.41
CA THR B 298 4.95 57.06 -24.60
C THR B 298 4.61 57.65 -25.95
N PRO B 299 3.97 56.90 -26.86
CA PRO B 299 3.61 57.47 -28.15
C PRO B 299 2.61 58.61 -27.97
N ALA B 300 2.75 59.63 -28.83
CA ALA B 300 1.90 60.81 -28.73
C ALA B 300 0.43 60.43 -28.79
N SER B 301 0.02 59.80 -29.89
CA SER B 301 -1.33 59.27 -30.05
C SER B 301 -1.24 57.76 -30.26
N ILE B 302 -2.37 57.09 -30.10
CA ILE B 302 -2.51 55.68 -30.42
C ILE B 302 -3.78 55.50 -31.23
N GLU B 303 -3.65 55.01 -32.45
CA GLU B 303 -4.83 54.63 -33.20
C GLU B 303 -5.38 53.32 -32.66
N PRO B 304 -6.70 53.21 -32.49
CA PRO B 304 -7.27 51.97 -31.93
C PRO B 304 -7.04 50.76 -32.80
N GLU B 305 -7.02 50.94 -34.12
CA GLU B 305 -6.86 49.85 -35.07
C GLU B 305 -5.43 49.30 -35.10
N SER B 306 -4.51 49.90 -34.33
CA SER B 306 -3.12 49.51 -34.34
C SER B 306 -2.70 48.69 -33.12
N ILE B 307 -3.46 48.75 -32.03
CA ILE B 307 -3.13 47.99 -30.83
C ILE B 307 -3.44 46.52 -31.07
N LYS B 308 -2.54 45.64 -30.63
CA LYS B 308 -2.70 44.21 -30.82
C LYS B 308 -2.36 43.48 -29.53
N VAL B 309 -3.19 42.49 -29.19
CA VAL B 309 -3.11 41.76 -27.92
C VAL B 309 -3.19 40.27 -28.22
N LEU B 310 -2.46 39.47 -27.44
CA LEU B 310 -2.34 38.04 -27.70
C LEU B 310 -2.52 37.23 -26.43
N ASP B 311 -3.35 36.19 -26.50
CA ASP B 311 -3.41 35.16 -25.46
C ASP B 311 -2.93 33.85 -26.06
N PRO B 312 -1.66 33.46 -25.83
CA PRO B 312 -1.17 32.19 -26.39
C PRO B 312 -1.80 30.97 -25.77
N ALA B 313 -2.59 31.12 -24.70
CA ALA B 313 -3.27 30.02 -24.05
C ALA B 313 -4.67 30.49 -23.61
N CYS B 314 -5.48 30.88 -24.60
CA CYS B 314 -6.77 31.48 -24.28
C CYS B 314 -7.76 30.44 -23.74
N GLY B 315 -7.70 29.22 -24.24
CA GLY B 315 -8.60 28.18 -23.80
C GLY B 315 -10.04 28.44 -24.16
N SER B 316 -10.85 28.82 -23.17
CA SER B 316 -12.23 29.20 -23.44
C SER B 316 -12.37 30.63 -23.92
N GLY B 317 -11.25 31.36 -24.02
CA GLY B 317 -11.29 32.74 -24.43
C GLY B 317 -11.69 33.72 -23.34
N HIS B 318 -11.72 33.27 -22.07
CA HIS B 318 -12.17 34.13 -20.98
C HIS B 318 -11.33 35.39 -20.89
N ILE B 319 -10.02 35.28 -21.13
CA ILE B 319 -9.16 36.45 -21.08
C ILE B 319 -9.42 37.36 -22.26
N LEU B 320 -9.71 36.78 -23.43
CA LEU B 320 -9.96 37.57 -24.63
C LEU B 320 -11.22 38.43 -24.49
N ILE B 321 -12.23 37.92 -23.78
CA ILE B 321 -13.52 38.61 -23.72
C ILE B 321 -13.40 39.90 -22.92
N GLU B 322 -12.62 39.89 -21.83
CA GLU B 322 -12.39 41.14 -21.11
C GLU B 322 -11.54 42.10 -21.94
N VAL B 323 -10.66 41.57 -22.80
CA VAL B 323 -9.95 42.43 -23.74
C VAL B 323 -10.93 43.06 -24.72
N TYR B 324 -11.93 42.30 -25.16
CA TYR B 324 -12.96 42.86 -26.04
C TYR B 324 -13.70 44.00 -25.35
N ASN B 325 -14.07 43.81 -24.09
CA ASN B 325 -14.78 44.86 -23.35
C ASN B 325 -13.92 46.10 -23.20
N VAL B 326 -12.63 45.93 -22.92
CA VAL B 326 -11.75 47.09 -22.75
C VAL B 326 -11.54 47.80 -24.08
N LEU B 327 -11.39 47.03 -25.16
CA LEU B 327 -11.16 47.64 -26.47
C LEU B 327 -12.41 48.35 -26.99
N LYS B 328 -13.59 47.83 -26.67
CA LYS B 328 -14.84 48.44 -27.11
C LYS B 328 -14.97 49.87 -26.60
N ASN B 329 -14.84 50.06 -25.29
CA ASN B 329 -14.93 51.39 -24.71
C ASN B 329 -13.86 52.33 -25.25
N ILE B 330 -12.77 51.78 -25.80
CA ILE B 330 -11.75 52.61 -26.43
C ILE B 330 -12.22 53.11 -27.78
N TYR B 331 -12.77 52.22 -28.61
CA TYR B 331 -13.29 52.63 -29.91
C TYR B 331 -14.43 53.63 -29.75
N GLU B 332 -15.36 53.35 -28.83
CA GLU B 332 -16.44 54.28 -28.53
C GLU B 332 -15.87 55.64 -28.13
N GLU B 333 -14.88 55.64 -27.26
CA GLU B 333 -14.20 56.88 -26.87
C GLU B 333 -13.58 57.57 -28.07
N ARG B 334 -12.87 56.82 -28.91
CA ARG B 334 -12.22 57.42 -30.07
C ARG B 334 -13.22 57.91 -31.13
N GLY B 335 -14.52 57.93 -30.83
CA GLY B 335 -15.49 58.46 -31.74
C GLY B 335 -15.87 57.53 -32.86
N TYR B 336 -15.73 56.22 -32.64
CA TYR B 336 -16.15 55.24 -33.63
C TYR B 336 -17.60 54.86 -33.39
N ARG B 337 -18.34 54.70 -34.49
CA ARG B 337 -19.73 54.28 -34.41
C ARG B 337 -19.84 52.95 -33.69
N ALA B 338 -20.78 52.84 -32.75
CA ALA B 338 -20.84 51.67 -31.89
C ALA B 338 -21.03 50.38 -32.66
N ARG B 339 -21.40 50.47 -33.94
CA ARG B 339 -21.84 49.30 -34.73
C ARG B 339 -20.67 48.60 -35.43
N ASP B 340 -19.68 49.38 -35.81
CA ASP B 340 -18.52 48.90 -36.54
C ASP B 340 -17.49 48.29 -35.61
N ILE B 341 -17.50 48.69 -34.34
CA ILE B 341 -16.47 48.34 -33.35
C ILE B 341 -16.23 46.84 -33.27
N PRO B 342 -17.26 45.98 -33.29
CA PRO B 342 -16.97 44.53 -33.28
C PRO B 342 -16.07 44.08 -34.42
N GLN B 343 -16.37 44.47 -35.65
CA GLN B 343 -15.57 43.99 -36.78
C GLN B 343 -14.13 44.49 -36.71
N LEU B 344 -13.93 45.77 -36.36
CA LEU B 344 -12.58 46.31 -36.28
C LEU B 344 -11.78 45.63 -35.18
N ILE B 345 -12.39 45.42 -34.01
CA ILE B 345 -11.69 44.75 -32.92
C ILE B 345 -11.29 43.34 -33.33
N LEU B 346 -12.18 42.63 -34.02
CA LEU B 346 -11.91 41.23 -34.32
C LEU B 346 -10.85 41.07 -35.42
N GLU B 347 -10.77 42.03 -36.35
CA GLU B 347 -9.87 41.87 -37.49
C GLU B 347 -8.48 42.46 -37.27
N ASN B 348 -8.31 43.40 -36.34
CA ASN B 348 -7.04 44.08 -36.22
C ASN B 348 -6.56 44.27 -34.78
N ASN B 349 -7.19 43.60 -33.80
CA ASN B 349 -6.81 43.79 -32.41
C ASN B 349 -6.56 42.49 -31.65
N ILE B 350 -7.51 41.55 -31.68
CA ILE B 350 -7.46 40.35 -30.84
C ILE B 350 -6.82 39.20 -31.61
N PHE B 351 -6.00 38.41 -30.90
CA PHE B 351 -5.37 37.22 -31.43
C PHE B 351 -5.25 36.19 -30.32
N GLY B 352 -5.48 34.92 -30.65
CA GLY B 352 -5.46 33.88 -29.63
C GLY B 352 -5.06 32.51 -30.13
N LEU B 353 -4.28 31.79 -29.32
CA LEU B 353 -3.74 30.49 -29.71
C LEU B 353 -4.01 29.47 -28.61
N ASP B 354 -4.11 28.20 -29.01
CA ASP B 354 -4.24 27.09 -28.07
C ASP B 354 -3.81 25.80 -28.78
N ILE B 355 -3.81 24.71 -28.00
CA ILE B 355 -3.54 23.39 -28.51
C ILE B 355 -4.80 22.54 -28.60
N ASP B 356 -5.80 22.81 -27.77
CA ASP B 356 -7.07 22.11 -27.80
C ASP B 356 -7.92 22.70 -28.91
N ASP B 357 -8.11 21.93 -30.00
CA ASP B 357 -9.00 22.38 -31.08
C ASP B 357 -10.36 22.77 -30.52
N ARG B 358 -10.84 22.01 -29.56
CA ARG B 358 -12.17 22.20 -29.00
C ARG B 358 -12.22 23.35 -28.00
N ALA B 359 -11.09 23.75 -27.44
CA ALA B 359 -11.05 25.01 -26.70
C ALA B 359 -11.06 26.20 -27.64
N ALA B 360 -10.34 26.11 -28.75
CA ALA B 360 -10.37 27.17 -29.76
C ALA B 360 -11.76 27.34 -30.35
N GLN B 361 -12.51 26.23 -30.51
CA GLN B 361 -13.89 26.33 -30.95
C GLN B 361 -14.74 27.11 -29.96
N LEU B 362 -14.42 27.00 -28.67
CA LEU B 362 -15.21 27.68 -27.65
C LEU B 362 -14.76 29.12 -27.46
N SER B 363 -13.44 29.35 -27.48
CA SER B 363 -12.92 30.71 -27.49
C SER B 363 -13.53 31.52 -28.62
N GLY B 364 -13.37 31.03 -29.86
CA GLY B 364 -13.92 31.75 -31.00
C GLY B 364 -15.41 31.91 -30.94
N PHE B 365 -16.12 30.88 -30.45
CA PHE B 365 -17.56 31.01 -30.29
C PHE B 365 -17.91 32.01 -29.21
N ALA B 366 -17.07 32.14 -28.18
CA ALA B 366 -17.36 33.08 -27.10
C ALA B 366 -17.26 34.52 -27.57
N LEU B 367 -16.33 34.81 -28.51
CA LEU B 367 -16.13 36.19 -28.93
C LEU B 367 -17.14 36.63 -29.98
N LEU B 368 -17.55 35.73 -30.88
CA LEU B 368 -18.61 36.08 -31.83
C LEU B 368 -19.92 36.34 -31.11
N MET B 369 -20.15 35.68 -29.98
CA MET B 369 -21.33 36.01 -29.18
C MET B 369 -21.18 37.37 -28.52
N MET B 370 -19.95 37.78 -28.20
CA MET B 370 -19.72 39.12 -27.71
C MET B 370 -19.91 40.15 -28.82
N ALA B 371 -19.68 39.75 -30.08
CA ALA B 371 -19.89 40.63 -31.21
C ALA B 371 -21.33 40.62 -31.71
N ARG B 372 -22.02 39.48 -31.60
CA ARG B 372 -23.43 39.41 -31.96
C ARG B 372 -24.32 40.13 -30.95
N GLN B 373 -23.75 40.56 -29.82
CA GLN B 373 -24.45 41.40 -28.86
C GLN B 373 -24.40 42.88 -29.23
N ASP B 374 -23.29 43.34 -29.82
CA ASP B 374 -23.14 44.73 -30.23
C ASP B 374 -23.37 44.93 -31.72
N ASP B 375 -23.66 43.87 -32.47
CA ASP B 375 -23.82 43.97 -33.92
C ASP B 375 -24.67 42.77 -34.35
N ARG B 376 -25.96 43.00 -34.59
CA ARG B 376 -26.84 41.95 -35.07
C ARG B 376 -26.40 41.40 -36.41
N ARG B 377 -25.61 42.16 -37.16
CA ARG B 377 -25.20 41.78 -38.50
C ARG B 377 -23.70 41.50 -38.56
N ILE B 378 -23.23 40.64 -37.65
CA ILE B 378 -21.87 40.13 -37.74
C ILE B 378 -21.85 38.75 -38.40
N PHE B 379 -22.97 38.03 -38.39
CA PHE B 379 -23.04 36.73 -39.04
C PHE B 379 -22.99 36.88 -40.57
N THR B 380 -23.59 37.93 -41.10
CA THR B 380 -23.68 38.12 -42.54
C THR B 380 -22.47 38.84 -43.13
N ARG B 381 -21.63 39.44 -42.31
CA ARG B 381 -20.34 39.91 -42.80
C ARG B 381 -19.33 38.77 -42.84
N ASP B 382 -18.15 39.06 -43.40
CA ASP B 382 -17.06 38.09 -43.47
C ASP B 382 -16.01 38.50 -42.44
N VAL B 383 -16.15 37.96 -41.24
CA VAL B 383 -15.26 38.28 -40.12
C VAL B 383 -14.19 37.21 -40.04
N ARG B 384 -12.99 37.56 -40.48
CA ARG B 384 -11.83 36.67 -40.34
C ARG B 384 -11.40 36.65 -38.89
N LEU B 385 -11.51 35.48 -38.25
CA LEU B 385 -11.19 35.34 -36.83
C LEU B 385 -9.77 34.82 -36.64
N ASN B 386 -9.03 35.47 -35.74
CA ASN B 386 -7.64 35.12 -35.45
C ASN B 386 -7.50 34.18 -34.25
N ILE B 387 -8.51 33.35 -33.99
CA ILE B 387 -8.42 32.31 -32.97
C ILE B 387 -8.31 30.98 -33.70
N VAL B 388 -7.13 30.38 -33.68
CA VAL B 388 -6.90 29.10 -34.31
C VAL B 388 -6.24 28.18 -33.30
N SER B 389 -6.62 26.91 -33.35
CA SER B 389 -5.86 25.89 -32.66
C SER B 389 -4.63 25.54 -33.48
N LEU B 390 -3.54 25.23 -32.78
CA LEU B 390 -2.30 24.88 -33.45
C LEU B 390 -2.41 23.50 -34.07
N GLN B 391 -1.90 23.36 -35.29
CA GLN B 391 -2.04 22.12 -36.06
C GLN B 391 -0.67 21.53 -36.36
N GLU B 392 -0.63 20.20 -36.41
CA GLU B 392 0.58 19.46 -36.74
C GLU B 392 0.67 19.24 -38.25
N SER B 393 1.85 18.80 -38.70
CA SER B 393 2.18 18.81 -40.12
C SER B 393 2.66 17.47 -40.66
N LEU B 394 2.44 16.37 -39.94
CA LEU B 394 2.86 15.08 -40.49
C LEU B 394 1.89 14.53 -41.52
N HIS B 395 0.61 14.91 -41.45
CA HIS B 395 -0.42 14.36 -42.31
C HIS B 395 -0.68 15.22 -43.54
N LEU B 396 0.26 16.08 -43.92
CA LEU B 396 0.11 16.99 -45.04
C LEU B 396 1.02 16.56 -46.19
N ASP B 397 0.47 16.53 -47.40
CA ASP B 397 1.26 16.34 -48.61
C ASP B 397 1.69 17.70 -49.13
N ILE B 398 2.99 17.97 -49.08
CA ILE B 398 3.51 19.26 -49.51
C ILE B 398 3.71 19.32 -51.02
N ALA B 399 3.55 18.20 -51.71
CA ALA B 399 3.79 18.12 -53.15
C ALA B 399 2.54 18.42 -53.97
N LYS B 400 1.47 17.64 -53.77
CA LYS B 400 0.23 17.87 -54.51
C LYS B 400 -0.32 19.26 -54.25
N LEU B 401 -0.53 19.58 -52.97
CA LEU B 401 -1.12 20.85 -52.60
C LEU B 401 -0.37 22.02 -53.23
N TRP B 402 0.96 21.88 -53.39
CA TRP B 402 1.71 22.90 -54.10
C TRP B 402 1.46 22.83 -55.61
N GLN B 403 1.34 21.63 -56.18
CA GLN B 403 1.01 21.56 -57.60
C GLN B 403 -0.46 21.86 -57.86
N GLN B 404 -1.33 21.59 -56.89
CA GLN B 404 -2.72 22.04 -57.02
C GLN B 404 -2.86 23.53 -56.77
N LEU B 405 -2.06 24.09 -55.86
CA LEU B 405 -2.17 25.52 -55.56
C LEU B 405 -1.80 26.35 -56.78
N ASN B 406 -0.71 25.99 -57.45
CA ASN B 406 -0.26 26.66 -58.68
C ASN B 406 -0.12 28.17 -58.44
N PHE B 407 0.79 28.50 -57.51
CA PHE B 407 0.85 29.84 -56.96
C PHE B 407 1.28 30.87 -58.01
N HIS B 408 2.39 30.59 -58.70
CA HIS B 408 2.87 31.49 -59.75
C HIS B 408 2.14 31.29 -61.06
N GLN B 409 1.18 30.36 -61.09
CA GLN B 409 0.32 30.06 -62.24
C GLN B 409 1.13 29.43 -63.37
N GLN B 410 1.36 28.11 -63.25
CA GLN B 410 2.13 27.35 -64.22
C GLN B 410 1.24 26.55 -65.15
N ASN B 411 0.59 25.51 -64.64
CA ASN B 411 -0.28 24.65 -65.44
C ASN B 411 -1.45 25.44 -66.00
N ASP B 418 -0.82 15.10 -67.25
CA ASP B 418 -0.81 13.64 -67.20
C ASP B 418 -1.00 13.16 -65.76
N MET B 419 -2.19 12.63 -65.47
CA MET B 419 -2.49 12.18 -64.11
C MET B 419 -1.70 10.94 -63.74
N PHE B 420 -1.31 10.12 -64.72
CA PHE B 420 -0.55 8.92 -64.43
C PHE B 420 0.95 9.14 -64.49
N ALA B 421 1.41 10.22 -65.15
CA ALA B 421 2.79 10.66 -64.99
C ALA B 421 2.92 11.21 -63.57
N GLU B 422 3.11 10.29 -62.63
CA GLU B 422 3.38 10.72 -61.26
C GLU B 422 4.69 11.50 -61.17
N ASN B 423 5.55 11.38 -62.20
CA ASN B 423 6.80 12.14 -62.31
C ASN B 423 6.54 13.43 -63.07
N THR B 424 6.24 14.50 -62.32
CA THR B 424 6.12 15.84 -62.89
C THR B 424 6.81 16.80 -61.94
N ALA B 425 7.94 17.36 -62.37
CA ALA B 425 8.82 18.11 -61.48
C ALA B 425 8.09 19.30 -60.86
N LEU B 426 8.22 19.42 -59.54
CA LEU B 426 7.69 20.57 -58.80
C LEU B 426 8.47 21.81 -59.22
N ALA B 427 7.85 22.66 -60.04
CA ALA B 427 8.54 23.82 -60.57
C ALA B 427 8.42 25.02 -59.63
N HIS B 428 9.35 25.96 -59.77
CA HIS B 428 9.45 27.15 -58.92
C HIS B 428 9.67 26.77 -57.45
N THR B 429 10.42 25.69 -57.22
CA THR B 429 10.92 25.43 -55.87
C THR B 429 11.97 26.44 -55.45
N ASP B 430 12.51 27.20 -56.38
CA ASP B 430 13.48 28.27 -56.10
C ASP B 430 12.80 29.60 -55.77
N SER B 431 11.49 29.59 -55.56
CA SER B 431 10.74 30.80 -55.24
C SER B 431 10.80 31.11 -53.74
N ALA B 432 10.64 32.38 -53.41
CA ALA B 432 10.68 32.81 -52.01
C ALA B 432 9.49 32.33 -51.21
N GLU B 433 8.38 31.96 -51.86
CA GLU B 433 7.22 31.46 -51.14
C GLU B 433 7.43 30.02 -50.66
N TYR B 434 7.89 29.13 -51.54
CA TYR B 434 8.02 27.72 -51.16
C TYR B 434 9.13 27.50 -50.13
N GLN B 435 10.10 28.42 -50.06
CA GLN B 435 11.10 28.37 -49.00
C GLN B 435 10.57 28.90 -47.67
N LEU B 436 9.57 29.77 -47.71
CA LEU B 436 8.86 30.20 -46.51
C LEU B 436 7.80 29.19 -46.07
N LEU B 437 7.32 28.34 -47.00
CA LEU B 437 6.33 27.32 -46.65
C LEU B 437 6.98 26.11 -45.98
N MET B 438 8.17 25.72 -46.45
CA MET B 438 8.83 24.53 -45.92
C MET B 438 9.62 24.80 -44.65
N ARG B 439 10.10 26.03 -44.45
CA ARG B 439 10.70 26.40 -43.18
C ARG B 439 9.65 26.50 -42.09
N THR B 440 8.41 26.86 -42.46
CA THR B 440 7.34 27.04 -41.48
C THR B 440 6.76 25.70 -41.03
N LEU B 441 6.37 24.86 -41.99
CA LEU B 441 5.87 23.52 -41.68
C LEU B 441 6.85 22.76 -40.79
N LYS B 442 8.14 23.09 -40.88
CA LYS B 442 9.17 22.42 -40.10
C LYS B 442 9.14 22.84 -38.64
N ARG B 443 8.53 23.98 -38.32
CA ARG B 443 8.42 24.40 -36.94
C ARG B 443 7.20 23.82 -36.24
N PHE B 444 6.14 23.48 -36.99
CA PHE B 444 4.93 22.89 -36.42
C PHE B 444 4.82 21.41 -36.73
N VAL B 445 5.86 20.64 -36.41
CA VAL B 445 5.78 19.19 -36.57
C VAL B 445 5.08 18.58 -35.37
N ASN B 446 5.48 18.98 -34.17
CA ASN B 446 4.76 18.61 -32.96
C ASN B 446 4.16 19.85 -32.31
N ALA B 447 3.37 20.60 -33.08
CA ALA B 447 2.73 21.80 -32.54
C ALA B 447 1.75 21.44 -31.43
N LYS B 448 1.06 20.31 -31.55
CA LYS B 448 0.20 19.81 -30.49
C LYS B 448 1.00 19.46 -29.24
N THR B 449 2.31 19.33 -29.34
CA THR B 449 3.18 19.03 -28.20
C THR B 449 3.92 20.25 -27.68
N LEU B 450 4.20 21.24 -28.53
CA LEU B 450 4.93 22.42 -28.09
C LEU B 450 4.04 23.63 -27.88
N GLY B 451 2.88 23.67 -28.52
CA GLY B 451 1.99 24.79 -28.33
C GLY B 451 2.62 26.08 -28.82
N SER B 452 2.23 27.17 -28.16
CA SER B 452 2.70 28.52 -28.47
C SER B 452 4.16 28.75 -28.12
N LEU B 453 4.92 27.70 -27.78
CA LEU B 453 6.32 27.86 -27.46
C LEU B 453 7.22 27.84 -28.69
N ILE B 454 6.73 27.27 -29.79
CA ILE B 454 7.41 27.34 -31.07
C ILE B 454 7.65 28.79 -31.43
N GLN B 455 8.91 29.22 -31.42
CA GLN B 455 9.24 30.59 -31.77
C GLN B 455 9.29 30.75 -33.29
N VAL B 456 8.95 31.95 -33.75
CA VAL B 456 8.96 32.28 -35.17
C VAL B 456 9.69 33.60 -35.36
N PRO B 457 10.57 33.72 -36.35
CA PRO B 457 11.27 35.00 -36.56
C PRO B 457 10.32 36.10 -37.00
N GLN B 458 10.52 37.29 -36.45
CA GLN B 458 9.65 38.42 -36.76
C GLN B 458 9.80 38.87 -38.21
N GLU B 459 10.97 38.62 -38.81
CA GLU B 459 11.25 39.12 -40.15
C GLU B 459 10.28 38.54 -41.19
N GLU B 460 9.81 37.32 -40.96
CA GLU B 460 8.91 36.65 -41.89
C GLU B 460 7.47 37.13 -41.78
N GLU B 461 7.20 38.10 -40.90
CA GLU B 461 5.84 38.60 -40.75
C GLU B 461 5.29 39.17 -42.06
N ALA B 462 5.99 40.16 -42.61
CA ALA B 462 5.53 40.78 -43.86
C ALA B 462 5.39 39.75 -44.97
N GLU B 463 6.22 38.71 -44.96
CA GLU B 463 6.11 37.67 -45.96
C GLU B 463 4.91 36.77 -45.72
N LEU B 464 4.53 36.55 -44.45
CA LEU B 464 3.49 35.58 -44.15
C LEU B 464 2.10 36.17 -44.34
N LYS B 465 1.86 37.40 -43.89
CA LYS B 465 0.53 37.99 -44.02
C LYS B 465 0.15 38.20 -45.47
N ALA B 466 1.11 38.64 -46.29
CA ALA B 466 0.86 38.75 -47.73
C ALA B 466 0.57 37.38 -48.33
N PHE B 467 1.37 36.37 -47.96
CA PHE B 467 1.06 35.00 -48.33
C PHE B 467 -0.34 34.63 -47.88
N LEU B 468 -0.70 35.01 -46.65
CA LEU B 468 -2.03 34.70 -46.13
C LEU B 468 -3.12 35.39 -46.95
N GLU B 469 -2.99 36.70 -47.15
CA GLU B 469 -3.98 37.44 -47.92
C GLU B 469 -4.01 37.04 -49.39
N ALA B 470 -2.95 36.37 -49.88
CA ALA B 470 -3.02 35.71 -51.18
C ALA B 470 -3.64 34.33 -51.08
N LEU B 471 -3.44 33.63 -49.95
CA LEU B 471 -4.15 32.38 -49.71
C LEU B 471 -5.64 32.62 -49.50
N TYR B 472 -5.98 33.63 -48.68
CA TYR B 472 -7.38 34.00 -48.52
C TYR B 472 -8.00 34.38 -49.86
N ARG B 473 -7.24 35.12 -50.69
CA ARG B 473 -7.71 35.48 -52.01
C ARG B 473 -7.86 34.24 -52.90
N MET B 474 -7.06 33.21 -52.68
CA MET B 474 -7.10 32.01 -53.51
C MET B 474 -8.02 30.93 -52.97
N GLU B 475 -8.44 31.02 -51.70
CA GLU B 475 -9.55 30.20 -51.22
C GLU B 475 -10.88 30.73 -51.73
N GLN B 476 -10.96 32.03 -52.00
CA GLN B 476 -12.17 32.67 -52.52
C GLN B 476 -12.24 32.62 -54.04
N GLU B 477 -11.09 32.74 -54.71
CA GLU B 477 -11.03 33.01 -56.13
C GLU B 477 -10.42 31.88 -56.95
N GLY B 478 -10.02 30.78 -56.32
CA GLY B 478 -9.38 29.69 -57.03
C GLY B 478 -10.36 28.63 -57.52
N ASP B 479 -9.85 27.70 -58.31
CA ASP B 479 -10.66 26.59 -58.81
C ASP B 479 -10.80 25.48 -57.77
N PHE B 480 -11.24 24.29 -58.18
CA PHE B 480 -11.44 23.23 -57.19
C PHE B 480 -10.14 22.70 -56.65
N GLN B 481 -9.04 22.82 -57.39
CA GLN B 481 -7.75 22.39 -56.89
C GLN B 481 -7.03 23.48 -56.09
N GLN B 482 -7.25 24.75 -56.44
CA GLN B 482 -6.64 25.85 -55.69
C GLN B 482 -7.36 26.15 -54.38
N LYS B 483 -8.64 25.79 -54.27
CA LYS B 483 -9.41 26.07 -53.06
C LYS B 483 -9.23 24.99 -52.00
N ALA B 484 -9.16 23.71 -52.41
CA ALA B 484 -8.88 22.63 -51.48
C ALA B 484 -7.43 22.61 -51.02
N ALA B 485 -6.57 23.44 -51.62
CA ALA B 485 -5.15 23.51 -51.28
C ALA B 485 -4.82 24.70 -50.39
N ALA B 486 -5.27 25.90 -50.77
CA ALA B 486 -5.05 27.07 -49.91
C ALA B 486 -5.70 26.89 -48.54
N LYS B 487 -6.81 26.16 -48.48
CA LYS B 487 -7.51 25.94 -47.21
C LYS B 487 -6.78 24.94 -46.33
N ALA B 488 -6.08 23.97 -46.92
CA ALA B 488 -5.22 23.10 -46.13
C ALA B 488 -3.95 23.81 -45.66
N PHE B 489 -3.59 24.93 -46.31
CA PHE B 489 -2.40 25.70 -45.94
C PHE B 489 -2.70 26.84 -44.97
N ILE B 490 -3.90 27.40 -45.02
CA ILE B 490 -4.19 28.62 -44.25
C ILE B 490 -4.01 28.41 -42.74
N PRO B 491 -4.55 27.36 -42.11
CA PRO B 491 -4.40 27.23 -40.65
C PRO B 491 -2.96 27.29 -40.17
N TYR B 492 -2.02 26.85 -41.00
CA TYR B 492 -0.61 26.82 -40.62
C TYR B 492 0.09 28.14 -40.90
N ILE B 493 -0.13 28.73 -42.08
CA ILE B 493 0.39 30.06 -42.36
C ILE B 493 -0.15 31.06 -41.35
N GLN B 494 -1.43 30.93 -41.00
CA GLN B 494 -2.06 31.85 -40.06
C GLN B 494 -1.40 31.79 -38.70
N GLN B 495 -1.40 30.61 -38.08
CA GLN B 495 -0.76 30.45 -36.77
C GLN B 495 0.73 30.81 -36.81
N ALA B 496 1.35 30.76 -38.00
CA ALA B 496 2.71 31.26 -38.14
C ALA B 496 2.73 32.78 -38.09
N TRP B 497 1.92 33.43 -38.92
CA TRP B 497 1.81 34.90 -38.87
C TRP B 497 1.43 35.37 -37.48
N ILE B 498 0.64 34.58 -36.76
CA ILE B 498 0.25 34.94 -35.40
C ILE B 498 1.46 34.90 -34.48
N LEU B 499 2.28 33.84 -34.58
CA LEU B 499 3.44 33.73 -33.71
C LEU B 499 4.57 34.65 -34.15
N ALA B 500 4.56 35.13 -35.39
CA ALA B 500 5.62 36.00 -35.86
C ALA B 500 5.37 37.46 -35.45
N GLN B 501 4.11 37.87 -35.42
CA GLN B 501 3.74 39.24 -35.11
C GLN B 501 4.19 39.60 -33.68
N ARG B 502 4.22 40.90 -33.40
CA ARG B 502 4.60 41.40 -32.09
C ARG B 502 3.51 42.31 -31.57
N TYR B 503 3.19 42.18 -30.27
CA TYR B 503 1.97 42.72 -29.71
C TYR B 503 2.23 43.78 -28.67
N ASP B 504 1.22 44.63 -28.47
CA ASP B 504 1.26 45.63 -27.42
C ASP B 504 1.04 45.03 -26.04
N ALA B 505 0.48 43.83 -25.97
CA ALA B 505 0.24 43.19 -24.67
C ALA B 505 0.00 41.70 -24.89
N VAL B 506 0.40 40.92 -23.90
CA VAL B 506 0.15 39.47 -23.86
C VAL B 506 -0.41 39.14 -22.49
N VAL B 507 -1.60 38.52 -22.45
CA VAL B 507 -2.27 38.18 -21.21
C VAL B 507 -2.70 36.71 -21.28
N ALA B 508 -2.45 35.96 -20.21
CA ALA B 508 -2.74 34.54 -20.22
C ALA B 508 -2.80 34.02 -18.79
N ASN B 509 -3.36 32.82 -18.65
CA ASN B 509 -3.20 31.95 -17.48
C ASN B 509 -2.51 30.69 -17.99
N PRO B 510 -1.18 30.68 -18.06
CA PRO B 510 -0.49 29.61 -18.78
C PRO B 510 -0.75 28.26 -18.15
N PRO B 511 -0.49 27.18 -18.89
CA PRO B 511 -0.66 25.84 -18.31
C PRO B 511 0.24 25.64 -17.11
N TYR B 512 -0.26 24.87 -16.15
CA TYR B 512 0.50 24.52 -14.95
C TYR B 512 0.90 23.05 -15.06
N MET B 513 2.19 22.81 -15.26
CA MET B 513 2.72 21.45 -15.37
C MET B 513 4.20 21.48 -15.02
N GLY B 514 4.55 20.91 -13.86
CA GLY B 514 5.93 20.79 -13.44
C GLY B 514 6.72 19.85 -14.33
N GLY B 515 8.00 19.74 -14.01
CA GLY B 515 8.89 18.93 -14.84
C GLY B 515 8.51 17.45 -14.87
N LYS B 516 7.82 16.99 -13.84
CA LYS B 516 7.56 15.56 -13.68
C LYS B 516 6.35 15.07 -14.45
N GLY B 517 5.73 15.91 -15.27
CA GLY B 517 4.59 15.48 -16.04
C GLY B 517 4.84 15.49 -17.54
N MET B 518 5.91 16.14 -17.96
CA MET B 518 6.22 16.29 -19.38
C MET B 518 6.54 14.93 -20.00
N ASN B 519 6.23 14.80 -21.29
CA ASN B 519 6.70 13.64 -22.02
C ASN B 519 8.15 13.87 -22.47
N SER B 520 8.74 12.81 -23.04
CA SER B 520 10.14 12.88 -23.43
C SER B 520 10.40 14.01 -24.43
N GLU B 521 9.43 14.26 -25.33
CA GLU B 521 9.60 15.30 -26.34
C GLU B 521 9.79 16.67 -25.70
N LEU B 522 8.83 17.08 -24.87
CA LEU B 522 8.82 18.43 -24.35
C LEU B 522 10.05 18.72 -23.49
N LYS B 523 10.55 17.72 -22.77
CA LYS B 523 11.70 17.93 -21.89
C LYS B 523 12.90 18.44 -22.68
N GLU B 524 13.23 17.76 -23.78
CA GLU B 524 14.36 18.19 -24.59
C GLU B 524 14.12 19.58 -25.17
N PHE B 525 12.90 19.83 -25.66
CA PHE B 525 12.54 21.18 -26.08
C PHE B 525 12.68 22.17 -24.93
N ALA B 526 12.15 21.81 -23.75
CA ALA B 526 12.30 22.67 -22.59
C ALA B 526 13.77 22.82 -22.20
N LYS B 527 14.50 21.71 -22.18
CA LYS B 527 15.93 21.78 -21.88
C LYS B 527 16.67 22.63 -22.90
N ASN B 528 16.37 22.43 -24.19
CA ASN B 528 17.08 23.15 -25.23
C ASN B 528 16.68 24.63 -25.26
N ASN B 529 15.40 24.89 -25.55
CA ASN B 529 15.00 26.25 -25.94
C ASN B 529 14.94 27.21 -24.76
N PHE B 530 14.49 26.75 -23.59
CA PHE B 530 14.22 27.64 -22.46
C PHE B 530 14.93 27.10 -21.23
N PRO B 531 16.27 27.24 -21.17
CA PRO B 531 17.01 26.69 -20.04
C PRO B 531 16.80 27.46 -18.75
N ASP B 532 16.45 28.74 -18.83
CA ASP B 532 16.26 29.55 -17.64
C ASP B 532 14.93 29.26 -16.93
N SER B 533 13.98 28.61 -17.63
CA SER B 533 12.64 28.45 -17.11
C SER B 533 12.03 27.09 -17.40
N LYS B 534 12.83 26.10 -17.80
CA LYS B 534 12.32 24.77 -18.16
C LYS B 534 11.74 23.99 -16.99
N ALA B 535 11.48 24.59 -15.83
CA ALA B 535 10.96 23.82 -14.70
C ALA B 535 9.47 23.56 -14.85
N ASP B 536 8.67 24.61 -15.04
CA ASP B 536 7.23 24.48 -15.19
C ASP B 536 6.79 25.24 -16.45
N LEU B 537 5.72 24.76 -17.06
CA LEU B 537 5.26 25.34 -18.33
C LEU B 537 4.99 26.84 -18.21
N PHE B 538 4.49 27.28 -17.06
CA PHE B 538 4.15 28.70 -16.91
C PHE B 538 5.39 29.57 -16.97
N ALA B 539 6.52 29.08 -16.45
CA ALA B 539 7.75 29.87 -16.50
C ALA B 539 8.26 30.01 -17.92
N MET B 540 8.10 28.95 -18.73
CA MET B 540 8.49 29.03 -20.13
C MET B 540 7.56 29.98 -20.89
N PHE B 541 6.25 29.79 -20.72
CA PHE B 541 5.29 30.75 -21.25
C PHE B 541 5.62 32.17 -20.81
N MET B 542 6.07 32.33 -19.55
CA MET B 542 6.46 33.65 -19.07
C MET B 542 7.61 34.21 -19.89
N GLN B 543 8.65 33.39 -20.12
CA GLN B 543 9.79 33.85 -20.90
C GLN B 543 9.46 33.92 -22.39
N ASN B 544 8.76 32.91 -22.91
CA ASN B 544 8.44 32.88 -24.34
C ASN B 544 7.55 34.05 -24.76
N ALA B 545 6.88 34.71 -23.81
CA ALA B 545 6.03 35.83 -24.15
C ALA B 545 6.81 37.12 -24.35
N PHE B 546 8.01 37.23 -23.79
CA PHE B 546 8.81 38.44 -23.94
C PHE B 546 9.46 38.55 -25.32
N SER B 547 9.41 37.49 -26.12
CA SER B 547 9.81 37.54 -27.52
C SER B 547 8.63 37.73 -28.45
N LEU B 548 7.41 37.83 -27.92
CA LEU B 548 6.21 38.06 -28.71
C LEU B 548 5.64 39.47 -28.53
N LEU B 549 6.33 40.33 -27.81
CA LEU B 549 5.84 41.68 -27.53
C LEU B 549 6.55 42.70 -28.40
N LYS B 550 5.92 43.87 -28.54
CA LYS B 550 6.70 45.04 -28.91
C LYS B 550 7.63 45.42 -27.76
N GLU B 551 8.47 46.41 -28.03
CA GLU B 551 9.44 46.84 -27.02
C GLU B 551 8.75 47.33 -25.76
N ASN B 552 7.80 48.26 -25.91
CA ASN B 552 7.02 48.74 -24.78
C ASN B 552 5.74 47.95 -24.57
N GLY B 553 5.72 46.69 -25.00
CA GLY B 553 4.58 45.84 -24.74
C GLY B 553 4.45 45.55 -23.25
N PHE B 554 3.35 44.86 -22.92
CA PHE B 554 3.08 44.49 -21.54
C PHE B 554 2.76 43.00 -21.45
N ASN B 555 3.24 42.39 -20.38
CA ASN B 555 3.07 40.96 -20.15
C ASN B 555 2.31 40.80 -18.84
N ALA B 556 1.12 40.21 -18.91
CA ALA B 556 0.22 40.13 -17.74
C ALA B 556 -0.35 38.73 -17.65
N GLN B 557 0.25 37.89 -16.81
CA GLN B 557 -0.20 36.53 -16.61
C GLN B 557 -0.61 36.32 -15.16
N VAL B 558 -1.05 35.10 -14.86
CA VAL B 558 -1.22 34.62 -13.50
C VAL B 558 -0.50 33.28 -13.39
N ASN B 559 0.52 33.23 -12.53
CA ASN B 559 1.39 32.07 -12.42
C ASN B 559 1.36 31.53 -11.01
N MET B 560 1.73 30.26 -10.87
CA MET B 560 2.08 29.73 -9.56
C MET B 560 3.14 30.62 -8.92
N GLN B 561 3.03 30.82 -7.60
CA GLN B 561 4.00 31.69 -6.95
C GLN B 561 5.39 31.06 -6.85
N SER B 562 5.55 29.80 -7.27
CA SER B 562 6.82 29.11 -7.09
C SER B 562 7.95 29.80 -7.83
N TRP B 563 7.66 30.50 -8.92
CA TRP B 563 8.73 31.17 -9.67
C TRP B 563 9.37 32.30 -8.88
N MET B 564 8.82 32.69 -7.75
CA MET B 564 9.33 33.84 -7.04
C MET B 564 10.41 33.50 -6.01
N PHE B 565 10.67 32.22 -5.72
CA PHE B 565 11.37 31.97 -4.46
C PHE B 565 12.37 30.83 -4.66
N LEU B 566 11.90 29.77 -5.32
CA LEU B 566 12.66 28.53 -5.44
C LEU B 566 13.93 28.75 -6.27
N SER B 567 15.04 28.21 -5.78
CA SER B 567 16.33 28.37 -6.46
C SER B 567 16.33 27.84 -7.88
N SER B 568 15.31 27.08 -8.28
CA SER B 568 15.22 26.58 -9.64
C SER B 568 14.73 27.62 -10.63
N TYR B 569 14.34 28.81 -10.16
CA TYR B 569 13.95 29.92 -11.02
C TYR B 569 14.81 31.15 -10.82
N GLU B 570 15.95 31.03 -10.13
CA GLU B 570 16.81 32.19 -9.90
C GLU B 570 17.29 32.79 -11.20
N ALA B 571 17.77 31.96 -12.13
CA ALA B 571 18.17 32.43 -13.44
C ALA B 571 17.01 33.02 -14.22
N LEU B 572 15.77 32.68 -13.85
CA LEU B 572 14.61 33.34 -14.43
C LEU B 572 14.21 34.58 -13.64
N ARG B 573 14.34 34.54 -12.30
CA ARG B 573 14.16 35.76 -11.52
C ARG B 573 15.19 36.81 -11.91
N ASN B 574 16.41 36.39 -12.25
CA ASN B 574 17.46 37.33 -12.63
C ASN B 574 17.26 37.84 -14.05
N TRP B 575 17.03 36.93 -15.01
CA TRP B 575 16.75 37.36 -16.38
C TRP B 575 15.55 38.28 -16.47
N LEU B 576 14.73 38.33 -15.42
CA LEU B 576 13.60 39.25 -15.33
C LEU B 576 13.99 40.56 -14.63
N LEU B 577 14.91 40.51 -13.66
CA LEU B 577 15.33 41.73 -12.98
C LEU B 577 16.28 42.57 -13.82
N ASP B 578 16.85 42.01 -14.88
CA ASP B 578 17.81 42.74 -15.73
C ASP B 578 17.21 43.23 -17.03
N ASN B 579 16.28 42.49 -17.63
CA ASN B 579 15.79 42.80 -18.97
C ASN B 579 14.38 43.39 -19.01
N LYS B 580 13.58 43.20 -17.97
CA LYS B 580 12.18 43.61 -17.98
C LYS B 580 11.87 44.42 -16.72
N THR B 581 10.76 45.15 -16.75
CA THR B 581 10.36 46.04 -15.66
C THR B 581 9.05 45.57 -15.03
N PHE B 582 9.06 45.43 -13.71
CA PHE B 582 7.85 45.09 -12.99
C PHE B 582 6.89 46.27 -12.96
N ILE B 583 5.60 45.98 -13.10
CA ILE B 583 4.57 47.01 -13.13
C ILE B 583 3.70 46.89 -11.88
N THR B 584 2.90 45.84 -11.81
CA THR B 584 2.08 45.59 -10.63
C THR B 584 1.76 44.11 -10.54
N MET B 585 1.67 43.61 -9.30
CA MET B 585 1.44 42.20 -9.01
C MET B 585 0.46 42.06 -7.86
N ALA B 586 -0.43 41.07 -7.97
CA ALA B 586 -1.29 40.66 -6.89
C ALA B 586 -0.83 39.27 -6.45
N HIS B 587 -0.11 39.21 -5.34
CA HIS B 587 0.31 37.94 -4.75
C HIS B 587 -0.92 37.28 -4.12
N LEU B 588 -1.48 36.30 -4.81
CA LEU B 588 -2.74 35.71 -4.37
C LEU B 588 -2.54 34.51 -3.46
N GLY B 589 -1.54 33.67 -3.75
CA GLY B 589 -1.29 32.53 -2.89
C GLY B 589 -2.37 31.46 -2.99
N ALA B 590 -2.61 30.77 -1.87
CA ALA B 590 -3.53 29.65 -1.85
C ALA B 590 -4.97 30.13 -1.67
N ARG B 591 -5.91 29.24 -1.99
CA ARG B 591 -7.34 29.52 -1.95
C ARG B 591 -7.72 30.72 -2.81
N ALA B 592 -6.84 31.08 -3.76
CA ALA B 592 -7.16 32.13 -4.70
C ALA B 592 -8.29 31.68 -5.62
N PHE B 593 -8.10 30.54 -6.28
CA PHE B 593 -9.19 29.87 -6.97
C PHE B 593 -10.03 29.12 -5.94
N GLY B 594 -11.31 29.46 -5.89
CA GLY B 594 -12.19 28.78 -4.93
C GLY B 594 -12.74 27.49 -5.51
N GLN B 595 -12.44 27.18 -6.77
CA GLN B 595 -13.06 26.00 -7.41
C GLN B 595 -12.02 25.08 -8.04
N ILE B 596 -11.46 24.13 -7.29
CA ILE B 596 -10.36 23.26 -7.84
C ILE B 596 -9.90 22.26 -6.77
N SER B 597 -9.28 21.13 -7.17
CA SER B 597 -8.77 20.14 -6.20
C SER B 597 -7.36 20.53 -5.74
N GLY B 598 -6.74 19.69 -4.91
CA GLY B 598 -5.35 19.95 -4.51
C GLY B 598 -5.25 21.10 -3.53
N GLU B 599 -5.89 22.21 -3.82
CA GLU B 599 -5.89 23.36 -2.87
C GLU B 599 -4.50 23.99 -2.85
N VAL B 600 -3.49 23.28 -3.36
CA VAL B 600 -2.13 23.91 -3.48
C VAL B 600 -2.85 24.54 -4.67
N VAL B 601 -3.39 25.74 -4.47
CA VAL B 601 -3.71 26.77 -5.50
C VAL B 601 -2.69 27.64 -4.75
N GLN B 602 -1.46 27.80 -5.24
CA GLN B 602 -0.59 28.96 -4.87
C GLN B 602 -0.26 29.74 -6.15
N THR B 603 -0.77 30.97 -6.29
CA THR B 603 -0.61 31.68 -7.55
C THR B 603 -0.26 33.15 -7.29
N THR B 604 -0.05 33.87 -8.39
CA THR B 604 0.15 35.31 -8.37
C THR B 604 -0.01 35.84 -9.79
N ALA B 605 -0.82 36.88 -9.94
CA ALA B 605 -1.01 37.54 -11.21
C ALA B 605 -0.24 38.86 -11.22
N TRP B 606 0.41 39.15 -12.35
CA TRP B 606 1.30 40.29 -12.42
C TRP B 606 1.19 40.94 -13.80
N VAL B 607 1.88 42.08 -13.93
CA VAL B 607 2.03 42.79 -15.20
C VAL B 607 3.47 43.24 -15.31
N ILE B 608 4.10 42.98 -16.46
CA ILE B 608 5.50 43.32 -16.69
C ILE B 608 5.66 43.92 -18.07
N LYS B 609 6.48 44.97 -18.16
CA LYS B 609 6.75 45.70 -19.39
C LYS B 609 8.02 45.14 -20.05
N ASN B 610 7.97 44.97 -21.37
CA ASN B 610 9.05 44.31 -22.10
C ASN B 610 10.25 45.24 -22.26
N GLN B 611 10.63 45.93 -21.19
CA GLN B 611 11.65 46.97 -21.27
C GLN B 611 12.19 47.24 -19.88
N HIS B 612 13.52 47.31 -19.75
CA HIS B 612 14.15 47.43 -18.43
C HIS B 612 13.96 48.82 -17.86
N SER B 613 13.94 48.90 -16.52
CA SER B 613 13.85 50.17 -15.81
C SER B 613 14.31 49.91 -14.37
N GLU B 614 15.57 50.26 -14.09
CA GLU B 614 16.20 49.94 -12.81
C GLU B 614 15.50 50.61 -11.63
N ARG B 615 15.56 51.94 -11.56
CA ARG B 615 15.02 52.69 -10.43
C ARG B 615 13.50 52.70 -10.39
N TYR B 616 12.82 51.96 -11.26
CA TYR B 616 11.36 51.98 -11.30
C TYR B 616 10.79 51.55 -9.96
N GLN B 617 9.52 51.92 -9.73
CA GLN B 617 8.87 51.74 -8.43
C GLN B 617 7.49 51.13 -8.64
N PRO B 618 7.40 49.80 -8.73
CA PRO B 618 6.10 49.16 -8.93
C PRO B 618 5.22 49.15 -7.69
N VAL B 619 4.09 48.43 -7.73
CA VAL B 619 3.12 48.40 -6.64
C VAL B 619 2.61 46.97 -6.50
N PHE B 620 2.71 46.42 -5.30
CA PHE B 620 2.32 45.05 -5.00
C PHE B 620 1.13 45.03 -4.06
N PHE B 621 0.47 43.86 -4.00
CA PHE B 621 -0.66 43.66 -3.09
C PHE B 621 -0.51 42.31 -2.42
N ARG B 622 -0.36 42.32 -1.09
CA ARG B 622 -0.33 41.07 -0.33
C ARG B 622 -1.77 40.65 -0.05
N LEU B 623 -2.28 39.74 -0.89
CA LEU B 623 -3.66 39.26 -0.80
C LEU B 623 -3.71 37.76 -0.54
N ILE B 624 -2.75 37.24 0.23
CA ILE B 624 -2.68 35.81 0.50
C ILE B 624 -3.67 35.36 1.55
N ASP B 625 -4.40 36.29 2.17
CA ASP B 625 -5.30 35.98 3.27
C ASP B 625 -6.71 35.67 2.76
N GLY B 626 -7.50 35.05 3.64
CA GLY B 626 -8.91 34.81 3.39
C GLY B 626 -9.18 33.83 2.27
N ARG B 627 -10.44 33.81 1.87
CA ARG B 627 -10.87 33.02 0.72
C ARG B 627 -10.80 33.87 -0.54
N GLU B 628 -11.65 33.57 -1.52
CA GLU B 628 -11.60 34.31 -2.77
C GLU B 628 -12.18 35.71 -2.62
N GLU B 629 -13.25 35.85 -1.82
CA GLU B 629 -13.95 37.13 -1.77
C GLU B 629 -13.19 38.18 -0.96
N VAL B 630 -12.50 37.77 0.11
CA VAL B 630 -11.76 38.74 0.92
C VAL B 630 -10.63 39.36 0.10
N LYS B 631 -10.01 38.55 -0.77
CA LYS B 631 -8.94 39.07 -1.63
C LYS B 631 -9.50 40.09 -2.63
N LYS B 632 -10.63 39.75 -3.25
CA LYS B 632 -11.26 40.66 -4.20
C LYS B 632 -11.65 41.97 -3.54
N SER B 633 -12.21 41.89 -2.33
CA SER B 633 -12.55 43.11 -1.59
C SER B 633 -11.31 43.87 -1.16
N ASP B 634 -10.35 43.18 -0.52
CA ASP B 634 -9.12 43.85 -0.09
C ASP B 634 -8.31 44.37 -1.27
N LEU B 635 -8.54 43.85 -2.47
CA LEU B 635 -7.93 44.44 -3.66
C LEU B 635 -8.70 45.69 -4.09
N LEU B 636 -10.03 45.62 -4.10
CA LEU B 636 -10.84 46.79 -4.43
C LEU B 636 -10.65 47.89 -3.39
N LEU B 637 -10.67 47.54 -2.11
CA LEU B 637 -10.36 48.49 -1.06
C LEU B 637 -8.90 48.89 -1.03
N ARG B 638 -8.07 48.32 -1.93
CA ARG B 638 -6.65 48.61 -2.00
C ARG B 638 -5.96 48.43 -0.65
N LYS B 639 -6.47 47.50 0.16
CA LYS B 639 -5.74 47.13 1.35
C LYS B 639 -4.45 46.42 0.98
N ASN B 640 -3.50 46.46 1.90
CA ASN B 640 -2.33 45.59 1.82
C ASN B 640 -1.49 45.92 0.60
N ILE B 641 -0.92 47.13 0.56
CA ILE B 641 -0.16 47.61 -0.58
C ILE B 641 1.31 47.68 -0.22
N PHE B 642 2.16 47.28 -1.18
CA PHE B 642 3.61 47.43 -1.10
C PHE B 642 4.07 48.21 -2.33
N ASP B 643 4.80 49.30 -2.11
CA ASP B 643 5.38 50.07 -3.20
C ASP B 643 6.57 50.87 -2.70
N LYS B 644 7.65 50.17 -2.34
CA LYS B 644 8.78 50.79 -1.66
C LYS B 644 10.14 50.31 -2.14
N PHE B 645 10.20 49.33 -3.04
CA PHE B 645 11.46 48.76 -3.50
C PHE B 645 11.52 48.83 -5.01
N THR B 646 12.64 49.29 -5.54
CA THR B 646 12.92 49.05 -6.94
C THR B 646 13.26 47.58 -7.14
N GLN B 647 12.92 47.05 -8.32
CA GLN B 647 13.32 45.69 -8.63
C GLN B 647 14.82 45.49 -8.50
N HIS B 648 15.59 46.58 -8.62
CA HIS B 648 17.02 46.56 -8.36
C HIS B 648 17.34 46.11 -6.94
N ASP B 649 16.37 46.15 -6.03
CA ASP B 649 16.64 45.82 -4.63
C ASP B 649 16.68 44.32 -4.38
N PHE B 650 15.87 43.54 -5.11
CA PHE B 650 15.81 42.10 -4.87
C PHE B 650 17.15 41.43 -5.15
N LYS B 651 17.95 42.03 -6.03
CA LYS B 651 19.25 41.48 -6.38
C LYS B 651 20.17 41.39 -5.16
N ASN B 652 19.80 42.03 -4.06
CA ASN B 652 20.59 41.97 -2.83
C ASN B 652 20.33 40.72 -2.02
N ILE B 653 19.24 40.00 -2.28
CA ILE B 653 18.93 38.81 -1.51
C ILE B 653 19.56 37.61 -2.21
N PRO B 654 20.25 36.71 -1.49
CA PRO B 654 20.74 35.49 -2.13
C PRO B 654 19.59 34.69 -2.73
N GLY B 655 19.74 34.37 -4.02
CA GLY B 655 18.66 33.81 -4.81
C GLY B 655 17.79 34.83 -5.50
N MET B 656 17.98 36.12 -5.19
CA MET B 656 17.16 37.22 -5.69
C MET B 656 15.67 36.97 -5.51
N PRO B 657 15.21 36.35 -4.42
CA PRO B 657 13.79 36.00 -4.33
C PRO B 657 13.08 37.29 -4.67
N ILE B 658 11.90 37.15 -5.27
CA ILE B 658 11.02 38.28 -5.46
C ILE B 658 10.29 38.31 -4.13
N ALA B 659 10.86 39.02 -3.17
CA ALA B 659 10.30 39.18 -1.84
C ALA B 659 10.11 40.68 -1.68
N TYR B 660 8.84 41.07 -1.77
CA TYR B 660 8.45 42.49 -1.61
C TYR B 660 8.00 42.79 -0.18
N TRP B 661 7.31 41.83 0.43
CA TRP B 661 6.78 42.04 1.81
C TRP B 661 8.02 42.23 2.66
N ILE B 662 9.15 42.05 2.01
CA ILE B 662 10.42 42.14 2.76
C ILE B 662 10.51 43.59 3.18
N ASP B 663 11.50 43.87 4.00
CA ASP B 663 11.73 45.27 4.30
C ASP B 663 13.20 45.64 4.11
N LEU B 664 13.59 46.88 4.42
CA LEU B 664 14.89 47.37 3.97
C LEU B 664 16.20 47.26 4.78
N PRO B 665 16.16 47.29 6.12
CA PRO B 665 17.43 47.18 6.87
C PRO B 665 17.96 45.77 6.70
N SER B 666 17.06 44.80 6.56
CA SER B 666 17.47 43.44 6.21
C SER B 666 18.16 43.42 4.86
N LEU B 667 17.52 44.01 3.85
CA LEU B 667 18.07 44.02 2.50
C LEU B 667 19.43 44.69 2.46
N LEU B 668 19.67 45.65 3.35
CA LEU B 668 20.97 46.28 3.48
C LEU B 668 21.92 45.50 4.36
N SER B 669 21.41 44.57 5.18
CA SER B 669 22.28 43.68 5.93
C SER B 669 22.97 42.68 5.02
N PHE B 670 22.26 42.16 4.02
CA PHE B 670 22.86 41.23 3.06
C PHE B 670 24.06 41.83 2.36
N ARG B 671 24.15 43.17 2.28
CA ARG B 671 25.21 43.85 1.58
C ARG B 671 26.39 44.20 2.47
N HIS B 672 26.18 44.32 3.78
CA HIS B 672 27.10 45.02 4.66
C HIS B 672 27.76 44.10 5.68
N HIS B 673 27.61 42.79 5.54
CA HIS B 673 28.23 41.84 6.45
C HIS B 673 28.75 40.64 5.67
N LYS B 674 28.82 39.47 6.31
CA LYS B 674 29.27 38.26 5.65
C LYS B 674 28.25 37.15 5.88
N LYS B 675 28.40 36.04 5.16
CA LYS B 675 27.44 34.95 5.24
C LYS B 675 27.82 33.95 6.32
N LEU B 676 26.79 33.31 6.89
CA LEU B 676 27.00 32.27 7.90
C LEU B 676 27.67 31.05 7.28
N GLY B 677 27.24 30.65 6.07
CA GLY B 677 27.85 29.54 5.36
C GLY B 677 29.30 29.76 4.97
N GLU B 678 29.79 31.00 5.08
CA GLU B 678 31.22 31.25 4.99
C GLU B 678 31.93 30.77 6.25
N LYS B 679 31.56 31.35 7.39
CA LYS B 679 32.11 30.98 8.68
C LYS B 679 32.04 29.48 8.91
N ILE B 680 30.82 28.95 8.92
CA ILE B 680 30.53 27.61 9.40
C ILE B 680 30.44 26.66 8.22
N ALA B 681 31.22 25.59 8.27
CA ALA B 681 31.13 24.51 7.29
C ALA B 681 29.79 23.81 7.47
N LEU B 682 28.78 24.21 6.70
CA LEU B 682 27.45 23.63 6.79
C LEU B 682 27.40 22.41 5.89
N LYS B 683 27.20 21.24 6.50
CA LYS B 683 27.36 19.97 5.80
C LYS B 683 26.11 19.12 5.99
N ALA B 684 25.82 18.31 4.98
CA ALA B 684 24.75 17.31 5.06
C ALA B 684 25.37 15.96 5.38
N GLY B 685 24.66 15.18 6.21
CA GLY B 685 25.17 13.92 6.69
C GLY B 685 24.74 12.74 5.85
N MET B 686 24.95 11.55 6.40
CA MET B 686 24.71 10.32 5.65
C MET B 686 23.22 10.09 5.48
N SER B 687 22.88 9.05 4.72
CA SER B 687 21.50 8.64 4.51
C SER B 687 21.52 7.12 4.41
N THR B 688 21.13 6.45 5.51
CA THR B 688 21.43 5.03 5.67
C THR B 688 20.74 4.15 4.64
N GLY B 689 19.57 4.56 4.16
CA GLY B 689 18.82 3.73 3.23
C GLY B 689 17.68 3.02 3.93
N ASP B 690 17.97 2.43 5.10
CA ASP B 690 16.94 1.84 5.95
C ASP B 690 17.33 2.12 7.40
N ASN B 691 16.63 3.08 8.02
CA ASN B 691 16.86 3.37 9.43
C ASN B 691 16.50 2.19 10.32
N ILE B 692 15.61 1.31 9.85
CA ILE B 692 15.14 0.22 10.70
C ILE B 692 16.18 -0.89 10.85
N LYS B 693 17.11 -1.03 9.90
CA LYS B 693 18.22 -1.94 10.12
C LYS B 693 19.37 -1.30 10.90
N PHE B 694 19.59 0.01 10.75
CA PHE B 694 20.83 0.63 11.22
C PHE B 694 20.66 1.62 12.35
N GLN B 695 19.43 2.01 12.72
CA GLN B 695 19.25 3.04 13.73
C GLN B 695 18.32 2.57 14.84
N ARG B 696 18.62 3.01 16.07
CA ARG B 696 18.01 2.47 17.29
C ARG B 696 17.81 3.61 18.29
N TYR B 697 17.22 3.25 19.43
CA TYR B 697 17.23 4.10 20.62
C TYR B 697 18.27 3.52 21.59
N TRP B 698 19.20 4.36 22.03
CA TRP B 698 20.37 3.91 22.79
C TRP B 698 20.04 2.89 23.87
N TYR B 699 18.83 2.97 24.42
CA TYR B 699 18.41 2.05 25.47
C TYR B 699 17.91 0.72 24.94
N GLU B 700 17.89 0.52 23.62
CA GLU B 700 17.52 -0.77 23.05
C GLU B 700 18.70 -1.73 23.01
N VAL B 701 19.92 -1.23 23.14
CA VAL B 701 21.11 -2.00 22.83
C VAL B 701 21.99 -2.10 24.07
N SER B 702 22.73 -3.21 24.14
CA SER B 702 23.77 -3.43 25.13
C SER B 702 24.66 -2.20 25.24
N ILE B 703 24.64 -1.53 26.40
CA ILE B 703 25.44 -0.33 26.56
C ILE B 703 26.93 -0.66 26.46
N LYS B 704 27.31 -1.89 26.79
CA LYS B 704 28.68 -2.35 26.57
C LYS B 704 28.97 -2.61 25.07
N LYS B 705 28.08 -2.15 24.19
CA LYS B 705 28.28 -2.17 22.75
C LYS B 705 27.98 -0.82 22.12
N THR B 706 28.12 0.26 22.89
CA THR B 706 27.92 1.61 22.37
C THR B 706 29.07 2.50 22.79
N LEU B 707 29.24 3.60 22.04
CA LEU B 707 30.27 4.58 22.36
C LEU B 707 29.67 5.69 23.22
N ILE B 708 29.49 5.39 24.49
CA ILE B 708 28.99 6.35 25.47
C ILE B 708 29.91 6.28 26.68
N THR B 709 30.78 7.28 26.82
CA THR B 709 31.62 7.41 28.02
C THR B 709 30.74 7.57 29.26
N ASN B 710 30.59 6.51 30.02
CA ASN B 710 29.75 6.55 31.21
C ASN B 710 30.57 7.06 32.40
N LYS B 711 29.87 7.34 33.51
CA LYS B 711 30.54 7.88 34.69
C LYS B 711 31.24 6.81 35.53
N GLU B 712 30.71 5.58 35.57
CA GLU B 712 31.31 4.52 36.35
C GLU B 712 32.33 3.69 35.57
N SER B 713 32.38 3.82 34.25
CA SER B 713 33.26 2.99 33.43
C SER B 713 34.58 3.74 33.23
N ASN B 714 35.54 3.48 34.13
CA ASN B 714 36.88 4.04 34.00
C ASN B 714 37.74 3.24 33.03
N THR B 715 37.34 2.02 32.68
CA THR B 715 38.08 1.24 31.70
C THR B 715 38.11 1.96 30.36
N LYS B 716 39.31 2.11 29.80
CA LYS B 716 39.44 2.73 28.48
C LYS B 716 38.60 1.97 27.47
N ILE B 717 37.80 2.70 26.70
CA ILE B 717 36.77 2.09 25.86
C ILE B 717 37.45 1.25 24.78
N ASP B 718 37.23 -0.07 24.86
CA ASP B 718 37.72 -1.03 23.87
C ASP B 718 36.95 -0.81 22.58
N ILE B 719 37.58 -0.12 21.62
CA ILE B 719 36.91 0.39 20.43
C ILE B 719 36.68 -0.71 19.39
N HIS B 720 36.82 -1.97 19.81
CA HIS B 720 36.66 -3.09 18.90
C HIS B 720 35.42 -3.94 19.18
N ASN B 721 34.96 -3.98 20.44
CA ASN B 721 33.68 -4.59 20.75
C ASN B 721 32.50 -3.71 20.35
N ILE B 722 32.73 -2.39 20.24
CA ILE B 722 31.66 -1.43 20.08
C ILE B 722 30.98 -1.62 18.72
N LYS B 723 29.66 -1.42 18.70
CA LYS B 723 28.87 -1.57 17.48
C LYS B 723 27.82 -0.49 17.28
N TRP B 724 27.38 0.21 18.32
CA TRP B 724 26.35 1.24 18.21
C TRP B 724 26.96 2.60 18.51
N PHE B 725 26.89 3.51 17.55
CA PHE B 725 27.46 4.82 17.74
C PHE B 725 26.38 5.88 17.83
N PRO B 726 26.43 6.75 18.84
CA PRO B 726 25.42 7.82 18.94
C PRO B 726 25.34 8.62 17.65
N CYS B 727 24.10 8.89 17.23
CA CYS B 727 23.83 9.44 15.90
C CYS B 727 22.89 10.63 16.04
N SER B 728 23.31 11.78 15.53
CA SER B 728 22.48 12.99 15.54
C SER B 728 21.48 12.89 14.40
N SER B 729 20.24 12.55 14.72
CA SER B 729 19.24 12.24 13.70
C SER B 729 17.99 13.11 13.83
N GLY B 730 18.15 14.43 13.69
CA GLY B 730 17.01 15.32 13.69
C GLY B 730 16.31 15.34 15.03
N GLY B 731 14.99 15.21 15.00
CA GLY B 731 14.19 15.16 16.20
C GLY B 731 13.24 16.33 16.31
N GLU B 732 12.69 16.49 17.51
CA GLU B 732 11.72 17.53 17.80
C GLU B 732 12.45 18.89 17.85
N TYR B 733 11.76 19.92 18.34
CA TYR B 733 12.31 21.27 18.39
C TYR B 733 12.74 21.58 19.83
N ARG B 734 14.02 21.92 20.05
CA ARG B 734 14.54 22.18 21.43
C ARG B 734 15.55 23.32 21.36
N LYS B 735 16.23 23.59 22.48
CA LYS B 735 17.11 24.78 22.48
C LYS B 735 18.56 24.47 22.15
N TRP B 736 19.42 24.52 23.16
CA TRP B 736 20.85 24.42 22.81
C TRP B 736 21.40 23.01 22.95
N TYR B 737 20.63 22.05 23.41
CA TYR B 737 21.24 20.71 23.51
C TYR B 737 20.22 19.66 23.86
N GLY B 738 20.02 18.67 22.98
CA GLY B 738 19.11 17.61 23.45
C GLY B 738 18.91 16.54 22.40
N ASN B 739 17.86 15.72 22.56
CA ASN B 739 17.57 14.78 21.47
C ASN B 739 18.72 13.79 21.25
N ASN B 740 19.45 13.45 22.31
CA ASN B 740 20.44 12.37 22.26
C ASN B 740 19.71 11.06 22.53
N GLU B 741 19.05 10.55 21.49
CA GLU B 741 18.27 9.33 21.61
C GLU B 741 18.68 8.23 20.66
N ILE B 742 19.27 8.55 19.51
CA ILE B 742 19.43 7.61 18.41
C ILE B 742 20.89 7.19 18.32
N VAL B 743 21.13 5.88 18.39
CA VAL B 743 22.42 5.31 18.00
C VAL B 743 22.24 4.68 16.63
N VAL B 744 23.37 4.51 15.93
CA VAL B 744 23.36 3.96 14.58
C VAL B 744 24.39 2.84 14.53
N ASN B 745 24.12 1.83 13.72
CA ASN B 745 25.11 0.79 13.49
C ASN B 745 26.27 1.38 12.72
N TRP B 746 27.48 1.22 13.27
CA TRP B 746 28.67 1.76 12.62
C TRP B 746 29.86 0.82 12.84
N GLU B 747 29.60 -0.46 13.12
CA GLU B 747 30.68 -1.39 13.41
C GLU B 747 31.61 -1.53 12.21
N ASN B 748 32.91 -1.51 12.48
CA ASN B 748 33.95 -1.56 11.45
C ASN B 748 33.80 -0.39 10.47
N ASN B 749 33.75 0.81 11.04
CA ASN B 749 33.61 2.08 10.30
C ASN B 749 32.51 1.99 9.24
N GLY B 750 31.32 1.61 9.69
CA GLY B 750 30.16 1.58 8.83
C GLY B 750 30.32 0.69 7.62
N TYR B 751 31.11 -0.39 7.76
CA TYR B 751 31.24 -1.36 6.68
C TYR B 751 29.88 -1.87 6.22
N GLU B 752 29.01 -2.21 7.18
CA GLU B 752 27.70 -2.77 6.83
C GLU B 752 26.84 -1.77 6.06
N ILE B 753 27.01 -0.48 6.33
CA ILE B 753 26.26 0.52 5.59
C ILE B 753 26.92 0.82 4.25
N ARG B 754 28.25 0.94 4.23
CA ARG B 754 28.96 1.30 3.01
C ARG B 754 28.73 0.25 1.93
N ASN B 755 29.09 -1.00 2.21
CA ASN B 755 28.88 -2.10 1.26
C ASN B 755 27.42 -2.55 1.18
N PHE B 756 26.49 -1.87 1.85
CA PHE B 756 25.07 -2.20 1.72
C PHE B 756 24.60 -1.79 0.34
N LYS B 757 24.06 -2.73 -0.43
CA LYS B 757 23.76 -2.50 -1.84
C LYS B 757 22.40 -3.09 -2.21
N PHE B 758 21.89 -2.64 -3.37
CA PHE B 758 20.64 -3.13 -3.94
C PHE B 758 20.84 -4.52 -4.56
N GLU B 759 19.83 -4.98 -5.29
CA GLU B 759 19.90 -6.24 -6.03
C GLU B 759 20.47 -6.08 -7.43
N ASN B 760 20.77 -4.85 -7.86
CA ASN B 760 21.50 -4.65 -9.09
C ASN B 760 22.90 -4.08 -8.84
N GLY B 761 23.44 -4.32 -7.64
CA GLY B 761 24.78 -3.87 -7.29
C GLY B 761 24.89 -2.42 -6.87
N LYS B 762 23.92 -1.58 -7.20
CA LYS B 762 24.03 -0.15 -6.94
C LYS B 762 23.95 0.12 -5.45
N THR B 763 24.94 0.85 -4.93
CA THR B 763 24.97 1.17 -3.51
C THR B 763 23.72 1.96 -3.12
N ARG B 764 23.23 1.70 -1.91
CA ARG B 764 21.94 2.19 -1.47
C ARG B 764 22.03 3.28 -0.41
N SER B 765 23.18 3.44 0.23
CA SER B 765 23.38 4.44 1.28
C SER B 765 24.00 5.71 0.67
N ALA B 766 24.53 6.59 1.52
CA ALA B 766 25.09 7.85 1.07
C ALA B 766 25.98 8.49 2.13
N VAL B 767 27.19 7.97 2.32
CA VAL B 767 28.11 8.52 3.31
C VAL B 767 28.65 9.85 2.81
N ARG B 768 28.51 10.89 3.63
CA ARG B 768 28.78 12.26 3.21
C ARG B 768 29.48 13.04 4.30
N ASN B 769 30.45 13.87 3.91
CA ASN B 769 31.22 14.71 4.82
C ASN B 769 31.63 13.95 6.07
N ASP B 770 31.98 12.67 5.88
CA ASP B 770 32.37 11.81 6.98
C ASP B 770 33.65 12.30 7.66
N GLU B 771 34.45 13.14 7.01
CA GLU B 771 35.58 13.73 7.72
C GLU B 771 35.08 14.52 8.92
N TYR B 772 33.86 15.06 8.84
CA TYR B 772 33.26 15.88 9.89
C TYR B 772 32.53 15.11 10.99
N TYR B 773 32.62 13.80 10.88
CA TYR B 773 31.88 12.98 11.85
C TYR B 773 32.65 13.05 13.15
N PHE B 774 32.05 12.57 14.22
CA PHE B 774 32.78 12.53 15.50
C PHE B 774 33.49 13.86 15.69
N ARG B 775 32.73 14.92 15.95
CA ARG B 775 33.38 16.24 16.05
C ARG B 775 32.56 17.15 16.94
N GLU B 776 33.18 18.20 17.45
CA GLU B 776 32.36 19.12 18.22
C GLU B 776 31.71 20.11 17.25
N GLY B 777 30.38 20.11 17.21
CA GLY B 777 29.69 20.98 16.28
C GLY B 777 28.28 21.28 16.75
N ILE B 778 27.51 21.86 15.85
CA ILE B 778 26.10 22.20 16.08
C ILE B 778 25.25 21.48 15.07
N THR B 779 24.15 20.90 15.53
CA THR B 779 23.20 20.18 14.67
C THR B 779 21.86 20.92 14.66
N TRP B 780 21.05 20.62 13.66
CA TRP B 780 19.70 21.14 13.61
C TRP B 780 18.78 20.12 12.95
N SER B 781 17.48 20.30 13.17
CA SER B 781 16.47 19.49 12.50
C SER B 781 16.27 20.02 11.09
N LYS B 782 16.75 19.26 10.09
CA LYS B 782 16.65 19.69 8.69
C LYS B 782 15.21 20.04 8.35
N ILE B 783 14.32 19.06 8.40
CA ILE B 783 12.88 19.33 8.32
C ILE B 783 12.39 19.77 9.69
N SER B 784 11.61 20.85 9.73
CA SER B 784 11.07 21.35 10.99
C SER B 784 9.84 22.19 10.65
N GLN B 785 8.68 21.80 11.21
CA GLN B 785 7.42 22.37 10.74
C GLN B 785 7.27 23.83 11.13
N GLY B 786 7.78 24.20 12.30
CA GLY B 786 7.53 25.50 12.90
C GLY B 786 8.70 26.44 12.66
N ASN B 787 9.61 26.53 13.62
CA ASN B 787 10.71 27.48 13.60
C ASN B 787 12.04 26.74 13.52
N PHE B 788 13.13 27.50 13.42
CA PHE B 788 14.47 26.96 13.30
C PHE B 788 15.25 27.17 14.59
N CYS B 789 16.23 26.30 14.81
CA CYS B 789 17.08 26.34 15.99
C CYS B 789 18.27 25.41 15.75
N VAL B 790 19.25 25.47 16.65
CA VAL B 790 20.37 24.55 16.64
C VAL B 790 20.66 24.09 18.06
N ARG B 791 21.19 22.87 18.16
CA ARG B 791 21.65 22.32 19.43
C ARG B 791 23.17 22.12 19.39
N TYR B 792 23.76 22.03 20.57
CA TYR B 792 25.19 21.75 20.67
C TYR B 792 25.43 20.25 20.59
N ARG B 793 26.34 19.86 19.70
CA ARG B 793 26.64 18.44 19.49
C ARG B 793 28.05 18.15 19.98
N PRO B 794 28.21 17.40 21.07
CA PRO B 794 29.56 17.16 21.61
C PRO B 794 30.43 16.35 20.67
N LYS B 795 31.65 16.07 21.11
CA LYS B 795 32.50 15.13 20.39
C LYS B 795 31.99 13.71 20.61
N GLY B 796 32.28 12.84 19.64
CA GLY B 796 31.85 11.46 19.71
C GLY B 796 30.48 11.17 19.11
N PHE B 797 29.99 12.05 18.23
CA PHE B 797 28.71 11.87 17.55
C PHE B 797 28.92 11.72 16.05
N VAL B 798 28.08 10.90 15.44
CA VAL B 798 27.89 10.92 13.99
C VAL B 798 26.50 11.46 13.71
N PHE B 799 26.24 11.79 12.45
CA PHE B 799 24.97 12.41 12.08
C PHE B 799 24.58 11.94 10.69
N ASP B 800 23.29 11.71 10.49
CA ASP B 800 22.77 11.34 9.18
C ASP B 800 22.35 12.61 8.45
N ASP B 801 21.43 12.49 7.49
CA ASP B 801 20.94 13.66 6.78
C ASP B 801 19.74 14.32 7.45
N THR B 802 19.02 13.58 8.30
CA THR B 802 17.87 14.16 8.99
C THR B 802 18.28 15.13 10.11
N GLY B 803 19.56 15.19 10.46
CA GLY B 803 20.04 16.11 11.46
C GLY B 803 21.31 16.82 11.03
N ARG B 804 21.17 17.78 10.11
CA ARG B 804 22.32 18.43 9.50
C ARG B 804 23.12 19.20 10.55
N CYS B 805 24.41 19.41 10.25
CA CYS B 805 25.32 19.99 11.21
C CYS B 805 26.20 21.04 10.54
N GLY B 806 26.68 21.97 11.36
CA GLY B 806 27.63 22.98 10.91
C GLY B 806 28.86 22.99 11.78
N PHE B 807 30.02 23.19 11.16
CA PHE B 807 31.28 23.05 11.86
C PHE B 807 32.19 24.23 11.55
N SER B 808 33.14 24.45 12.45
CA SER B 808 34.18 25.45 12.26
C SER B 808 35.45 24.90 12.90
N ASN B 809 36.41 25.79 13.13
CA ASN B 809 37.57 25.48 13.95
C ASN B 809 37.74 26.44 15.11
N ASN B 810 37.16 27.63 15.04
CA ASN B 810 37.08 28.54 16.18
C ASN B 810 35.82 28.20 16.98
N LYS B 811 36.01 27.74 18.22
CA LYS B 811 34.85 27.46 19.06
C LYS B 811 34.03 28.71 19.32
N ASN B 812 34.70 29.87 19.46
CA ASN B 812 33.98 31.12 19.60
C ASN B 812 33.04 31.34 18.42
N GLU B 813 33.54 31.15 17.20
CA GLU B 813 32.70 31.29 16.02
C GLU B 813 31.59 30.25 16.01
N LEU B 814 31.90 29.02 16.46
CA LEU B 814 30.88 27.99 16.53
C LEU B 814 29.80 28.35 17.56
N LEU B 815 30.23 28.81 18.74
CA LEU B 815 29.26 29.24 19.74
C LEU B 815 28.54 30.50 19.31
N TYR B 816 29.25 31.43 18.69
CA TYR B 816 28.62 32.65 18.17
C TYR B 816 27.59 32.30 17.10
N ALA B 817 27.88 31.32 16.26
CA ALA B 817 26.90 30.86 15.29
C ALA B 817 25.73 30.16 15.96
N ALA B 818 26.01 29.37 17.01
CA ALA B 818 24.94 28.69 17.73
C ALA B 818 24.00 29.69 18.39
N GLY B 819 24.53 30.81 18.88
CA GLY B 819 23.67 31.82 19.48
C GLY B 819 22.80 32.52 18.46
N LEU B 820 23.40 32.92 17.34
CA LEU B 820 22.62 33.51 16.24
C LEU B 820 21.50 32.57 15.81
N MET B 821 21.84 31.31 15.54
CA MET B 821 20.93 30.31 14.99
C MET B 821 19.84 29.85 16.00
N CYS B 822 19.70 30.49 17.17
CA CYS B 822 18.61 30.24 18.09
C CYS B 822 17.88 31.53 18.47
N THR B 823 17.81 32.47 17.53
CA THR B 823 17.09 33.72 17.68
C THR B 823 15.92 33.78 16.72
N PRO B 824 14.90 34.59 17.02
CA PRO B 824 13.91 34.91 15.99
C PRO B 824 14.52 35.69 14.83
N VAL B 825 15.77 36.14 14.95
CA VAL B 825 16.42 36.86 13.86
C VAL B 825 16.69 35.93 12.68
N VAL B 826 17.05 34.67 12.96
CA VAL B 826 17.35 33.74 11.88
C VAL B 826 16.08 33.24 11.22
N ASN B 827 15.02 33.01 12.00
CA ASN B 827 13.71 32.69 11.42
C ASN B 827 13.26 33.79 10.48
N HIS B 828 13.75 35.01 10.69
CA HIS B 828 13.37 36.15 9.86
C HIS B 828 13.93 36.00 8.44
N TYR B 829 15.16 35.52 8.32
CA TYR B 829 15.81 35.40 7.02
C TYR B 829 15.35 34.16 6.26
N LEU B 830 15.21 33.03 6.95
CA LEU B 830 14.85 31.78 6.29
C LEU B 830 13.48 31.84 5.64
N SER B 831 12.57 32.64 6.20
CA SER B 831 11.30 32.91 5.53
C SER B 831 11.54 33.47 4.13
N ILE B 832 12.47 34.43 4.03
CA ILE B 832 12.78 35.05 2.75
C ILE B 832 13.41 34.05 1.80
N LEU B 833 14.54 33.48 2.21
CA LEU B 833 15.30 32.60 1.33
C LEU B 833 14.54 31.34 0.95
N ALA B 834 13.67 30.84 1.84
CA ALA B 834 12.97 29.59 1.58
C ALA B 834 11.74 29.43 2.46
N PRO B 835 10.58 29.94 2.06
CA PRO B 835 9.35 29.69 2.83
C PRO B 835 8.85 28.27 2.64
N THR B 836 9.63 27.30 3.11
CA THR B 836 9.25 25.89 3.08
C THR B 836 9.50 25.24 4.43
N LEU B 837 9.45 23.90 4.48
CA LEU B 837 9.76 23.15 5.69
C LEU B 837 11.18 22.60 5.69
N SER B 838 11.93 22.76 4.59
CA SER B 838 13.24 22.14 4.40
C SER B 838 14.32 23.20 4.56
N PHE B 839 15.13 23.06 5.62
CA PHE B 839 16.15 24.04 6.00
C PHE B 839 17.52 23.46 5.65
N THR B 840 17.83 23.45 4.36
CA THR B 840 18.99 22.73 3.87
C THR B 840 20.28 23.51 4.15
N SER B 841 21.38 23.06 3.56
CA SER B 841 22.68 23.69 3.69
C SER B 841 22.90 24.80 2.67
N GLY B 842 21.97 25.02 1.74
CA GLY B 842 22.14 26.02 0.71
C GLY B 842 21.52 27.35 1.03
N GLU B 843 20.27 27.33 1.52
CA GLU B 843 19.60 28.57 1.91
C GLU B 843 20.09 29.04 3.27
N LEU B 844 20.30 28.10 4.19
CA LEU B 844 20.82 28.45 5.51
C LEU B 844 22.22 29.04 5.44
N ALA B 845 23.01 28.66 4.42
CA ALA B 845 24.37 29.17 4.30
C ALA B 845 24.44 30.62 3.87
N SER B 846 23.37 31.14 3.28
CA SER B 846 23.32 32.54 2.86
C SER B 846 22.96 33.49 3.98
N VAL B 847 22.69 32.97 5.17
CA VAL B 847 22.29 33.82 6.31
C VAL B 847 23.41 34.80 6.62
N PRO B 848 23.11 36.09 6.79
CA PRO B 848 24.15 37.05 7.17
C PRO B 848 24.77 36.70 8.52
N TYR B 849 26.02 37.14 8.70
CA TYR B 849 26.82 36.79 9.87
C TYR B 849 27.62 38.04 10.27
N PRO B 850 27.20 38.75 11.30
CA PRO B 850 27.92 39.94 11.74
C PRO B 850 29.18 39.54 12.52
N GLU B 851 29.93 40.56 12.93
CA GLU B 851 31.20 40.34 13.62
C GLU B 851 30.96 39.66 14.96
N ILE B 852 32.06 39.21 15.57
CA ILE B 852 31.99 38.42 16.81
C ILE B 852 31.91 39.36 18.00
N GLU B 853 30.94 39.11 18.87
CA GLU B 853 30.85 39.73 20.18
C GLU B 853 31.00 38.64 21.24
N ASP B 854 31.69 38.96 22.33
CA ASP B 854 31.96 37.96 23.34
C ASP B 854 30.87 37.83 24.38
N GLU B 855 30.04 38.87 24.56
CA GLU B 855 28.90 38.78 25.46
C GLU B 855 28.01 37.59 25.11
N ILE B 856 27.74 37.41 23.81
CA ILE B 856 26.84 36.35 23.37
C ILE B 856 27.51 34.99 23.54
N ILE B 857 28.83 34.92 23.39
CA ILE B 857 29.53 33.66 23.59
C ILE B 857 29.27 33.12 24.99
N GLU B 858 29.29 34.01 26.00
CA GLU B 858 28.98 33.59 27.37
C GLU B 858 27.52 33.17 27.50
N LEU B 859 26.60 34.06 27.10
CA LEU B 859 25.16 33.77 27.22
C LEU B 859 24.82 32.44 26.56
N VAL B 860 25.49 32.12 25.46
CA VAL B 860 25.27 30.83 24.80
C VAL B 860 25.74 29.69 25.70
N THR B 861 26.86 29.90 26.40
CA THR B 861 27.44 28.82 27.20
C THR B 861 26.55 28.46 28.38
N ASN B 862 26.00 29.46 29.07
CA ASN B 862 25.08 29.19 30.17
C ASN B 862 23.83 28.46 29.67
N ALA B 863 23.22 28.98 28.60
CA ALA B 863 22.03 28.36 28.03
C ALA B 863 22.25 26.88 27.73
N ILE B 864 23.43 26.54 27.21
CA ILE B 864 23.73 25.15 26.91
C ILE B 864 23.75 24.32 28.19
N GLU B 865 24.38 24.83 29.25
CA GLU B 865 24.39 24.11 30.52
C GLU B 865 22.98 23.99 31.09
N ILE B 866 22.22 25.10 31.07
CA ILE B 866 20.83 25.06 31.54
C ILE B 866 20.04 24.03 30.73
N ALA B 867 20.28 23.97 29.41
CA ALA B 867 19.55 23.02 28.58
C ALA B 867 20.03 21.59 28.82
N LYS B 868 21.33 21.41 29.09
CA LYS B 868 21.84 20.06 29.32
C LYS B 868 21.31 19.48 30.62
N ASN B 869 21.38 20.26 31.70
CA ASN B 869 20.86 19.78 32.99
C ASN B 869 19.39 19.41 32.90
N ASP B 870 18.61 20.22 32.16
CA ASP B 870 17.19 19.94 32.00
C ASP B 870 16.96 18.64 31.22
N TRP B 871 17.69 18.45 30.13
CA TRP B 871 17.60 17.21 29.36
C TRP B 871 18.13 16.02 30.16
N ASP B 872 19.22 16.22 30.91
CA ASP B 872 19.86 15.14 31.63
C ASP B 872 19.21 14.85 32.97
N SER B 873 17.97 15.32 33.16
CA SER B 873 17.17 14.97 34.32
C SER B 873 16.09 13.96 34.00
N GLN B 874 16.01 13.51 32.76
CA GLN B 874 15.07 12.47 32.35
C GLN B 874 15.83 11.16 32.15
N GLU B 875 15.19 10.06 32.54
CA GLU B 875 15.80 8.74 32.36
C GLU B 875 15.85 8.30 30.91
N GLN B 876 15.34 9.12 29.98
CA GLN B 876 15.50 8.87 28.56
C GLN B 876 16.84 9.37 28.01
N SER B 877 17.66 10.00 28.83
CA SER B 877 19.00 10.42 28.44
C SER B 877 20.03 9.52 29.12
N TRP B 878 21.18 9.36 28.46
CA TRP B 878 22.22 8.50 29.02
C TRP B 878 23.05 9.19 30.10
N ASP B 879 23.24 10.51 29.98
CA ASP B 879 23.93 11.28 31.02
C ASP B 879 23.11 11.41 32.29
N TYR B 880 21.91 10.83 32.32
CA TYR B 880 21.05 10.86 33.50
C TYR B 880 21.80 10.32 34.72
N VAL B 881 21.48 10.87 35.88
CA VAL B 881 22.20 10.54 37.10
C VAL B 881 21.23 9.95 38.12
N CYS B 882 20.26 10.76 38.55
CA CYS B 882 19.20 10.29 39.44
C CYS B 882 18.03 11.24 39.32
N SER B 883 16.89 10.81 39.86
CA SER B 883 15.72 11.66 39.89
C SER B 883 16.06 12.94 40.62
N PRO B 884 15.90 14.12 40.00
CA PRO B 884 16.25 15.37 40.67
C PRO B 884 15.52 15.57 42.00
N LEU B 885 14.63 14.64 42.34
CA LEU B 885 13.96 14.62 43.63
C LEU B 885 14.88 14.18 44.76
N LEU B 886 16.08 13.69 44.44
CA LEU B 886 17.04 13.23 45.44
C LEU B 886 18.19 14.21 45.64
N GLU B 887 17.99 15.49 45.32
CA GLU B 887 19.03 16.50 45.44
C GLU B 887 18.92 17.31 46.72
N HIS B 888 17.88 17.12 47.51
CA HIS B 888 17.65 17.88 48.72
C HIS B 888 17.73 16.96 49.93
N ASN B 889 17.76 17.58 51.11
CA ASN B 889 17.82 16.83 52.36
C ASN B 889 16.64 15.88 52.47
N SER B 890 16.91 14.59 52.39
CA SER B 890 15.87 13.55 52.46
C SER B 890 15.18 13.48 53.83
N THR B 891 15.47 14.42 54.74
CA THR B 891 14.74 14.53 55.99
C THR B 891 13.41 15.26 55.80
N GLN B 892 13.32 16.10 54.77
CA GLN B 892 12.18 16.96 54.55
C GLN B 892 10.96 16.15 54.11
N LEU B 893 9.78 16.76 54.26
CA LEU B 893 8.58 16.19 53.65
C LEU B 893 8.68 16.30 52.14
N LEU B 894 8.14 15.30 51.45
CA LEU B 894 8.33 15.20 50.01
C LEU B 894 7.69 16.37 49.28
N ARG B 895 6.46 16.71 49.64
CA ARG B 895 5.75 17.80 48.97
C ARG B 895 6.47 19.13 49.12
N ASN B 896 7.26 19.30 50.17
CA ASN B 896 8.10 20.49 50.29
C ASN B 896 9.18 20.47 49.22
N ILE B 897 9.84 19.32 49.08
CA ILE B 897 10.80 19.16 48.01
C ILE B 897 10.17 19.42 46.65
N TYR B 898 8.91 19.00 46.39
CA TYR B 898 8.47 19.42 45.05
C TYR B 898 8.32 20.91 44.92
N LYS B 899 7.72 21.54 45.91
CA LYS B 899 7.56 22.97 45.81
C LYS B 899 8.92 23.63 45.64
N GLN B 900 9.96 23.05 46.25
CA GLN B 900 11.32 23.58 46.12
C GLN B 900 11.84 23.41 44.70
N LYS B 901 11.64 22.22 44.12
CA LYS B 901 12.08 21.96 42.76
C LYS B 901 11.34 22.83 41.74
N ILE B 902 10.09 23.18 42.02
CA ILE B 902 9.27 23.92 41.07
C ILE B 902 9.72 25.36 40.98
N ASN B 903 9.81 26.04 42.12
CA ASN B 903 10.43 27.37 42.15
C ASN B 903 11.74 27.35 41.37
N THR B 904 12.64 26.43 41.74
CA THR B 904 13.91 26.24 41.03
C THR B 904 13.70 26.16 39.53
N ASN B 905 12.90 25.18 39.07
CA ASN B 905 12.70 25.01 37.63
C ASN B 905 12.12 26.27 37.00
N ILE B 906 11.11 26.88 37.64
CA ILE B 906 10.57 28.14 37.11
C ILE B 906 11.66 29.22 37.08
N LYS B 907 12.57 29.21 38.05
CA LYS B 907 13.65 30.20 38.08
C LYS B 907 14.64 29.98 36.93
N LEU B 908 15.06 28.74 36.72
CA LEU B 908 15.94 28.44 35.59
C LEU B 908 15.31 28.90 34.29
N VAL B 909 14.01 28.65 34.12
CA VAL B 909 13.29 29.10 32.93
C VAL B 909 13.41 30.61 32.79
N GLU B 910 13.32 31.34 33.90
CA GLU B 910 13.45 32.79 33.84
C GLU B 910 14.87 33.22 33.53
N THR B 911 15.86 32.54 34.12
CA THR B 911 17.25 32.78 33.75
C THR B 911 17.43 32.72 32.25
N LEU B 912 17.11 31.56 31.66
CA LEU B 912 17.22 31.39 30.22
C LEU B 912 16.35 32.39 29.46
N LEU B 913 15.09 32.56 29.88
CA LEU B 913 14.19 33.46 29.18
C LEU B 913 14.73 34.88 29.12
N LEU B 914 15.47 35.29 30.14
CA LEU B 914 16.16 36.57 30.05
C LEU B 914 17.40 36.47 29.17
N ILE B 915 18.03 35.29 29.12
CA ILE B 915 19.23 35.12 28.31
C ILE B 915 18.91 35.13 26.83
N GLU B 916 17.96 34.30 26.40
CA GLU B 916 17.55 34.29 25.00
C GLU B 916 17.11 35.68 24.55
N ASN B 917 16.25 36.33 25.35
CA ASN B 917 15.83 37.70 25.05
C ASN B 917 16.95 38.72 25.27
N THR B 918 18.05 38.31 25.90
CA THR B 918 19.23 39.17 25.90
C THR B 918 20.03 39.01 24.62
N ILE B 919 20.19 37.77 24.16
CA ILE B 919 20.89 37.51 22.90
C ILE B 919 20.15 38.16 21.74
N ASN B 920 18.83 37.98 21.70
CA ASN B 920 18.03 38.55 20.62
C ASN B 920 18.18 40.06 20.56
N ASN B 921 17.94 40.73 21.69
CA ASN B 921 18.07 42.18 21.75
C ASN B 921 19.45 42.65 21.29
N ILE B 922 20.47 41.81 21.43
CA ILE B 922 21.81 42.20 21.02
C ILE B 922 21.98 42.10 19.51
N PHE B 923 21.64 40.95 18.94
CA PHE B 923 21.75 40.79 17.49
C PHE B 923 20.86 41.78 16.75
N ILE B 924 19.63 42.00 17.24
CA ILE B 924 18.68 42.92 16.62
C ILE B 924 19.29 44.31 16.47
N ASP B 925 20.19 44.68 17.38
CA ASP B 925 20.84 45.98 17.30
C ASP B 925 22.02 45.97 16.34
N LYS B 926 22.65 44.81 16.12
CA LYS B 926 23.86 44.76 15.31
C LYS B 926 23.56 44.76 13.82
N LEU B 927 22.56 43.99 13.39
CA LEU B 927 22.14 44.00 12.00
C LEU B 927 21.28 45.21 11.66
N GLN B 928 20.86 45.98 12.68
CA GLN B 928 20.04 47.18 12.52
C GLN B 928 18.61 46.82 12.09
N LEU B 929 18.04 45.80 12.73
CA LEU B 929 16.68 45.35 12.45
C LEU B 929 15.72 45.87 13.53
N ASP B 930 14.43 45.62 13.32
CA ASP B 930 13.38 46.18 14.15
C ASP B 930 13.04 45.29 15.33
N LYS B 931 12.66 45.92 16.43
CA LYS B 931 12.15 45.24 17.61
C LYS B 931 10.64 45.08 17.59
N THR B 932 9.97 45.54 16.53
CA THR B 932 8.56 45.23 16.33
C THR B 932 8.34 44.05 15.39
N ILE B 933 9.33 43.72 14.56
CA ILE B 933 9.24 42.55 13.69
C ILE B 933 9.74 41.30 14.39
N ILE B 934 10.81 41.42 15.17
CA ILE B 934 11.47 40.28 15.81
C ILE B 934 11.00 40.27 17.26
N LYS B 935 9.87 39.59 17.50
CA LYS B 935 9.26 39.57 18.83
C LYS B 935 10.20 38.96 19.86
N ALA B 936 10.04 39.42 21.10
CA ALA B 936 10.76 38.82 22.22
C ALA B 936 10.23 37.42 22.50
N VAL B 937 11.10 36.57 23.03
CA VAL B 937 10.72 35.21 23.35
C VAL B 937 9.74 35.21 24.53
N LEU B 938 8.69 34.41 24.42
CA LEU B 938 7.72 34.26 25.50
C LEU B 938 8.17 33.17 26.47
N GLN B 939 7.54 33.12 27.64
CA GLN B 939 7.78 32.00 28.55
C GLN B 939 7.46 30.68 27.88
N SER B 940 6.37 30.63 27.11
CA SER B 940 5.97 29.43 26.38
C SER B 940 6.96 29.03 25.29
N GLU B 941 8.05 29.78 25.10
CA GLU B 941 9.04 29.49 24.08
C GLU B 941 10.39 29.11 24.67
N ILE B 942 10.41 28.63 25.91
CA ILE B 942 11.65 28.24 26.57
C ILE B 942 11.69 26.71 26.62
N THR B 943 12.65 26.13 25.90
CA THR B 943 12.67 24.72 25.59
C THR B 943 13.28 23.93 26.75
N LEU B 944 12.47 23.71 27.78
CA LEU B 944 12.91 22.99 28.97
C LEU B 944 11.80 22.05 29.43
N LEU B 945 12.13 20.76 29.58
CA LEU B 945 11.15 19.77 30.02
C LEU B 945 10.78 20.03 31.47
N CYS B 946 11.34 21.09 32.05
CA CYS B 946 10.90 21.53 33.37
C CYS B 946 9.90 22.67 33.27
N ASN B 947 10.02 23.53 32.26
CA ASN B 947 9.12 24.64 32.03
C ASN B 947 7.72 24.08 31.77
N PRO B 948 6.75 24.36 32.65
CA PRO B 948 5.40 23.82 32.40
C PRO B 948 4.78 24.37 31.13
N ASN B 949 4.89 25.69 30.90
CA ASN B 949 4.28 26.32 29.73
C ASN B 949 4.71 25.64 28.43
N TYR B 950 5.90 25.04 28.40
CA TYR B 950 6.42 24.38 27.22
C TYR B 950 6.06 22.89 27.17
N ARG B 951 6.28 22.17 28.28
CA ARG B 951 6.11 20.72 28.26
C ARG B 951 4.67 20.34 27.92
N TYR B 952 3.70 21.17 28.28
CA TYR B 952 2.29 20.93 27.99
C TYR B 952 1.77 22.16 27.25
N LYS B 953 1.84 22.09 25.92
CA LYS B 953 1.34 23.18 25.08
C LYS B 953 -0.17 23.13 24.95
N ASN B 954 -0.71 21.94 24.65
CA ASN B 954 -2.12 21.77 24.34
C ASN B 954 -3.03 22.09 25.53
N ILE B 955 -2.47 22.26 26.72
CA ILE B 955 -3.21 22.67 27.90
C ILE B 955 -2.99 24.17 28.09
N GLN B 956 -4.09 24.92 28.15
CA GLN B 956 -4.01 26.38 28.25
C GLN B 956 -4.10 26.88 29.68
N ASP B 957 -4.52 26.01 30.61
CA ASP B 957 -4.73 26.40 32.00
C ASP B 957 -3.40 26.60 32.72
N HIS B 958 -3.48 27.10 33.95
CA HIS B 958 -2.34 27.17 34.87
C HIS B 958 -2.39 26.08 35.93
N THR B 959 -3.57 25.80 36.49
CA THR B 959 -3.69 24.71 37.45
C THR B 959 -3.45 23.37 36.78
N ASP B 960 -4.16 23.10 35.68
CA ASP B 960 -3.91 21.88 34.89
C ASP B 960 -2.46 21.81 34.42
N LEU B 961 -1.82 22.96 34.25
CA LEU B 961 -0.43 22.97 33.78
C LEU B 961 0.53 22.66 34.91
N THR B 962 0.37 23.33 36.05
CA THR B 962 1.18 23.01 37.22
C THR B 962 0.91 21.59 37.69
N ASN B 963 -0.34 21.11 37.56
CA ASN B 963 -0.71 19.80 38.08
C ASN B 963 -0.17 18.67 37.20
N LYS B 964 -0.46 18.71 35.89
CA LYS B 964 0.18 17.76 34.98
C LYS B 964 1.69 17.82 35.10
N TYR B 965 2.25 18.95 35.50
CA TYR B 965 3.68 18.99 35.79
C TYR B 965 3.99 18.19 37.04
N TYR B 966 3.25 18.43 38.14
CA TYR B 966 3.35 17.58 39.32
C TYR B 966 3.21 16.10 38.93
N THR B 967 2.22 15.81 38.09
CA THR B 967 1.94 14.44 37.68
C THR B 967 3.15 13.81 37.01
N ASP B 968 3.59 14.39 35.90
CA ASP B 968 4.71 13.81 35.15
C ASP B 968 6.00 13.78 35.97
N ILE B 969 6.14 14.67 36.96
CA ILE B 969 7.26 14.55 37.89
C ILE B 969 7.13 13.27 38.71
N THR B 970 5.90 12.92 39.09
CA THR B 970 5.70 11.73 39.93
C THR B 970 5.88 10.45 39.13
N ILE B 971 5.48 10.45 37.86
CA ILE B 971 5.79 9.30 37.02
C ILE B 971 7.29 9.17 36.86
N ASP B 972 7.98 10.31 36.71
CA ASP B 972 9.42 10.30 36.46
C ASP B 972 10.18 9.64 37.61
N ILE B 973 9.80 9.96 38.85
CA ILE B 973 10.43 9.30 40.00
C ILE B 973 10.06 7.82 40.04
N LEU B 974 8.84 7.47 39.63
CA LEU B 974 8.41 6.09 39.73
C LEU B 974 9.14 5.20 38.73
N SER B 975 9.10 5.56 37.45
CA SER B 975 9.89 4.84 36.45
C SER B 975 11.37 4.80 36.82
N TYR B 976 11.81 5.75 37.65
CA TYR B 976 13.13 5.64 38.27
C TYR B 976 13.14 4.56 39.36
N ILE B 977 12.09 4.52 40.18
CA ILE B 977 12.04 3.52 41.27
C ILE B 977 12.02 2.11 40.69
N ILE B 978 11.14 1.85 39.74
CA ILE B 978 11.10 0.54 39.11
C ILE B 978 12.42 0.25 38.42
N GLY B 979 13.08 1.29 37.90
CA GLY B 979 14.42 1.12 37.38
C GLY B 979 15.38 0.61 38.44
N CYS B 980 15.27 1.15 39.65
CA CYS B 980 16.11 0.67 40.75
C CYS B 980 15.75 -0.76 41.13
N MET B 981 14.47 -1.13 41.04
CA MET B 981 14.09 -2.52 41.21
C MET B 981 14.77 -3.40 40.17
N MET B 982 14.58 -3.05 38.90
CA MET B 982 15.07 -3.83 37.77
C MET B 982 16.60 -3.90 37.74
N GLY B 983 17.25 -3.19 38.64
CA GLY B 983 18.69 -3.13 38.59
C GLY B 983 19.22 -2.20 37.53
N ARG B 984 18.38 -1.33 36.99
CA ARG B 984 18.83 -0.35 36.01
C ARG B 984 19.40 0.91 36.65
N TYR B 985 19.10 1.13 37.94
CA TYR B 985 19.62 2.28 38.66
C TYR B 985 19.91 1.87 40.10
N SER B 986 20.73 2.66 40.78
CA SER B 986 21.07 2.39 42.16
C SER B 986 21.11 3.69 42.95
N LEU B 987 20.69 3.60 44.21
CA LEU B 987 20.84 4.73 45.12
C LEU B 987 22.27 4.86 45.61
N ASP B 988 22.95 3.72 45.78
CA ASP B 988 24.36 3.74 46.16
C ASP B 988 25.21 4.35 45.06
N ARG B 989 24.94 3.99 43.82
CA ARG B 989 25.82 4.29 42.70
C ARG B 989 25.11 5.24 41.73
N GLU B 990 25.72 6.39 41.49
CA GLU B 990 25.18 7.37 40.56
C GLU B 990 25.18 6.82 39.14
N GLY B 991 24.27 7.33 38.32
CA GLY B 991 24.25 7.01 36.91
C GLY B 991 23.47 5.75 36.58
N LEU B 992 23.79 5.19 35.41
CA LEU B 992 23.12 4.01 34.87
C LEU B 992 23.88 2.75 35.32
N VAL B 993 23.19 1.88 36.06
CA VAL B 993 23.89 0.77 36.72
C VAL B 993 24.07 -0.41 35.78
N TYR B 994 22.97 -1.07 35.39
CA TYR B 994 23.06 -2.25 34.48
C TYR B 994 22.13 -2.13 33.27
N ALA B 995 22.69 -2.08 32.06
CA ALA B 995 21.90 -1.97 30.81
C ALA B 995 22.40 -2.84 29.65
N HIS B 996 23.46 -3.64 29.79
CA HIS B 996 23.82 -4.63 28.79
C HIS B 996 23.21 -6.05 28.89
N GLU B 997 23.62 -6.95 28.00
CA GLU B 997 22.85 -8.16 27.71
C GLU B 997 23.05 -9.35 28.63
N GLY B 998 21.94 -10.02 28.96
CA GLY B 998 21.98 -11.38 29.51
C GLY B 998 22.11 -11.52 31.00
N ASN B 999 21.74 -10.50 31.79
CA ASN B 999 21.90 -10.49 33.24
C ASN B 999 23.35 -10.79 33.65
N LYS B 1000 24.29 -10.60 32.74
CA LYS B 1000 25.69 -10.90 32.98
C LYS B 1000 26.33 -9.80 33.84
N GLY B 1001 27.34 -10.19 34.62
CA GLY B 1001 28.03 -9.21 35.42
C GLY B 1001 27.18 -8.69 36.57
N PHE B 1002 25.91 -9.11 36.57
CA PHE B 1002 24.95 -8.61 37.55
C PHE B 1002 25.31 -9.07 38.95
N ALA B 1003 25.59 -10.37 39.13
CA ALA B 1003 25.98 -10.88 40.43
C ALA B 1003 27.22 -10.18 40.95
N GLU B 1004 28.20 -9.94 40.06
CA GLU B 1004 29.38 -9.15 40.43
C GLU B 1004 29.00 -7.81 41.04
N LEU B 1005 27.82 -7.30 40.73
CA LEU B 1005 27.41 -6.00 41.24
C LEU B 1005 26.67 -6.10 42.57
N VAL B 1006 26.05 -7.23 42.89
CA VAL B 1006 25.44 -7.40 44.20
C VAL B 1006 26.51 -7.75 45.25
N ALA B 1007 27.55 -8.49 44.85
CA ALA B 1007 28.67 -8.79 45.74
C ALA B 1007 29.65 -7.62 45.87
N GLU B 1008 29.52 -6.59 45.03
CA GLU B 1008 30.19 -5.32 45.25
C GLU B 1008 29.27 -4.30 45.92
N ASP B 1009 28.07 -4.70 46.29
CA ASP B 1009 27.07 -3.84 46.94
C ASP B 1009 26.73 -2.63 46.07
N ALA B 1010 26.20 -2.93 44.88
CA ALA B 1010 25.57 -1.89 44.08
C ALA B 1010 24.15 -1.60 44.54
N TYR B 1011 23.56 -2.49 45.33
CA TYR B 1011 22.20 -2.35 45.81
C TYR B 1011 22.12 -2.64 47.30
N LYS B 1012 23.08 -2.12 48.08
CA LYS B 1012 22.99 -2.26 49.53
C LYS B 1012 21.78 -1.51 50.07
N THR B 1013 21.63 -0.24 49.68
CA THR B 1013 20.56 0.58 50.24
C THR B 1013 19.19 0.08 49.82
N PHE B 1014 19.04 -0.31 48.56
CA PHE B 1014 17.78 -0.86 48.05
C PHE B 1014 18.08 -2.11 47.24
N PRO B 1015 17.84 -3.30 47.82
CA PRO B 1015 18.19 -4.54 47.12
C PRO B 1015 17.46 -4.67 45.79
N ALA B 1016 18.24 -4.80 44.72
CA ALA B 1016 17.66 -5.07 43.41
C ALA B 1016 16.86 -6.37 43.45
N ASP B 1017 15.81 -6.42 42.64
CA ASP B 1017 14.99 -7.62 42.55
C ASP B 1017 15.85 -8.80 42.14
N ASN B 1018 15.64 -9.94 42.83
CA ASN B 1018 16.53 -11.07 42.69
C ASN B 1018 16.46 -11.74 41.33
N ASP B 1019 15.38 -11.52 40.57
CA ASP B 1019 15.22 -12.29 39.34
C ASP B 1019 14.66 -11.48 38.17
N GLY B 1020 14.74 -10.15 38.23
CA GLY B 1020 14.37 -9.32 37.10
C GLY B 1020 12.92 -9.45 36.67
N ILE B 1021 12.10 -10.09 37.50
CA ILE B 1021 10.67 -10.22 37.25
C ILE B 1021 9.95 -9.45 38.35
N LEU B 1022 9.10 -8.51 37.95
CA LEU B 1022 8.42 -7.62 38.89
C LEU B 1022 6.92 -7.80 38.78
N PRO B 1023 6.29 -8.56 39.70
CA PRO B 1023 4.83 -8.74 39.65
C PRO B 1023 4.11 -7.41 39.81
N LEU B 1024 3.32 -7.06 38.81
CA LEU B 1024 2.66 -5.77 38.71
C LEU B 1024 1.16 -6.05 38.69
N MET B 1025 0.56 -6.19 39.87
CA MET B 1025 -0.78 -6.75 40.01
C MET B 1025 -1.63 -5.85 40.90
N ASP B 1026 -2.95 -6.04 40.84
CA ASP B 1026 -3.91 -5.19 41.53
C ASP B 1026 -4.26 -5.68 42.94
N ASP B 1027 -3.55 -6.68 43.46
CA ASP B 1027 -3.61 -7.05 44.86
C ASP B 1027 -2.24 -7.58 45.27
N GLU B 1028 -1.95 -7.50 46.57
CA GLU B 1028 -0.67 -7.99 47.06
C GLU B 1028 -0.73 -9.50 47.26
N TRP B 1029 0.27 -10.21 46.75
CA TRP B 1029 0.38 -11.65 46.88
C TRP B 1029 1.82 -12.03 47.20
N PHE B 1030 2.76 -11.51 46.42
CA PHE B 1030 4.16 -11.83 46.58
C PHE B 1030 4.84 -10.87 47.55
N ASP B 1031 6.14 -11.04 47.71
CA ASP B 1031 6.98 -10.19 48.55
C ASP B 1031 7.72 -9.13 47.74
N ASP B 1032 8.28 -9.52 46.59
CA ASP B 1032 8.94 -8.60 45.67
C ASP B 1032 7.96 -7.83 44.79
N ASP B 1033 6.68 -7.78 45.17
CA ASP B 1033 5.68 -7.07 44.39
C ASP B 1033 6.07 -5.60 44.23
N VAL B 1034 5.77 -5.05 43.05
CA VAL B 1034 6.25 -3.71 42.70
C VAL B 1034 5.75 -2.68 43.69
N THR B 1035 4.44 -2.64 43.91
CA THR B 1035 3.86 -1.73 44.89
C THR B 1035 4.51 -1.92 46.26
N SER B 1036 4.70 -3.18 46.65
CA SER B 1036 5.32 -3.47 47.95
C SER B 1036 6.71 -2.86 48.04
N ARG B 1037 7.52 -3.03 46.99
CA ARG B 1037 8.89 -2.53 47.03
C ARG B 1037 8.94 -1.00 47.01
N VAL B 1038 7.92 -0.35 46.43
CA VAL B 1038 7.90 1.11 46.38
C VAL B 1038 7.83 1.69 47.79
N LYS B 1039 6.99 1.11 48.64
CA LYS B 1039 6.87 1.58 50.01
C LYS B 1039 8.22 1.45 50.74
N GLU B 1040 8.96 0.38 50.45
CA GLU B 1040 10.30 0.23 51.03
C GLU B 1040 11.24 1.31 50.54
N PHE B 1041 11.09 1.76 49.30
CA PHE B 1041 11.96 2.79 48.75
C PHE B 1041 11.75 4.12 49.46
N VAL B 1042 10.49 4.55 49.59
CA VAL B 1042 10.20 5.83 50.22
C VAL B 1042 10.61 5.79 51.69
N ARG B 1043 10.35 4.66 52.36
CA ARG B 1043 10.79 4.50 53.74
C ARG B 1043 12.30 4.62 53.86
N THR B 1044 13.04 4.17 52.84
CA THR B 1044 14.50 4.16 52.92
C THR B 1044 15.09 5.53 52.64
N VAL B 1045 14.50 6.30 51.73
CA VAL B 1045 15.07 7.58 51.39
C VAL B 1045 14.65 8.65 52.40
N TRP B 1046 13.34 8.75 52.66
CA TRP B 1046 12.78 9.89 53.38
C TRP B 1046 12.23 9.53 54.76
N GLY B 1047 12.63 8.37 55.30
CA GLY B 1047 12.37 8.06 56.69
C GLY B 1047 11.02 7.44 57.02
N GLU B 1048 11.02 6.52 57.99
CA GLU B 1048 9.76 5.97 58.52
C GLU B 1048 8.88 7.06 59.11
N GLU B 1049 9.49 8.16 59.56
CA GLU B 1049 8.71 9.29 60.07
C GLU B 1049 7.71 9.77 59.04
N HIS B 1050 8.21 10.22 57.89
CA HIS B 1050 7.37 10.81 56.85
C HIS B 1050 6.86 9.76 55.87
N LEU B 1051 6.85 8.48 56.25
CA LEU B 1051 6.35 7.43 55.36
C LEU B 1051 4.92 7.69 54.94
N GLN B 1052 3.99 7.70 55.90
CA GLN B 1052 2.58 7.82 55.57
C GLN B 1052 2.26 9.13 54.85
N GLU B 1053 2.95 10.22 55.20
CA GLU B 1053 2.68 11.48 54.52
C GLU B 1053 3.25 11.50 53.11
N ASN B 1054 4.46 10.96 52.91
CA ASN B 1054 5.00 10.89 51.57
C ASN B 1054 4.17 9.96 50.69
N LEU B 1055 3.69 8.85 51.26
CA LEU B 1055 2.85 7.92 50.51
C LEU B 1055 1.52 8.56 50.11
N GLU B 1056 0.95 9.38 50.99
CA GLU B 1056 -0.31 10.04 50.65
C GLU B 1056 -0.09 11.15 49.63
N PHE B 1057 1.02 11.89 49.74
CA PHE B 1057 1.28 12.94 48.77
C PHE B 1057 1.50 12.38 47.36
N ILE B 1058 1.96 11.14 47.26
CA ILE B 1058 2.13 10.51 45.95
C ILE B 1058 0.78 10.29 45.30
N ALA B 1059 -0.13 9.61 46.01
CA ALA B 1059 -1.46 9.35 45.45
C ALA B 1059 -2.13 10.63 44.98
N GLU B 1060 -1.78 11.77 45.56
CA GLU B 1060 -2.26 13.06 45.07
C GLU B 1060 -1.82 13.29 43.63
N SER B 1061 -0.51 13.46 43.43
CA SER B 1061 0.00 13.85 42.11
C SER B 1061 -0.33 12.84 41.03
N LEU B 1062 -0.70 11.61 41.41
CA LEU B 1062 -1.13 10.64 40.41
C LEU B 1062 -2.57 10.88 39.99
N CYS B 1063 -3.49 10.96 40.96
CA CYS B 1063 -4.90 11.17 40.68
C CYS B 1063 -5.22 12.60 40.26
N LEU B 1064 -4.22 13.47 40.13
CA LEU B 1064 -4.45 14.77 39.52
C LEU B 1064 -4.88 14.63 38.07
N TYR B 1065 -4.06 13.95 37.26
CA TYR B 1065 -4.29 13.98 35.82
C TYR B 1065 -3.67 12.77 35.13
N ALA B 1066 -3.21 11.79 35.90
CA ALA B 1066 -2.77 10.51 35.35
C ALA B 1066 -3.82 9.43 35.48
N ILE B 1067 -4.42 9.28 36.66
CA ILE B 1067 -5.52 8.35 36.90
C ILE B 1067 -6.65 9.08 37.62
N LYS B 1068 -7.86 8.43 37.64
CA LYS B 1068 -9.01 8.93 38.38
C LYS B 1068 -8.98 8.38 39.80
N PRO B 1069 -9.52 9.12 40.77
CA PRO B 1069 -9.48 8.68 42.17
C PRO B 1069 -10.67 7.83 42.59
N LYS B 1070 -10.51 7.15 43.72
CA LYS B 1070 -11.56 6.36 44.33
C LYS B 1070 -11.69 6.69 45.81
N LYS B 1071 -12.86 6.38 46.36
CA LYS B 1071 -13.33 6.95 47.60
C LYS B 1071 -13.36 5.90 48.69
N GLY B 1072 -12.72 6.21 49.83
CA GLY B 1072 -12.49 5.24 50.87
C GLY B 1072 -11.32 4.31 50.62
N GLU B 1073 -10.71 4.41 49.45
CA GLU B 1073 -9.51 3.66 49.10
C GLU B 1073 -8.39 4.04 50.05
N SER B 1074 -7.22 3.42 49.92
CA SER B 1074 -6.05 3.77 50.71
C SER B 1074 -4.99 4.41 49.81
N ALA B 1075 -3.99 5.01 50.45
CA ALA B 1075 -2.88 5.60 49.70
C ALA B 1075 -2.03 4.51 49.04
N LEU B 1076 -1.97 3.33 49.65
CA LEU B 1076 -1.14 2.26 49.11
C LEU B 1076 -1.84 1.52 47.97
N ASP B 1077 -3.16 1.37 48.04
CA ASP B 1077 -3.90 0.74 46.94
C ASP B 1077 -4.00 1.67 45.74
N THR B 1078 -4.11 2.98 45.97
CA THR B 1078 -4.08 3.94 44.88
C THR B 1078 -2.83 3.79 44.02
N ILE B 1079 -1.68 3.63 44.67
CA ILE B 1079 -0.43 3.37 43.94
C ILE B 1079 -0.55 2.07 43.15
N ARG B 1080 -0.98 1.01 43.82
CA ARG B 1080 -1.15 -0.29 43.17
C ARG B 1080 -2.01 -0.19 41.92
N ARG B 1081 -3.06 0.63 41.96
CA ARG B 1081 -3.95 0.73 40.80
C ARG B 1081 -3.27 1.45 39.64
N TYR B 1082 -2.54 2.53 39.92
CA TYR B 1082 -1.80 3.23 38.87
C TYR B 1082 -0.90 2.26 38.12
N LEU B 1083 -0.16 1.44 38.86
CA LEU B 1083 0.82 0.53 38.28
C LEU B 1083 0.17 -0.47 37.33
N SER B 1084 -0.72 -1.32 37.87
CA SER B 1084 -1.28 -2.42 37.10
C SER B 1084 -2.21 -1.95 35.99
N THR B 1085 -2.42 -0.64 35.88
CA THR B 1085 -3.28 -0.10 34.83
C THR B 1085 -2.58 0.94 33.96
N GLN B 1086 -1.99 1.98 34.56
CA GLN B 1086 -1.55 3.15 33.81
C GLN B 1086 -0.04 3.22 33.60
N PHE B 1087 0.78 2.68 34.50
CA PHE B 1087 2.22 2.88 34.38
C PHE B 1087 2.75 2.36 33.05
N TRP B 1088 2.39 1.12 32.70
CA TRP B 1088 2.81 0.53 31.44
C TRP B 1088 2.65 1.52 30.30
N LYS B 1089 1.49 2.17 30.23
CA LYS B 1089 1.21 3.13 29.17
C LYS B 1089 2.19 4.29 29.19
N ASP B 1090 2.34 4.93 30.36
CA ASP B 1090 3.30 6.02 30.47
C ASP B 1090 4.69 5.56 30.06
N HIS B 1091 5.06 4.33 30.43
CA HIS B 1091 6.35 3.79 30.01
C HIS B 1091 6.42 3.65 28.50
N MET B 1092 5.34 3.20 27.86
CA MET B 1092 5.23 3.21 26.41
C MET B 1092 5.52 4.60 25.88
N LYS B 1093 4.66 5.56 26.25
CA LYS B 1093 4.85 6.95 25.84
C LYS B 1093 6.24 7.45 26.21
N MET B 1094 6.74 7.07 27.38
CA MET B 1094 8.02 7.59 27.84
C MET B 1094 9.17 7.12 26.96
N TYR B 1095 9.12 5.86 26.50
CA TYR B 1095 10.20 5.28 25.71
C TYR B 1095 9.83 5.13 24.24
N LYS B 1096 8.80 5.85 23.78
CA LYS B 1096 8.41 5.91 22.37
C LYS B 1096 8.28 4.51 21.77
N LYS B 1097 7.36 3.74 22.34
CA LYS B 1097 6.96 2.43 21.83
C LYS B 1097 8.12 1.44 21.78
N ARG B 1098 9.18 1.69 22.55
CA ARG B 1098 10.34 0.82 22.61
C ARG B 1098 10.63 0.58 24.09
N PRO B 1099 9.86 -0.28 24.74
CA PRO B 1099 9.96 -0.40 26.21
C PRO B 1099 11.15 -1.25 26.65
N ILE B 1100 11.67 -0.91 27.83
CA ILE B 1100 12.84 -1.56 28.40
C ILE B 1100 12.40 -2.47 29.55
N TYR B 1101 11.27 -2.14 30.15
CA TYR B 1101 10.55 -3.06 31.01
C TYR B 1101 9.38 -3.59 30.19
N TRP B 1102 9.38 -4.88 29.90
CA TRP B 1102 8.31 -5.49 29.13
C TRP B 1102 7.30 -6.12 30.09
N LEU B 1103 6.03 -6.03 29.71
CA LEU B 1103 4.91 -6.43 30.56
C LEU B 1103 4.31 -7.71 30.00
N PHE B 1104 4.69 -8.84 30.59
CA PHE B 1104 4.02 -10.10 30.31
C PHE B 1104 2.72 -10.15 31.10
N SER B 1105 1.60 -10.26 30.40
CA SER B 1105 0.29 -10.26 31.01
C SER B 1105 -0.42 -11.58 30.70
N SER B 1106 -1.15 -12.09 31.70
CA SER B 1106 -2.00 -13.26 31.47
C SER B 1106 -3.02 -12.98 30.38
N GLY B 1107 -3.58 -11.77 30.37
CA GLY B 1107 -4.60 -11.41 29.42
C GLY B 1107 -5.49 -10.30 29.93
N LYS B 1108 -6.81 -10.48 29.80
CA LYS B 1108 -7.76 -9.40 30.00
C LYS B 1108 -8.20 -9.24 31.45
N GLU B 1109 -8.37 -10.35 32.17
CA GLU B 1109 -8.72 -10.25 33.59
C GLU B 1109 -7.64 -9.54 34.40
N LYS B 1110 -6.41 -9.47 33.89
CA LYS B 1110 -5.25 -9.03 34.67
C LYS B 1110 -5.03 -9.96 35.86
N ALA B 1111 -5.25 -11.26 35.63
CA ALA B 1111 -4.92 -12.28 36.61
C ALA B 1111 -3.49 -12.12 37.08
N PHE B 1112 -2.55 -12.17 36.15
CA PHE B 1112 -1.14 -11.98 36.44
C PHE B 1112 -0.54 -11.00 35.46
N GLU B 1113 0.38 -10.18 35.96
CA GLU B 1113 1.16 -9.28 35.14
C GLU B 1113 2.52 -9.13 35.80
N CYS B 1114 3.54 -8.87 34.99
CA CYS B 1114 4.88 -8.68 35.55
C CYS B 1114 5.72 -7.86 34.59
N LEU B 1115 6.45 -6.90 35.14
CA LEU B 1115 7.45 -6.19 34.37
C LEU B 1115 8.72 -7.03 34.30
N VAL B 1116 9.33 -7.05 33.13
CA VAL B 1116 10.57 -7.78 32.89
C VAL B 1116 11.54 -6.85 32.19
N TYR B 1117 12.70 -6.62 32.80
CA TYR B 1117 13.65 -5.67 32.26
C TYR B 1117 14.28 -6.25 31.00
N LEU B 1118 14.16 -5.52 29.88
CA LEU B 1118 14.62 -6.00 28.58
C LEU B 1118 16.04 -6.56 28.65
N HIS B 1119 16.95 -5.78 29.23
CA HIS B 1119 18.36 -6.11 29.14
C HIS B 1119 18.71 -7.32 29.99
N ARG B 1120 18.17 -7.38 31.21
CA ARG B 1120 18.43 -8.52 32.09
C ARG B 1120 17.87 -9.82 31.54
N TYR B 1121 17.10 -9.81 30.45
CA TYR B 1121 16.48 -11.03 29.97
C TYR B 1121 17.52 -12.05 29.53
N ASN B 1122 17.22 -13.30 29.82
CA ASN B 1122 17.92 -14.46 29.30
C ASN B 1122 16.86 -15.50 28.94
N ASP B 1123 17.28 -16.51 28.18
CA ASP B 1123 16.34 -17.51 27.68
C ASP B 1123 15.53 -18.16 28.80
N ALA B 1124 16.10 -18.27 30.00
CA ALA B 1124 15.46 -19.00 31.09
C ALA B 1124 14.34 -18.24 31.76
N THR B 1125 14.23 -16.93 31.52
CA THR B 1125 13.27 -16.08 32.23
C THR B 1125 11.87 -16.69 32.23
N LEU B 1126 11.49 -17.33 31.13
CA LEU B 1126 10.13 -17.84 31.00
C LEU B 1126 9.87 -18.99 31.96
N ALA B 1127 10.90 -19.75 32.31
CA ALA B 1127 10.74 -20.85 33.25
C ALA B 1127 10.60 -20.34 34.68
N ARG B 1128 11.54 -19.51 35.13
CA ARG B 1128 11.44 -18.96 36.48
C ARG B 1128 10.14 -18.18 36.67
N MET B 1129 9.68 -17.49 35.63
CA MET B 1129 8.38 -16.85 35.74
C MET B 1129 7.29 -17.89 35.97
N ARG B 1130 7.42 -19.06 35.33
CA ARG B 1130 6.47 -20.14 35.56
C ARG B 1130 6.68 -20.80 36.91
N THR B 1131 7.94 -21.09 37.27
CA THR B 1131 8.21 -21.85 38.49
C THR B 1131 7.94 -21.01 39.74
N GLU B 1132 8.49 -19.80 39.80
CA GLU B 1132 8.48 -19.02 41.04
C GLU B 1132 7.41 -17.94 41.08
N TYR B 1133 6.61 -17.78 40.03
CA TYR B 1133 5.54 -16.79 40.06
C TYR B 1133 4.20 -17.40 39.65
N VAL B 1134 4.18 -18.13 38.55
CA VAL B 1134 2.92 -18.59 37.97
C VAL B 1134 2.38 -19.80 38.72
N VAL B 1135 3.21 -20.84 38.86
CA VAL B 1135 2.75 -22.06 39.54
C VAL B 1135 2.28 -21.79 40.96
N PRO B 1136 2.98 -20.98 41.78
CA PRO B 1136 2.44 -20.70 43.13
C PRO B 1136 1.10 -19.97 43.10
N LEU B 1137 0.85 -19.13 42.10
CA LEU B 1137 -0.36 -18.33 42.10
C LEU B 1137 -1.59 -19.15 41.72
N LEU B 1138 -1.42 -20.10 40.79
CA LEU B 1138 -2.51 -21.05 40.51
C LEU B 1138 -2.83 -21.90 41.73
N ALA B 1139 -1.94 -21.95 42.71
CA ALA B 1139 -2.21 -22.61 43.98
C ALA B 1139 -2.90 -21.68 44.97
N ARG B 1140 -2.51 -20.41 45.01
CA ARG B 1140 -3.16 -19.46 45.91
C ARG B 1140 -4.57 -19.14 45.45
N TYR B 1141 -4.82 -19.10 44.13
CA TYR B 1141 -6.15 -18.83 43.63
C TYR B 1141 -7.12 -19.96 43.97
N GLN B 1142 -6.67 -21.21 43.89
CA GLN B 1142 -7.58 -22.32 44.05
C GLN B 1142 -7.99 -22.53 45.50
N ALA B 1143 -7.04 -22.40 46.43
CA ALA B 1143 -7.37 -22.57 47.85
C ALA B 1143 -8.41 -21.56 48.30
N ASN B 1144 -8.46 -20.39 47.65
CA ASN B 1144 -9.44 -19.38 48.02
C ASN B 1144 -10.78 -19.61 47.35
N ILE B 1145 -10.81 -20.15 46.12
CA ILE B 1145 -12.07 -20.64 45.57
C ILE B 1145 -12.63 -21.72 46.47
N ASP B 1146 -11.77 -22.44 47.18
CA ASP B 1146 -12.23 -23.45 48.13
C ASP B 1146 -12.79 -22.80 49.39
N ARG B 1147 -12.05 -21.85 49.98
CA ARG B 1147 -12.54 -21.15 51.15
C ARG B 1147 -13.76 -20.31 50.84
N LEU B 1148 -13.91 -19.86 49.59
CA LEU B 1148 -15.09 -19.09 49.21
C LEU B 1148 -16.31 -19.99 49.02
N ASN B 1149 -16.12 -21.16 48.40
CA ASN B 1149 -17.23 -22.10 48.25
C ASN B 1149 -17.71 -22.64 49.59
N GLU B 1150 -16.88 -22.60 50.63
CA GLU B 1150 -17.25 -23.01 51.98
C GLU B 1150 -17.97 -21.90 52.74
N GLN B 1151 -17.63 -20.64 52.44
CA GLN B 1151 -18.31 -19.51 53.03
C GLN B 1151 -19.61 -19.19 52.31
N VAL B 1152 -19.66 -19.47 51.00
CA VAL B 1152 -20.90 -19.32 50.24
C VAL B 1152 -21.97 -20.27 50.77
N ASP B 1153 -21.58 -21.50 51.11
CA ASP B 1153 -22.53 -22.50 51.59
C ASP B 1153 -22.88 -22.34 53.05
N GLY B 1154 -22.37 -21.31 53.73
CA GLY B 1154 -22.76 -21.04 55.09
C GLY B 1154 -23.51 -19.73 55.21
N ALA B 1155 -23.54 -18.97 54.12
CA ALA B 1155 -24.11 -17.63 54.09
C ALA B 1155 -25.49 -17.64 53.41
N SER B 1156 -26.02 -16.43 53.18
CA SER B 1156 -27.30 -16.20 52.51
C SER B 1156 -27.52 -14.70 52.43
N GLY B 1157 -28.55 -14.30 51.69
CA GLY B 1157 -28.92 -12.91 51.62
C GLY B 1157 -27.97 -12.10 50.74
N GLY B 1158 -27.96 -10.79 51.00
CA GLY B 1158 -27.17 -9.85 50.22
C GLY B 1158 -25.67 -10.00 50.40
N GLU B 1159 -25.26 -11.05 51.10
CA GLU B 1159 -23.84 -11.31 51.35
C GLU B 1159 -23.32 -12.55 50.63
N ALA B 1160 -24.17 -13.56 50.41
CA ALA B 1160 -23.75 -14.73 49.65
C ALA B 1160 -23.60 -14.43 48.16
N THR B 1161 -24.19 -13.33 47.67
CA THR B 1161 -24.03 -12.93 46.28
C THR B 1161 -22.75 -12.11 46.07
N ARG B 1162 -22.41 -11.26 47.04
CA ARG B 1162 -21.10 -10.61 47.02
C ARG B 1162 -19.98 -11.65 47.00
N LEU B 1163 -20.17 -12.76 47.71
CA LEU B 1163 -19.19 -13.84 47.70
C LEU B 1163 -19.15 -14.54 46.36
N LYS B 1164 -20.32 -14.82 45.78
CA LYS B 1164 -20.37 -15.51 44.49
C LYS B 1164 -19.74 -14.66 43.38
N ARG B 1165 -19.98 -13.35 43.40
CA ARG B 1165 -19.33 -12.47 42.44
C ARG B 1165 -17.82 -12.49 42.62
N GLU B 1166 -17.36 -12.53 43.87
CA GLU B 1166 -15.92 -12.59 44.13
C GLU B 1166 -15.34 -13.93 43.67
N ARG B 1167 -16.12 -15.01 43.80
CA ARG B 1167 -15.66 -16.33 43.33
C ARG B 1167 -15.76 -16.44 41.81
N ASP B 1168 -16.75 -15.79 41.19
CA ASP B 1168 -16.77 -15.67 39.74
C ASP B 1168 -15.55 -14.90 39.24
N SER B 1169 -15.33 -13.70 39.78
CA SER B 1169 -14.16 -12.91 39.40
C SER B 1169 -12.88 -13.70 39.59
N LEU B 1170 -12.78 -14.45 40.68
CA LEU B 1170 -11.62 -15.29 40.92
C LEU B 1170 -11.50 -16.37 39.86
N SER B 1171 -12.58 -17.14 39.66
CA SER B 1171 -12.53 -18.27 38.72
C SER B 1171 -12.18 -17.82 37.31
N LYS B 1172 -12.58 -16.60 36.93
CA LYS B 1172 -12.12 -16.03 35.67
C LYS B 1172 -10.60 -16.05 35.58
N LYS B 1173 -9.96 -15.46 36.57
CA LYS B 1173 -8.51 -15.30 36.54
C LYS B 1173 -7.79 -16.63 36.66
N PHE B 1174 -8.38 -17.59 37.38
CA PHE B 1174 -7.77 -18.90 37.49
C PHE B 1174 -7.68 -19.59 36.13
N ASN B 1175 -8.80 -19.64 35.39
CA ASN B 1175 -8.78 -20.20 34.05
C ASN B 1175 -7.87 -19.40 33.13
N GLU B 1176 -7.90 -18.06 33.24
CA GLU B 1176 -7.01 -17.23 32.45
C GLU B 1176 -5.55 -17.55 32.75
N LEU B 1177 -5.22 -17.75 34.03
CA LEU B 1177 -3.83 -18.00 34.41
C LEU B 1177 -3.41 -19.42 34.03
N ARG B 1178 -4.30 -20.39 34.19
CA ARG B 1178 -4.02 -21.74 33.71
C ARG B 1178 -3.68 -21.73 32.22
N SER B 1179 -4.44 -20.96 31.44
CA SER B 1179 -4.10 -20.75 30.03
C SER B 1179 -2.71 -20.15 29.88
N PHE B 1180 -2.47 -19.01 30.56
CA PHE B 1180 -1.15 -18.39 30.55
C PHE B 1180 -0.07 -19.37 31.01
N ASP B 1181 -0.40 -20.21 32.00
CA ASP B 1181 0.55 -21.24 32.46
C ASP B 1181 0.93 -22.19 31.34
N ASP B 1182 -0.06 -22.61 30.54
CA ASP B 1182 0.22 -23.54 29.45
C ASP B 1182 1.01 -22.87 28.33
N ARG B 1183 0.75 -21.58 28.08
CA ARG B 1183 1.50 -20.87 27.04
C ARG B 1183 2.90 -20.52 27.51
N LEU B 1184 3.06 -20.13 28.77
CA LEU B 1184 4.38 -19.78 29.28
C LEU B 1184 5.31 -20.99 29.28
N ARG B 1185 4.77 -22.19 29.54
CA ARG B 1185 5.59 -23.39 29.50
C ARG B 1185 6.03 -23.73 28.08
N HIS B 1186 5.19 -23.41 27.09
CA HIS B 1186 5.57 -23.55 25.69
C HIS B 1186 6.84 -22.77 25.39
N TYR B 1187 6.85 -21.49 25.74
CA TYR B 1187 7.98 -20.62 25.46
C TYR B 1187 9.13 -20.82 26.44
N ALA B 1188 8.86 -21.39 27.63
CA ALA B 1188 9.93 -21.67 28.58
C ALA B 1188 10.78 -22.86 28.13
N ASP B 1189 10.21 -23.79 27.38
CA ASP B 1189 10.97 -24.87 26.79
C ASP B 1189 11.60 -24.48 25.46
N MET B 1190 11.13 -23.41 24.83
CA MET B 1190 11.83 -22.86 23.68
C MET B 1190 13.04 -22.02 24.06
N ARG B 1191 13.24 -21.78 25.36
CA ARG B 1191 14.37 -21.02 25.92
C ARG B 1191 14.83 -19.96 24.94
N ILE B 1192 13.92 -19.04 24.60
CA ILE B 1192 14.17 -18.09 23.53
C ILE B 1192 15.28 -17.13 23.97
N SER B 1193 16.43 -17.20 23.31
CA SER B 1193 17.42 -16.17 23.50
C SER B 1193 17.07 -14.96 22.64
N ILE B 1194 17.68 -13.82 22.97
CA ILE B 1194 17.48 -12.59 22.25
C ILE B 1194 18.83 -11.98 21.92
N ASP B 1195 18.84 -11.13 20.90
CA ASP B 1195 20.00 -10.29 20.60
C ASP B 1195 19.53 -8.85 20.65
N LEU B 1196 19.94 -8.14 21.70
CA LEU B 1196 19.58 -6.73 21.84
C LEU B 1196 19.88 -5.94 20.58
N ASP B 1197 20.95 -6.33 19.86
CA ASP B 1197 21.29 -5.69 18.59
C ASP B 1197 20.11 -5.74 17.61
N ASP B 1198 19.26 -6.76 17.71
CA ASP B 1198 18.12 -6.87 16.81
C ASP B 1198 17.23 -5.65 16.88
N GLY B 1199 16.95 -5.17 18.09
CA GLY B 1199 16.02 -4.08 18.28
C GLY B 1199 14.80 -4.51 19.06
N VAL B 1200 14.20 -3.58 19.80
CA VAL B 1200 13.07 -3.91 20.65
C VAL B 1200 11.87 -4.33 19.81
N LYS B 1201 11.74 -3.77 18.60
CA LYS B 1201 10.67 -4.17 17.70
C LYS B 1201 10.82 -5.64 17.30
N VAL B 1202 12.03 -6.03 16.95
CA VAL B 1202 12.33 -7.40 16.54
C VAL B 1202 12.04 -8.36 17.69
N ASN B 1203 12.79 -8.20 18.80
CA ASN B 1203 12.76 -9.15 19.89
C ASN B 1203 11.35 -9.32 20.49
N TYR B 1204 10.51 -8.30 20.36
CA TYR B 1204 9.24 -8.31 21.08
C TYR B 1204 8.25 -9.30 20.46
N GLY B 1205 8.32 -9.51 19.15
CA GLY B 1205 7.44 -10.48 18.52
C GLY B 1205 7.80 -11.92 18.83
N LYS B 1206 9.09 -12.17 19.15
CA LYS B 1206 9.55 -13.54 19.40
C LYS B 1206 8.74 -14.24 20.47
N PHE B 1207 8.12 -13.48 21.37
CA PHE B 1207 7.39 -14.07 22.49
C PHE B 1207 5.89 -14.08 22.25
N GLY B 1208 5.46 -14.03 20.99
CA GLY B 1208 4.06 -14.16 20.65
C GLY B 1208 3.13 -13.24 21.42
N ASP B 1209 2.15 -13.82 22.11
CA ASP B 1209 1.11 -13.05 22.78
C ASP B 1209 1.17 -13.12 24.31
N LEU B 1210 2.18 -13.78 24.88
CA LEU B 1210 2.40 -13.66 26.33
C LEU B 1210 2.52 -12.20 26.71
N LEU B 1211 3.33 -11.45 25.96
CA LEU B 1211 3.44 -10.02 26.12
C LEU B 1211 2.11 -9.34 25.83
N ALA B 1212 2.02 -8.07 26.18
CA ALA B 1212 0.83 -7.27 25.97
C ALA B 1212 1.10 -6.21 24.92
N ASP B 1213 0.03 -5.82 24.20
CA ASP B 1213 0.07 -4.73 23.24
C ASP B 1213 1.02 -5.04 22.09
N VAL B 1214 1.13 -6.32 21.73
CA VAL B 1214 2.20 -6.77 20.84
C VAL B 1214 2.13 -6.08 19.49
N LYS B 1215 0.92 -5.72 19.03
CA LYS B 1215 0.83 -5.11 17.71
C LYS B 1215 1.18 -3.62 17.73
N ALA B 1216 0.96 -2.94 18.85
CA ALA B 1216 1.31 -1.53 18.92
C ALA B 1216 2.81 -1.31 18.80
N ILE B 1217 3.60 -2.20 19.39
CA ILE B 1217 5.05 -2.05 19.37
C ILE B 1217 5.62 -2.56 18.04
N THR B 1218 5.43 -3.85 17.76
CA THR B 1218 6.04 -4.46 16.58
C THR B 1218 5.42 -3.91 15.30
N GLY B 1219 4.09 -3.81 15.26
CA GLY B 1219 3.37 -3.40 14.07
C GLY B 1219 2.54 -4.50 13.45
N ASN B 1220 2.80 -5.75 13.81
CA ASN B 1220 2.00 -6.89 13.39
C ASN B 1220 1.44 -7.58 14.63
N ALA B 1221 0.35 -8.31 14.44
CA ALA B 1221 -0.30 -9.05 15.52
C ALA B 1221 0.62 -10.15 16.05
N PRO B 1222 0.29 -10.80 17.18
CA PRO B 1222 1.21 -11.78 17.77
C PRO B 1222 1.11 -13.18 17.16
N GLU B 1223 2.27 -13.70 16.73
CA GLU B 1223 2.38 -15.09 16.30
C GLU B 1223 1.93 -16.04 17.41
N ILE B 1224 0.74 -16.61 17.27
CA ILE B 1224 0.25 -17.59 18.24
C ILE B 1224 0.82 -18.96 17.86
N ILE B 1225 1.54 -19.59 18.79
CA ILE B 1225 2.12 -20.89 18.55
C ILE B 1225 1.29 -21.89 19.36
N SAM C . 20.32 -29.47 0.82
CA SAM C . 18.99 -28.85 0.62
C SAM C . 17.96 -29.65 1.40
O SAM C . 16.89 -29.92 0.83
OXT SAM C . 18.28 -29.99 2.52
CB SAM C . 18.60 -28.83 -0.87
CG SAM C . 17.63 -27.71 -1.23
SD SAM C . 16.21 -28.27 -2.21
CE SAM C . 16.93 -29.55 -3.21
C5' SAM C . 16.04 -26.90 -3.37
C4' SAM C . 17.10 -26.86 -4.45
O4' SAM C . 16.84 -27.86 -5.46
C3' SAM C . 17.18 -25.54 -5.24
O3' SAM C . 18.33 -24.79 -4.87
C2' SAM C . 17.25 -25.98 -6.71
O2' SAM C . 18.26 -25.33 -7.44
C1' SAM C . 17.59 -27.45 -6.57
N9 SAM C . 17.30 -28.28 -7.73
C8 SAM C . 17.92 -29.47 -8.00
N7 SAM C . 17.51 -30.04 -9.11
C5 SAM C . 16.58 -29.16 -9.61
C6 SAM C . 15.78 -29.20 -10.78
N6 SAM C . 15.82 -30.19 -11.65
N1 SAM C . 14.94 -28.16 -10.99
C2 SAM C . 14.91 -27.17 -10.09
N3 SAM C . 15.61 -27.04 -8.97
C4 SAM C . 16.43 -28.07 -8.78
HN1 SAM C . 20.97 -28.84 0.80
HN2 SAM C . 20.48 -30.09 0.17
HA SAM C . 19.02 -27.93 0.96
HB1 SAM C . 19.41 -28.73 -1.41
HB2 SAM C . 18.21 -29.69 -1.10
HG1 SAM C . 17.30 -27.29 -0.42
HG2 SAM C . 18.10 -27.03 -1.75
HE1 SAM C . 16.35 -29.71 -3.99
HE2 SAM C . 17.81 -29.28 -3.51
HE3 SAM C . 16.99 -30.37 -2.69
H5'1 SAM C . 16.08 -26.06 -2.87
H5'2 SAM C . 15.16 -26.96 -3.79
H4' SAM C . 17.99 -27.04 -4.05
H3' SAM C . 16.35 -25.00 -5.08
HO3' SAM C . 18.52 -24.97 -4.06
H2' SAM C . 16.37 -25.85 -7.14
HO2' SAM C . 18.53 -25.85 -8.06
H1' SAM C . 18.55 -27.53 -6.36
H8 SAM C . 18.58 -29.85 -7.44
HN61 SAM C . 15.11 -30.70 -11.77
HN62 SAM C . 16.55 -30.34 -12.11
H2 SAM C . 14.31 -26.48 -10.29
N SAM D . -9.82 30.84 -20.32
CA SAM D . -9.09 30.36 -19.12
C SAM D . -8.84 31.54 -18.18
O SAM D . -7.82 32.21 -18.38
OXT SAM D . -9.66 31.72 -17.29
CB SAM D . -7.74 29.80 -19.52
CG SAM D . -7.70 28.31 -19.69
SD SAM D . -6.13 27.84 -18.97
CE SAM D . -5.16 28.99 -19.92
C5' SAM D . -5.87 26.25 -19.79
C4' SAM D . -5.13 26.36 -21.11
O4' SAM D . -3.88 25.66 -21.08
C3' SAM D . -5.78 25.73 -22.32
O3' SAM D . -6.84 26.52 -22.82
C2' SAM D . -4.60 25.83 -23.29
O2' SAM D . -4.73 26.99 -24.08
C1' SAM D . -3.42 26.01 -22.35
N9 SAM D . -2.27 25.25 -22.80
C8 SAM D . -1.52 24.23 -22.27
N7 SAM D . -0.54 23.90 -23.06
C5 SAM D . -0.68 24.77 -24.13
C6 SAM D . 0.02 24.95 -25.30
N6 SAM D . 1.08 24.22 -25.62
N1 SAM D . -0.36 25.91 -26.18
C2 SAM D . -1.43 26.64 -25.88
N3 SAM D . -2.18 26.57 -24.79
C4 SAM D . -1.74 25.61 -23.97
HN1 SAM D . -10.65 31.11 -20.09
HN2 SAM D . -9.37 31.54 -20.71
HA SAM D . -9.62 29.68 -18.66
HB1 SAM D . -7.45 30.22 -20.37
HB2 SAM D . -7.09 30.04 -18.85
HG1 SAM D . -8.44 27.88 -19.22
HG2 SAM D . -7.72 28.06 -20.64
HE1 SAM D . -4.26 28.65 -20.03
HE2 SAM D . -5.58 29.10 -20.77
HE3 SAM D . -5.14 29.85 -19.47
H5'1 SAM D . -5.35 25.66 -19.19
H5'2 SAM D . -6.74 25.83 -19.94
H4' SAM D . -4.96 27.29 -21.33
H3' SAM D . -6.04 24.79 -22.15
HO3' SAM D . -6.85 27.22 -22.36
H2' SAM D . -4.51 25.01 -23.81
HO2' SAM D . -3.99 27.14 -24.47
H1' SAM D . -3.16 26.96 -22.34
H8 SAM D . -1.71 23.83 -21.43
HN61 SAM D . 1.88 24.57 -25.56
HN62 SAM D . 0.96 23.39 -25.90
H2 SAM D . -1.67 27.30 -26.51
#